data_8GO3
#
_entry.id   8GO3
#
_cell.length_a   1.00
_cell.length_b   1.00
_cell.length_c   1.00
_cell.angle_alpha   90.00
_cell.angle_beta   90.00
_cell.angle_gamma   90.00
#
_symmetry.space_group_name_H-M   'P 1'
#
loop_
_entity.id
_entity.type
_entity.pdbx_description
1 polymer 'Cytochrome bo(3) ubiquinol oxidase subunit 1'
2 polymer 'Cytochrome bo(3) ubiquinol oxidase subunit 2'
3 polymer 'ubiquinol oxidase'
4 polymer 'Cytochrome bo(3) ubiquinol oxidase subunit 4'
5 non-polymer 'PROTOPORPHYRIN IX CONTAINING FE'
6 non-polymer 'HEME O'
7 non-polymer 'COPPER (II) ION'
8 non-polymer Ubiquinone-8
9 non-polymer 1,2-Distearoyl-sn-glycerophosphoethanolamine
#
loop_
_entity_poly.entity_id
_entity_poly.type
_entity_poly.pdbx_seq_one_letter_code
_entity_poly.pdbx_strand_id
1 'polypeptide(L)'
;MFGKLSLDAVPFHEPIVMVTIAGIILGGLALVGLITYFGKWTYLWKEWLTSVDHKRLGIMYIIVAIVMLLRGFADAIMMR
SQQALASAGEAGFLPPHHYDQIFTAHGVIMIFFVAMPFVIGLMNLVVPLQIGARDVAFPFLNNLSFWFTVVGVILVNVSL
GVGEFAQTGWLAYPPLSGIEYSPGVGVDYWIWSLQLSGIGTTLTGINFFVTILKMRAPGMTMFKMPVFTWASLCANVLII
ASFPILTVTVALLTLDRYLGTHFFTNDMGGNMMMYINLIWAWGHPEVYILILPVFGVFSEIAATFSRKRLFGYTSLVWAT
VCITVLSFIVWLHHFFTMGAGANVNAFFGITTMIIAIPTGVKIFNWLFTMYQGRIVFHSAMLWTIGFIVTFSVGGMTGVL
LAVPGADFVLHNSLFLIAHFHNVIIGGVVFGCFAGMTYWWPKAFGFKLNETWGKRAFWFWIIGFFVAFMPLYALGFMGMT
RRLSQQIDPQFHTMLMIAASGAVLIALGILCLVIQMYVSIRDRDQNRDLTGDPWGGRTLEWATSSPPPFYNFAVVPHVHE
RDAFWEMKEKGEAYKKPDHYEEIHMPKNSGAGIVIAAFSTIFGFAMIWHIWWLAIVGFAGMIITWIVKSFDEDVDYYVPV
AEIEKLENQHFDEITKAGLKNGN
;
A
2 'polypeptide(L)'
;MRLRKYNKSLGWLSLFAGTVLLSGCNSALLDPKGQIGLEQRSLILTAFGLMLIVVIPAILMAVGFAWKYRASNKDAKYSP
NWSHSNKVEAVVWTVPILIIIFLAVLTWKTTHALEPSKPLAHDEKPITIEVVSMDWKWFFIYPEQGIATVNEIAFPANTP
VYFKVTSNSVMNSFFIPRLGSQIYAMAGMQTRLHLIANEPGTYDGISASYSGPGFSGMKFKAIATPDRAAFDQWVAKAKQ
SPNTMSDMAAFEKLAAPSEYNQVEYFSNVKPDLFADVINKFMAHGKSMDMTQPEGEHSAHEGMEGMDMSHAESAH
;
B
3 'polypeptide(L)'
;MATDTLTHATAHAHEHGHHDAGGTKIFGFWIYLMSDCILFSILFATYAVLVNGTAGGPTGKDIFELPFVLVETFLLLFSS
ITYGMAAIAMYKNNKSQVISWLALTWLFGAGFIGMEIYEFHHLIVNGMGPDRSGFLSAFFALVGTHGLHVTSGLIWMAVL
MVQIARRGLTSTNRTRIMCLSLFWHFLDVVWICVFTVVYLMGAM
;
C
4 'polypeptide(L)'
;MSHSTDHSGASHGSVKTYMTGFILSIILTVIPFWMVMTGAASPAVILGTILAMAVVQVLVHLVCFLHMNTKSDEGWNMTA
FVFTVLIIAILVVGSIWIMWNLNYNMMMH
;
D
#
loop_
_chem_comp.id
_chem_comp.type
_chem_comp.name
_chem_comp.formula
3PE non-polymer 1,2-Distearoyl-sn-glycerophosphoethanolamine 'C41 H82 N O8 P'
CU non-polymer 'COPPER (II) ION' 'Cu 2'
HEM non-polymer 'PROTOPORPHYRIN IX CONTAINING FE' 'C34 H32 Fe N4 O4'
HEO non-polymer 'HEME O' 'C49 H58 Fe N4 O5 2'
UQ8 non-polymer Ubiquinone-8 'C49 H74 O4'
#
# COMPACT_ATOMS: atom_id res chain seq x y z
N MET A 1 -8.36 22.96 -24.49
CA MET A 1 -8.20 21.85 -25.42
C MET A 1 -9.52 21.10 -25.59
N PHE A 2 -9.43 19.85 -26.03
CA PHE A 2 -10.60 19.03 -26.31
C PHE A 2 -11.00 18.25 -25.07
N GLY A 3 -11.92 17.30 -25.24
CA GLY A 3 -12.37 16.49 -24.13
C GLY A 3 -13.27 17.26 -23.18
N LYS A 4 -13.38 16.74 -21.97
CA LYS A 4 -14.18 17.36 -20.92
C LYS A 4 -13.53 18.62 -20.35
N LEU A 5 -12.35 18.99 -20.83
CA LEU A 5 -11.66 20.16 -20.30
C LEU A 5 -12.37 21.44 -20.73
N SER A 6 -12.66 22.30 -19.76
CA SER A 6 -13.36 23.55 -20.02
C SER A 6 -13.20 24.44 -18.79
N LEU A 7 -13.46 25.73 -18.98
CA LEU A 7 -13.36 26.68 -17.88
C LEU A 7 -14.41 26.43 -16.80
N ASP A 8 -15.40 25.58 -17.06
CA ASP A 8 -16.34 25.16 -16.03
C ASP A 8 -15.78 24.03 -15.17
N ALA A 9 -14.47 23.81 -15.21
CA ALA A 9 -13.80 22.82 -14.39
C ALA A 9 -12.80 23.42 -13.41
N VAL A 10 -12.39 24.67 -13.61
CA VAL A 10 -11.50 25.34 -12.67
C VAL A 10 -12.35 26.09 -11.65
N PRO A 11 -12.12 25.92 -10.36
CA PRO A 11 -12.92 26.62 -9.35
C PRO A 11 -12.66 28.12 -9.37
N PHE A 12 -13.64 28.90 -9.81
CA PHE A 12 -13.52 30.35 -9.91
C PHE A 12 -14.26 31.09 -8.81
N HIS A 13 -15.47 30.66 -8.47
CA HIS A 13 -16.24 31.35 -7.44
C HIS A 13 -15.91 30.87 -6.03
N GLU A 14 -15.27 29.72 -5.90
CA GLU A 14 -14.85 29.25 -4.58
C GLU A 14 -13.69 30.10 -4.09
N PRO A 15 -13.79 30.74 -2.91
CA PRO A 15 -12.72 31.65 -2.49
C PRO A 15 -11.47 30.94 -2.02
N ILE A 16 -11.61 29.81 -1.33
CA ILE A 16 -10.45 29.15 -0.73
C ILE A 16 -9.54 28.57 -1.80
N VAL A 17 -10.11 27.81 -2.74
CA VAL A 17 -9.30 27.16 -3.77
C VAL A 17 -8.86 28.12 -4.86
N MET A 18 -9.32 29.37 -4.84
CA MET A 18 -8.82 30.37 -5.77
C MET A 18 -7.56 31.05 -5.28
N VAL A 19 -7.40 31.22 -3.97
CA VAL A 19 -6.18 31.79 -3.44
C VAL A 19 -5.04 30.79 -3.50
N THR A 20 -5.34 29.50 -3.30
CA THR A 20 -4.29 28.48 -3.31
C THR A 20 -3.68 28.34 -4.69
N ILE A 21 -4.52 28.05 -5.70
CA ILE A 21 -4.02 27.89 -7.06
C ILE A 21 -3.49 29.17 -7.65
N ALA A 22 -3.72 30.30 -6.98
CA ALA A 22 -3.06 31.55 -7.32
C ALA A 22 -1.79 31.78 -6.51
N GLY A 23 -1.55 30.97 -5.48
CA GLY A 23 -0.33 31.05 -4.70
C GLY A 23 0.71 30.07 -5.20
N ILE A 24 0.27 28.86 -5.57
CA ILE A 24 1.19 27.87 -6.13
C ILE A 24 1.65 28.31 -7.52
N ILE A 25 0.75 28.92 -8.30
CA ILE A 25 1.14 29.48 -9.58
C ILE A 25 2.03 30.71 -9.40
N LEU A 26 2.00 31.31 -8.21
CA LEU A 26 2.88 32.42 -7.88
C LEU A 26 4.19 31.94 -7.26
N GLY A 27 4.13 30.90 -6.42
CA GLY A 27 5.35 30.35 -5.86
C GLY A 27 6.14 29.55 -6.87
N GLY A 28 5.47 28.70 -7.64
CA GLY A 28 6.12 27.92 -8.68
C GLY A 28 6.71 28.76 -9.81
N LEU A 29 6.32 30.03 -9.91
CA LEU A 29 6.93 30.95 -10.86
C LEU A 29 8.01 31.80 -10.24
N ALA A 30 7.87 32.18 -8.96
CA ALA A 30 8.99 32.79 -8.26
C ALA A 30 10.17 31.85 -8.17
N LEU A 31 9.92 30.53 -8.12
CA LEU A 31 11.00 29.56 -8.15
C LEU A 31 11.75 29.64 -9.49
N VAL A 32 11.00 29.68 -10.59
CA VAL A 32 11.63 29.80 -11.91
C VAL A 32 12.41 31.11 -12.00
N GLY A 33 11.85 32.18 -11.42
CA GLY A 33 12.57 33.45 -11.42
C GLY A 33 13.89 33.37 -10.67
N LEU A 34 13.85 32.82 -9.46
CA LEU A 34 15.08 32.69 -8.67
C LEU A 34 16.10 31.80 -9.38
N ILE A 35 15.64 30.76 -10.05
CA ILE A 35 16.57 29.86 -10.74
C ILE A 35 17.19 30.54 -11.95
N THR A 36 16.38 31.24 -12.74
CA THR A 36 16.90 31.87 -13.96
C THR A 36 17.77 33.08 -13.64
N TYR A 37 17.47 33.80 -12.56
CA TYR A 37 18.30 34.94 -12.17
C TYR A 37 19.73 34.49 -11.90
N PHE A 38 19.91 33.58 -10.94
CA PHE A 38 21.22 33.02 -10.65
C PHE A 38 21.78 32.20 -11.79
N GLY A 39 21.04 32.02 -12.89
CA GLY A 39 21.54 31.28 -14.03
C GLY A 39 21.69 29.79 -13.80
N LYS A 40 21.12 29.27 -12.72
CA LYS A 40 21.27 27.84 -12.39
C LYS A 40 20.25 26.97 -13.11
N TRP A 41 20.17 27.10 -14.43
CA TRP A 41 19.34 26.20 -15.23
C TRP A 41 20.14 25.11 -15.91
N THR A 42 21.34 25.43 -16.41
CA THR A 42 22.22 24.39 -16.93
C THR A 42 22.68 23.46 -15.82
N TYR A 43 23.08 24.03 -14.67
CA TYR A 43 23.49 23.21 -13.54
C TYR A 43 22.35 22.36 -13.02
N LEU A 44 21.12 22.83 -13.13
CA LEU A 44 19.95 22.05 -12.73
C LEU A 44 19.42 21.17 -13.85
N TRP A 45 20.23 20.89 -14.86
CA TRP A 45 19.84 19.92 -15.87
C TRP A 45 20.91 18.86 -16.09
N LYS A 46 22.19 19.23 -16.02
CA LYS A 46 23.28 18.28 -16.21
C LYS A 46 23.72 17.63 -14.90
N GLU A 47 23.24 18.10 -13.76
CA GLU A 47 23.72 17.61 -12.48
C GLU A 47 22.63 17.05 -11.59
N TRP A 48 21.43 17.62 -11.60
CA TRP A 48 20.38 17.22 -10.68
C TRP A 48 19.19 16.54 -11.34
N LEU A 49 18.59 17.16 -12.35
CA LEU A 49 17.39 16.56 -12.95
C LEU A 49 17.76 15.30 -13.74
N THR A 50 18.58 15.46 -14.78
CA THR A 50 19.09 14.31 -15.52
C THR A 50 20.29 13.76 -14.75
N SER A 51 19.99 12.95 -13.73
CA SER A 51 21.01 12.45 -12.83
C SER A 51 20.77 11.00 -12.53
N VAL A 52 21.75 10.15 -12.86
CA VAL A 52 21.74 8.79 -12.37
C VAL A 52 22.76 8.71 -11.25
N ASP A 53 22.34 9.07 -10.04
CA ASP A 53 23.23 9.15 -8.90
C ASP A 53 22.35 9.05 -7.65
N HIS A 54 22.49 7.96 -6.90
CA HIS A 54 21.61 7.72 -5.77
C HIS A 54 21.68 8.84 -4.73
N LYS A 55 22.84 9.50 -4.62
CA LYS A 55 22.97 10.59 -3.66
C LYS A 55 22.13 11.79 -4.06
N ARG A 56 22.20 12.17 -5.33
CA ARG A 56 21.45 13.32 -5.82
C ARG A 56 19.99 12.99 -6.11
N LEU A 57 19.63 11.70 -6.13
CA LEU A 57 18.24 11.30 -6.23
C LEU A 57 17.59 11.06 -4.87
N GLY A 58 18.38 10.71 -3.86
CA GLY A 58 17.89 10.64 -2.50
C GLY A 58 17.78 11.96 -1.81
N ILE A 59 18.13 13.04 -2.49
CA ILE A 59 17.98 14.39 -1.96
C ILE A 59 16.82 15.05 -2.70
N MET A 60 16.64 14.69 -3.97
CA MET A 60 15.46 15.16 -4.70
C MET A 60 14.21 14.40 -4.33
N TYR A 61 14.35 13.17 -3.82
CA TYR A 61 13.19 12.46 -3.28
C TYR A 61 12.69 13.13 -2.01
N ILE A 62 13.61 13.59 -1.17
CA ILE A 62 13.23 14.19 0.11
C ILE A 62 12.69 15.60 -0.10
N ILE A 63 13.29 16.37 -1.01
CA ILE A 63 12.81 17.73 -1.28
C ILE A 63 11.36 17.69 -1.71
N VAL A 64 10.96 16.66 -2.47
CA VAL A 64 9.56 16.49 -2.83
C VAL A 64 8.72 16.26 -1.58
N ALA A 65 9.16 15.35 -0.71
CA ALA A 65 8.41 15.04 0.50
C ALA A 65 8.32 16.23 1.42
N ILE A 66 9.42 16.97 1.58
CA ILE A 66 9.39 18.16 2.44
C ILE A 66 8.47 19.22 1.85
N VAL A 67 8.58 19.48 0.54
CA VAL A 67 7.79 20.52 -0.09
C VAL A 67 6.33 20.14 -0.24
N MET A 68 5.98 18.87 -0.01
CA MET A 68 4.58 18.47 0.03
C MET A 68 4.13 18.03 1.42
N LEU A 69 5.05 17.98 2.39
CA LEU A 69 4.61 17.91 3.78
C LEU A 69 3.82 19.15 4.15
N LEU A 70 4.14 20.29 3.52
CA LEU A 70 3.37 21.51 3.72
C LEU A 70 2.04 21.45 2.99
N ARG A 71 2.00 20.84 1.81
CA ARG A 71 0.75 20.71 1.07
C ARG A 71 -0.20 19.75 1.78
N GLY A 72 0.33 18.70 2.40
CA GLY A 72 -0.52 17.77 3.11
C GLY A 72 -0.92 18.24 4.49
N PHE A 73 -0.09 19.07 5.13
CA PHE A 73 -0.44 19.56 6.46
C PHE A 73 -1.48 20.65 6.42
N ALA A 74 -1.49 21.49 5.38
CA ALA A 74 -2.53 22.49 5.26
C ALA A 74 -3.89 21.84 5.02
N ASP A 75 -3.93 20.63 4.50
CA ASP A 75 -5.18 19.87 4.49
C ASP A 75 -5.58 19.48 5.89
N ALA A 76 -4.62 19.18 6.76
CA ALA A 76 -4.92 18.81 8.14
C ALA A 76 -5.41 20.01 8.93
N ILE A 77 -4.64 21.09 8.95
CA ILE A 77 -4.97 22.24 9.77
C ILE A 77 -6.27 22.91 9.35
N MET A 78 -6.79 22.58 8.17
CA MET A 78 -8.09 23.10 7.77
C MET A 78 -9.22 22.18 8.18
N MET A 79 -9.04 20.87 8.07
CA MET A 79 -10.05 19.93 8.55
C MET A 79 -9.94 19.69 10.05
N ARG A 80 -8.93 20.24 10.71
CA ARG A 80 -8.94 20.31 12.16
C ARG A 80 -9.70 21.54 12.65
N SER A 81 -9.80 22.57 11.82
CA SER A 81 -10.55 23.77 12.18
C SER A 81 -12.03 23.60 11.88
N GLN A 82 -12.36 22.94 10.78
CA GLN A 82 -13.76 22.72 10.44
C GLN A 82 -14.46 21.87 11.48
N GLN A 83 -13.79 20.82 11.97
CA GLN A 83 -14.37 20.02 13.03
C GLN A 83 -14.45 20.78 14.34
N ALA A 84 -13.67 21.85 14.50
CA ALA A 84 -13.77 22.70 15.68
C ALA A 84 -14.84 23.76 15.54
N LEU A 85 -15.22 24.10 14.31
CA LEU A 85 -16.33 25.01 14.06
C LEU A 85 -17.66 24.28 13.90
N ALA A 86 -17.65 23.15 13.18
CA ALA A 86 -18.88 22.38 13.00
C ALA A 86 -19.33 21.65 14.26
N SER A 87 -18.51 21.65 15.31
CA SER A 87 -18.92 21.04 16.57
C SER A 87 -19.65 22.01 17.48
N ALA A 88 -19.54 23.32 17.24
CA ALA A 88 -20.19 24.33 18.06
C ALA A 88 -20.95 25.29 17.13
N GLY A 89 -22.18 24.92 16.79
CA GLY A 89 -23.09 25.83 16.14
C GLY A 89 -22.80 26.14 14.69
N GLU A 90 -21.70 26.86 14.44
CA GLU A 90 -21.41 27.38 13.11
C GLU A 90 -21.28 26.26 12.09
N ALA A 91 -21.67 26.57 10.85
CA ALA A 91 -21.57 25.59 9.78
C ALA A 91 -20.12 25.37 9.36
N GLY A 92 -19.33 26.44 9.34
CA GLY A 92 -17.91 26.35 9.06
C GLY A 92 -17.54 27.08 7.78
N PHE A 93 -16.54 26.54 7.08
CA PHE A 93 -16.09 27.11 5.83
C PHE A 93 -15.78 26.07 4.77
N LEU A 94 -16.03 24.80 5.04
CA LEU A 94 -15.75 23.71 4.10
C LEU A 94 -17.02 22.91 3.89
N PRO A 95 -17.79 23.21 2.84
CA PRO A 95 -18.98 22.40 2.54
C PRO A 95 -18.59 20.96 2.30
N PRO A 96 -19.52 20.02 2.52
CA PRO A 96 -19.17 18.59 2.38
C PRO A 96 -18.70 18.21 0.99
N HIS A 97 -18.73 19.14 0.04
CA HIS A 97 -18.15 18.89 -1.27
C HIS A 97 -16.68 19.25 -1.34
N HIS A 98 -16.24 20.23 -0.54
CA HIS A 98 -14.85 20.63 -0.51
C HIS A 98 -14.07 20.00 0.63
N TYR A 99 -14.76 19.51 1.66
CA TYR A 99 -14.08 18.82 2.74
C TYR A 99 -13.74 17.39 2.34
N ASP A 100 -14.62 16.74 1.59
CA ASP A 100 -14.38 15.37 1.18
C ASP A 100 -13.23 15.26 0.18
N GLN A 101 -12.86 16.35 -0.47
CA GLN A 101 -11.63 16.38 -1.25
C GLN A 101 -10.41 16.67 -0.38
N ILE A 102 -10.60 16.99 0.89
CA ILE A 102 -9.49 17.34 1.77
C ILE A 102 -8.95 16.11 2.48
N PHE A 103 -9.80 15.35 3.17
CA PHE A 103 -9.28 14.15 3.82
C PHE A 103 -8.90 13.08 2.81
N THR A 104 -9.34 13.20 1.56
CA THR A 104 -8.90 12.29 0.52
C THR A 104 -7.52 12.68 0.00
N ALA A 105 -7.37 13.92 -0.45
CA ALA A 105 -6.08 14.42 -0.90
C ALA A 105 -5.08 14.59 0.23
N HIS A 106 -5.41 14.26 1.47
CA HIS A 106 -4.48 14.32 2.60
C HIS A 106 -3.97 12.97 2.93
N GLY A 107 -4.74 11.91 2.69
CA GLY A 107 -4.25 10.57 2.88
C GLY A 107 -3.49 10.08 1.67
N VAL A 108 -3.96 10.46 0.48
CA VAL A 108 -3.27 10.08 -0.75
C VAL A 108 -1.90 10.75 -0.82
N ILE A 109 -1.82 12.01 -0.39
CA ILE A 109 -0.56 12.72 -0.48
C ILE A 109 0.41 12.27 0.61
N MET A 110 -0.02 12.32 1.86
CA MET A 110 0.90 12.06 2.97
C MET A 110 1.24 10.60 3.13
N ILE A 111 0.71 9.71 2.28
CA ILE A 111 1.12 8.32 2.22
C ILE A 111 2.00 8.07 1.01
N PHE A 112 1.54 8.44 -0.18
CA PHE A 112 2.27 8.17 -1.41
C PHE A 112 3.28 9.24 -1.76
N PHE A 113 3.20 10.43 -1.17
CA PHE A 113 4.04 11.54 -1.60
C PHE A 113 4.72 12.30 -0.47
N VAL A 114 4.47 11.97 0.80
CA VAL A 114 5.18 12.61 1.90
C VAL A 114 5.84 11.56 2.78
N ALA A 115 5.26 10.36 2.80
CA ALA A 115 5.82 9.24 3.56
C ALA A 115 6.53 8.24 2.69
N MET A 116 6.00 7.95 1.49
CA MET A 116 6.66 7.00 0.61
C MET A 116 7.95 7.55 0.03
N PRO A 117 7.98 8.74 -0.63
CA PRO A 117 9.27 9.25 -1.11
C PRO A 117 10.01 10.03 -0.05
N PHE A 118 10.01 9.51 1.17
CA PHE A 118 10.83 10.03 2.25
C PHE A 118 11.52 8.82 2.86
N VAL A 119 10.82 7.68 2.81
CA VAL A 119 11.44 6.41 3.13
C VAL A 119 12.31 5.94 1.97
N ILE A 120 11.83 6.11 0.74
CA ILE A 120 12.64 5.78 -0.43
C ILE A 120 13.75 6.80 -0.61
N GLY A 121 13.54 8.03 -0.18
CA GLY A 121 14.59 9.03 -0.26
C GLY A 121 15.78 8.75 0.63
N LEU A 122 15.57 7.99 1.71
CA LEU A 122 16.67 7.58 2.58
C LEU A 122 17.25 6.24 2.17
N MET A 123 16.41 5.31 1.70
CA MET A 123 16.93 4.07 1.13
C MET A 123 17.71 4.31 -0.15
N ASN A 124 17.62 5.50 -0.73
CA ASN A 124 18.36 5.82 -1.94
C ASN A 124 19.69 6.49 -1.62
N LEU A 125 19.70 7.37 -0.63
CA LEU A 125 20.91 8.12 -0.29
C LEU A 125 21.93 7.27 0.46
N VAL A 126 21.48 6.35 1.31
CA VAL A 126 22.36 5.71 2.28
C VAL A 126 22.64 4.25 1.97
N VAL A 127 21.70 3.54 1.33
CA VAL A 127 21.86 2.10 1.13
C VAL A 127 23.01 1.80 0.16
N PRO A 128 23.16 2.50 -0.97
CA PRO A 128 24.35 2.26 -1.81
C PRO A 128 25.65 2.63 -1.11
N LEU A 129 25.61 3.43 -0.05
CA LEU A 129 26.82 3.80 0.66
C LEU A 129 27.20 2.80 1.74
N GLN A 130 26.21 2.18 2.40
CA GLN A 130 26.52 1.26 3.48
C GLN A 130 27.09 -0.05 2.94
N ILE A 131 26.49 -0.62 1.90
CA ILE A 131 26.95 -1.89 1.37
C ILE A 131 28.29 -1.75 0.64
N GLY A 132 28.73 -0.54 0.37
CA GLY A 132 29.98 -0.32 -0.32
C GLY A 132 29.91 -0.27 -1.82
N ALA A 133 28.74 0.05 -2.38
CA ALA A 133 28.59 0.12 -3.82
C ALA A 133 28.79 1.54 -4.33
N ARG A 134 29.11 1.65 -5.61
CA ARG A 134 29.32 2.95 -6.23
C ARG A 134 28.04 3.55 -6.81
N ASP A 135 26.97 2.77 -6.91
CA ASP A 135 25.67 3.23 -7.37
C ASP A 135 24.70 2.06 -7.25
N VAL A 136 23.42 2.35 -7.47
CA VAL A 136 22.44 1.27 -7.49
C VAL A 136 22.69 0.37 -8.69
N ALA A 137 22.06 -0.81 -8.67
CA ALA A 137 22.30 -1.79 -9.73
C ALA A 137 21.81 -1.29 -11.08
N PHE A 138 20.74 -0.51 -11.10
CA PHE A 138 20.16 0.01 -12.33
C PHE A 138 20.07 1.53 -12.21
N PRO A 139 21.09 2.26 -12.68
CA PRO A 139 21.07 3.73 -12.51
C PRO A 139 19.93 4.41 -13.24
N PHE A 140 19.72 4.12 -14.53
CA PHE A 140 18.68 4.80 -15.28
C PHE A 140 17.29 4.48 -14.74
N LEU A 141 17.09 3.27 -14.23
CA LEU A 141 15.81 2.92 -13.63
C LEU A 141 15.54 3.68 -12.35
N ASN A 142 16.55 4.34 -11.77
CA ASN A 142 16.38 5.10 -10.55
C ASN A 142 15.93 6.53 -10.83
N ASN A 143 16.51 7.17 -11.85
CA ASN A 143 16.03 8.47 -12.28
C ASN A 143 14.60 8.38 -12.80
N LEU A 144 14.31 7.32 -13.57
CA LEU A 144 12.97 7.13 -14.09
C LEU A 144 11.97 6.88 -12.97
N SER A 145 12.37 6.15 -11.93
CA SER A 145 11.49 5.92 -10.80
C SER A 145 11.15 7.24 -10.11
N PHE A 146 12.15 8.08 -9.87
CA PHE A 146 11.90 9.37 -9.25
C PHE A 146 10.96 10.21 -10.10
N TRP A 147 11.23 10.30 -11.40
CA TRP A 147 10.38 11.12 -12.25
C TRP A 147 9.00 10.50 -12.48
N PHE A 148 8.82 9.22 -12.17
CA PHE A 148 7.50 8.64 -12.12
C PHE A 148 6.81 8.89 -10.78
N THR A 149 7.57 9.21 -9.74
CA THR A 149 6.96 9.69 -8.51
C THR A 149 6.47 11.12 -8.67
N VAL A 150 7.25 11.97 -9.34
CA VAL A 150 6.83 13.33 -9.61
C VAL A 150 5.64 13.36 -10.56
N VAL A 151 5.59 12.42 -11.52
CA VAL A 151 4.50 12.41 -12.47
C VAL A 151 3.17 12.10 -11.78
N GLY A 152 3.20 11.59 -10.57
CA GLY A 152 2.03 11.46 -9.74
C GLY A 152 1.80 12.64 -8.82
N VAL A 153 2.72 13.59 -8.81
CA VAL A 153 2.57 14.83 -8.06
C VAL A 153 2.00 15.94 -8.92
N ILE A 154 2.37 15.98 -10.20
CA ILE A 154 1.88 16.99 -11.13
C ILE A 154 0.43 16.67 -11.48
N LEU A 155 -0.07 15.54 -10.97
CA LEU A 155 -1.46 15.18 -11.14
C LEU A 155 -2.29 15.36 -9.87
N VAL A 156 -1.66 15.39 -8.70
CA VAL A 156 -2.39 15.69 -7.47
C VAL A 156 -2.31 17.17 -7.13
N ASN A 157 -1.15 17.79 -7.34
CA ASN A 157 -1.02 19.23 -7.15
C ASN A 157 -1.76 20.03 -8.23
N VAL A 158 -2.19 19.38 -9.31
CA VAL A 158 -3.02 20.04 -10.31
C VAL A 158 -4.49 19.71 -10.15
N SER A 159 -4.83 18.71 -9.33
CA SER A 159 -6.23 18.31 -9.18
C SER A 159 -7.06 19.38 -8.51
N LEU A 160 -6.48 20.12 -7.56
CA LEU A 160 -7.20 21.23 -6.95
C LEU A 160 -7.25 22.46 -7.85
N GLY A 161 -6.48 22.48 -8.93
CA GLY A 161 -6.45 23.62 -9.81
C GLY A 161 -7.47 23.52 -10.93
N VAL A 162 -7.47 22.41 -11.64
CA VAL A 162 -8.38 22.17 -12.76
C VAL A 162 -9.16 20.90 -12.45
N GLY A 163 -10.42 21.06 -12.06
CA GLY A 163 -11.23 19.93 -11.68
C GLY A 163 -11.34 19.77 -10.17
N GLU A 164 -11.56 18.55 -9.71
CA GLU A 164 -11.59 18.25 -8.29
C GLU A 164 -10.90 16.91 -8.06
N PHE A 165 -10.58 16.64 -6.79
CA PHE A 165 -9.99 15.37 -6.43
C PHE A 165 -11.10 14.42 -5.98
N ALA A 166 -10.71 13.19 -5.63
CA ALA A 166 -11.67 12.21 -5.16
C ALA A 166 -12.36 12.69 -3.90
N GLN A 167 -13.58 12.20 -3.69
CA GLN A 167 -14.38 12.48 -2.49
C GLN A 167 -14.80 11.17 -1.85
N THR A 168 -13.83 10.27 -1.68
CA THR A 168 -14.11 8.88 -1.37
C THR A 168 -13.24 8.29 -0.28
N GLY A 169 -12.28 9.02 0.28
CA GLY A 169 -11.27 8.43 1.12
C GLY A 169 -10.03 8.05 0.31
N TRP A 170 -8.90 7.97 1.01
CA TRP A 170 -7.63 7.79 0.33
C TRP A 170 -7.49 6.42 -0.33
N LEU A 171 -8.46 5.53 -0.13
CA LEU A 171 -8.48 4.19 -0.71
C LEU A 171 -9.80 3.96 -1.42
N ALA A 172 -10.13 4.86 -2.35
CA ALA A 172 -11.46 5.02 -2.92
C ALA A 172 -12.15 3.69 -3.16
N TYR A 173 -13.33 3.52 -2.53
CA TYR A 173 -14.05 2.26 -2.44
C TYR A 173 -14.97 2.07 -3.64
N PRO A 174 -15.24 0.83 -4.01
CA PRO A 174 -15.86 0.53 -5.31
C PRO A 174 -17.20 1.22 -5.52
N PRO A 175 -18.21 1.02 -4.64
CA PRO A 175 -19.53 1.53 -5.01
C PRO A 175 -19.60 3.03 -5.01
N LEU A 176 -18.75 3.70 -4.23
CA LEU A 176 -18.69 5.14 -4.18
C LEU A 176 -17.77 5.74 -5.23
N SER A 177 -16.82 4.96 -5.74
CA SER A 177 -15.89 5.42 -6.75
C SER A 177 -16.31 5.03 -8.17
N GLY A 178 -17.33 4.18 -8.30
CA GLY A 178 -17.85 3.85 -9.61
C GLY A 178 -18.33 5.08 -10.36
N ILE A 179 -18.53 4.90 -11.66
CA ILE A 179 -18.92 6.02 -12.52
C ILE A 179 -20.37 6.44 -12.30
N GLU A 180 -21.10 5.77 -11.40
CA GLU A 180 -22.49 6.10 -11.13
C GLU A 180 -22.70 6.90 -9.86
N TYR A 181 -21.72 6.91 -8.95
CA TYR A 181 -21.81 7.69 -7.73
C TYR A 181 -20.70 8.72 -7.58
N SER A 182 -19.71 8.72 -8.46
CA SER A 182 -18.69 9.77 -8.52
C SER A 182 -18.35 9.99 -9.98
N PRO A 183 -19.26 10.61 -10.75
CA PRO A 183 -19.05 10.69 -12.20
C PRO A 183 -18.08 11.77 -12.64
N GLY A 184 -17.86 12.80 -11.83
CA GLY A 184 -16.87 13.79 -12.17
C GLY A 184 -15.48 13.21 -12.14
N VAL A 185 -14.52 13.98 -12.66
CA VAL A 185 -13.13 13.52 -12.74
C VAL A 185 -12.48 13.91 -11.42
N GLY A 186 -12.74 13.10 -10.40
CA GLY A 186 -12.06 13.25 -9.13
C GLY A 186 -11.39 11.96 -8.73
N VAL A 187 -11.94 10.84 -9.21
CA VAL A 187 -11.31 9.55 -9.00
C VAL A 187 -10.34 9.23 -10.13
N ASP A 188 -10.51 9.85 -11.30
CA ASP A 188 -9.52 9.71 -12.36
C ASP A 188 -8.21 10.38 -11.97
N TYR A 189 -8.27 11.48 -11.21
CA TYR A 189 -7.06 12.05 -10.65
C TYR A 189 -6.48 11.18 -9.55
N TRP A 190 -7.33 10.44 -8.83
CA TRP A 190 -6.86 9.49 -7.84
C TRP A 190 -6.30 8.23 -8.50
N ILE A 191 -6.84 7.86 -9.67
CA ILE A 191 -6.41 6.63 -10.32
C ILE A 191 -5.07 6.82 -11.02
N TRP A 192 -4.97 7.81 -11.91
CA TRP A 192 -3.79 7.97 -12.73
C TRP A 192 -2.63 8.62 -12.00
N SER A 193 -2.83 9.07 -10.76
CA SER A 193 -1.72 9.54 -9.95
C SER A 193 -1.12 8.44 -9.10
N LEU A 194 -1.93 7.47 -8.66
CA LEU A 194 -1.40 6.30 -7.98
C LEU A 194 -0.93 5.23 -8.95
N GLN A 195 -1.44 5.25 -10.19
CA GLN A 195 -1.03 4.26 -11.18
C GLN A 195 0.30 4.65 -11.82
N LEU A 196 0.43 5.91 -12.24
CA LEU A 196 1.68 6.39 -12.80
C LEU A 196 2.75 6.59 -11.75
N SER A 197 2.42 6.45 -10.46
CA SER A 197 3.40 6.47 -9.39
C SER A 197 3.60 5.10 -8.75
N GLY A 198 2.77 4.13 -9.10
CA GLY A 198 2.97 2.77 -8.64
C GLY A 198 3.87 2.02 -9.58
N ILE A 199 3.72 2.29 -10.88
CA ILE A 199 4.65 1.78 -11.88
C ILE A 199 6.05 2.29 -11.60
N GLY A 200 6.16 3.51 -11.08
CA GLY A 200 7.47 4.07 -10.80
C GLY A 200 8.08 3.59 -9.49
N THR A 201 7.25 3.30 -8.50
CA THR A 201 7.76 2.82 -7.22
C THR A 201 7.93 1.31 -7.19
N THR A 202 7.35 0.58 -8.14
CA THR A 202 7.68 -0.84 -8.26
C THR A 202 9.06 -1.03 -8.85
N LEU A 203 9.43 -0.17 -9.80
CA LEU A 203 10.75 -0.24 -10.41
C LEU A 203 11.86 0.19 -9.46
N THR A 204 11.53 0.97 -8.42
CA THR A 204 12.50 1.35 -7.41
C THR A 204 12.54 0.34 -6.26
N GLY A 205 11.65 -0.65 -6.26
CA GLY A 205 11.72 -1.72 -5.29
C GLY A 205 12.51 -2.88 -5.85
N ILE A 206 12.63 -2.92 -7.19
CA ILE A 206 13.51 -3.88 -7.84
C ILE A 206 14.95 -3.40 -7.85
N ASN A 207 15.17 -2.08 -7.77
CA ASN A 207 16.53 -1.56 -7.72
C ASN A 207 17.21 -1.94 -6.42
N PHE A 208 16.62 -1.55 -5.29
CA PHE A 208 17.27 -1.75 -4.00
C PHE A 208 17.28 -3.21 -3.57
N PHE A 209 16.49 -4.07 -4.20
CA PHE A 209 16.61 -5.50 -3.96
C PHE A 209 17.85 -6.07 -4.65
N VAL A 210 17.97 -5.82 -5.95
CA VAL A 210 19.13 -6.28 -6.69
C VAL A 210 20.40 -5.57 -6.23
N THR A 211 20.27 -4.31 -5.81
CA THR A 211 21.43 -3.58 -5.31
C THR A 211 21.96 -4.22 -4.02
N ILE A 212 21.07 -4.44 -3.06
CA ILE A 212 21.50 -5.02 -1.79
C ILE A 212 21.96 -6.46 -1.98
N LEU A 213 21.44 -7.15 -3.00
CA LEU A 213 21.81 -8.55 -3.16
C LEU A 213 23.14 -8.70 -3.90
N LYS A 214 23.30 -8.04 -5.05
CA LYS A 214 24.43 -8.29 -5.93
C LYS A 214 25.23 -7.02 -6.20
N MET A 215 25.37 -6.15 -5.20
CA MET A 215 26.25 -5.00 -5.30
C MET A 215 27.02 -4.75 -4.01
N ARG A 216 26.97 -5.66 -3.04
CA ARG A 216 27.63 -5.46 -1.77
C ARG A 216 29.15 -5.51 -1.93
N ALA A 217 29.84 -4.96 -0.92
CA ALA A 217 31.29 -4.93 -0.93
C ALA A 217 31.85 -6.34 -0.90
N PRO A 218 33.12 -6.52 -1.28
CA PRO A 218 33.71 -7.87 -1.24
C PRO A 218 33.97 -8.35 0.17
N GLY A 219 32.94 -8.88 0.83
CA GLY A 219 33.10 -9.42 2.16
C GLY A 219 31.92 -9.21 3.07
N MET A 220 30.94 -8.43 2.64
CA MET A 220 29.74 -8.16 3.43
C MET A 220 28.73 -9.28 3.19
N THR A 221 28.73 -10.28 4.05
CA THR A 221 27.75 -11.34 3.98
C THR A 221 26.38 -10.81 4.40
N MET A 222 25.35 -11.62 4.16
CA MET A 222 23.99 -11.21 4.50
C MET A 222 23.78 -11.01 5.99
N PHE A 223 24.72 -11.44 6.83
CA PHE A 223 24.63 -11.23 8.27
C PHE A 223 25.73 -10.31 8.78
N LYS A 224 26.31 -9.50 7.90
CA LYS A 224 27.20 -8.42 8.28
C LYS A 224 26.73 -7.08 7.74
N MET A 225 25.61 -7.04 7.04
CA MET A 225 25.06 -5.80 6.53
C MET A 225 24.61 -4.92 7.70
N PRO A 226 24.54 -3.61 7.49
CA PRO A 226 23.92 -2.74 8.50
C PRO A 226 22.44 -3.03 8.62
N VAL A 227 21.87 -2.66 9.77
CA VAL A 227 20.47 -2.96 10.03
C VAL A 227 19.56 -2.11 9.15
N PHE A 228 20.03 -0.92 8.76
CA PHE A 228 19.24 -0.11 7.83
C PHE A 228 19.19 -0.76 6.45
N THR A 229 20.30 -1.35 6.01
CA THR A 229 20.29 -2.06 4.75
C THR A 229 19.43 -3.32 4.83
N TRP A 230 19.47 -4.01 5.97
CA TRP A 230 18.63 -5.19 6.13
C TRP A 230 17.15 -4.83 6.11
N ALA A 231 16.79 -3.74 6.79
CA ALA A 231 15.39 -3.31 6.78
C ALA A 231 14.99 -2.76 5.42
N SER A 232 15.89 -2.05 4.75
CA SER A 232 15.62 -1.59 3.40
C SER A 232 15.69 -2.72 2.37
N LEU A 233 16.16 -3.90 2.76
CA LEU A 233 16.05 -5.08 1.92
C LEU A 233 14.71 -5.78 2.12
N CYS A 234 14.25 -5.84 3.37
CA CYS A 234 12.97 -6.45 3.68
C CYS A 234 11.79 -5.54 3.34
N ALA A 235 12.03 -4.25 3.18
CA ALA A 235 10.98 -3.33 2.77
C ALA A 235 10.84 -3.23 1.26
N ASN A 236 11.78 -3.78 0.50
CA ASN A 236 11.65 -3.87 -0.95
C ASN A 236 11.06 -5.19 -1.40
N VAL A 237 11.21 -6.25 -0.61
CA VAL A 237 10.44 -7.47 -0.87
C VAL A 237 8.95 -7.21 -0.68
N LEU A 238 8.60 -6.20 0.10
CA LEU A 238 7.22 -5.78 0.24
C LEU A 238 6.77 -4.82 -0.84
N ILE A 239 7.70 -4.23 -1.59
CA ILE A 239 7.34 -3.38 -2.72
C ILE A 239 7.16 -4.21 -3.98
N ILE A 240 8.05 -5.17 -4.21
CA ILE A 240 7.94 -6.04 -5.38
C ILE A 240 6.70 -6.91 -5.27
N ALA A 241 6.31 -7.29 -4.06
CA ALA A 241 5.26 -8.27 -3.89
C ALA A 241 3.88 -7.67 -3.69
N SER A 242 3.79 -6.47 -3.12
CA SER A 242 2.49 -5.87 -2.80
C SER A 242 2.03 -4.86 -3.84
N PHE A 243 2.92 -4.03 -4.36
CA PHE A 243 2.50 -3.01 -5.32
C PHE A 243 1.92 -3.57 -6.61
N PRO A 244 2.26 -4.79 -7.07
CA PRO A 244 1.46 -5.40 -8.13
C PRO A 244 -0.01 -5.56 -7.78
N ILE A 245 -0.34 -5.70 -6.49
CA ILE A 245 -1.74 -5.74 -6.08
C ILE A 245 -2.39 -4.38 -6.23
N LEU A 246 -1.60 -3.32 -6.31
CA LEU A 246 -2.15 -1.97 -6.49
C LEU A 246 -2.31 -1.63 -7.97
N THR A 247 -1.37 -2.04 -8.80
CA THR A 247 -1.48 -1.75 -10.23
C THR A 247 -2.59 -2.55 -10.90
N VAL A 248 -3.21 -3.49 -10.19
CA VAL A 248 -4.37 -4.22 -10.68
C VAL A 248 -5.65 -3.72 -10.02
N THR A 249 -5.63 -3.55 -8.70
CA THR A 249 -6.80 -3.04 -8.00
C THR A 249 -7.17 -1.65 -8.48
N VAL A 250 -6.19 -0.89 -8.98
CA VAL A 250 -6.49 0.38 -9.62
C VAL A 250 -6.92 0.15 -11.06
N ALA A 251 -6.17 -0.68 -11.79
CA ALA A 251 -6.50 -0.93 -13.19
C ALA A 251 -7.88 -1.56 -13.36
N LEU A 252 -8.30 -2.38 -12.39
CA LEU A 252 -9.66 -2.90 -12.42
C LEU A 252 -10.69 -1.81 -12.17
N LEU A 253 -10.29 -0.71 -11.52
CA LEU A 253 -11.22 0.39 -11.30
C LEU A 253 -11.33 1.29 -12.52
N THR A 254 -10.25 1.45 -13.30
CA THR A 254 -10.33 2.25 -14.51
C THR A 254 -11.29 1.64 -15.51
N LEU A 255 -11.13 0.33 -15.77
CA LEU A 255 -12.07 -0.36 -16.65
C LEU A 255 -13.49 -0.26 -16.14
N ASP A 256 -13.67 -0.26 -14.82
CA ASP A 256 -14.97 -0.06 -14.22
C ASP A 256 -15.45 1.38 -14.37
N ARG A 257 -14.56 2.31 -14.69
CA ARG A 257 -14.91 3.71 -14.86
C ARG A 257 -14.81 4.20 -16.29
N TYR A 258 -14.13 3.46 -17.17
CA TYR A 258 -13.97 3.85 -18.57
C TYR A 258 -14.75 2.96 -19.52
N LEU A 259 -14.55 1.65 -19.47
CA LEU A 259 -15.22 0.73 -20.36
C LEU A 259 -16.56 0.24 -19.81
N GLY A 260 -17.00 0.76 -18.67
CA GLY A 260 -18.27 0.36 -18.12
C GLY A 260 -18.35 -1.08 -17.66
N THR A 261 -17.21 -1.73 -17.42
CA THR A 261 -17.21 -3.10 -16.95
C THR A 261 -17.88 -3.19 -15.58
N HIS A 262 -18.14 -4.43 -15.16
CA HIS A 262 -18.87 -4.66 -13.91
C HIS A 262 -18.01 -5.41 -12.91
N PHE A 263 -16.76 -4.98 -12.73
CA PHE A 263 -15.89 -5.60 -11.74
C PHE A 263 -16.38 -5.31 -10.33
N PHE A 264 -16.54 -4.03 -10.01
CA PHE A 264 -16.75 -3.61 -8.63
C PHE A 264 -18.07 -2.90 -8.41
N THR A 265 -18.93 -2.84 -9.43
CA THR A 265 -20.28 -2.35 -9.22
C THR A 265 -21.06 -3.35 -8.37
N ASN A 266 -22.31 -3.00 -8.04
CA ASN A 266 -23.14 -3.84 -7.21
C ASN A 266 -24.22 -4.56 -8.01
N ASP A 267 -24.22 -4.44 -9.33
CA ASP A 267 -25.19 -5.11 -10.17
C ASP A 267 -24.48 -5.89 -11.27
N MET A 268 -25.17 -6.93 -11.76
CA MET A 268 -24.71 -7.71 -12.92
C MET A 268 -23.36 -8.36 -12.66
N GLY A 269 -23.20 -8.95 -11.48
CA GLY A 269 -22.09 -9.85 -11.19
C GLY A 269 -20.98 -9.25 -10.35
N GLY A 270 -20.89 -7.93 -10.27
CA GLY A 270 -19.77 -7.32 -9.57
C GLY A 270 -19.88 -7.46 -8.06
N ASN A 271 -18.76 -7.81 -7.44
CA ASN A 271 -18.65 -7.83 -5.97
C ASN A 271 -17.85 -6.61 -5.54
N MET A 272 -18.52 -5.65 -4.92
CA MET A 272 -17.86 -4.48 -4.37
C MET A 272 -17.08 -4.79 -3.09
N MET A 273 -16.96 -6.07 -2.73
CA MET A 273 -16.10 -6.48 -1.64
C MET A 273 -14.77 -7.04 -2.11
N MET A 274 -14.62 -7.27 -3.41
CA MET A 274 -13.34 -7.74 -3.94
C MET A 274 -12.34 -6.60 -4.03
N TYR A 275 -12.81 -5.36 -4.22
CA TYR A 275 -11.89 -4.23 -4.17
C TYR A 275 -11.44 -3.98 -2.74
N ILE A 276 -12.38 -3.98 -1.79
CA ILE A 276 -12.03 -3.79 -0.39
C ILE A 276 -11.09 -4.87 0.10
N ASN A 277 -11.07 -6.02 -0.57
CA ASN A 277 -10.16 -7.09 -0.21
C ASN A 277 -8.79 -6.90 -0.85
N LEU A 278 -8.76 -6.57 -2.14
CA LEU A 278 -7.48 -6.44 -2.84
C LEU A 278 -6.73 -5.20 -2.40
N ILE A 279 -7.43 -4.07 -2.25
CA ILE A 279 -6.76 -2.82 -1.91
C ILE A 279 -6.14 -2.89 -0.52
N TRP A 280 -6.66 -3.74 0.35
CA TRP A 280 -6.04 -3.96 1.64
C TRP A 280 -5.04 -5.09 1.64
N ALA A 281 -5.17 -6.04 0.71
CA ALA A 281 -4.09 -7.01 0.51
C ALA A 281 -2.80 -6.31 0.12
N TRP A 282 -2.91 -5.16 -0.53
CA TRP A 282 -1.77 -4.26 -0.71
C TRP A 282 -1.68 -3.24 0.40
N GLY A 283 -2.81 -2.87 1.00
CA GLY A 283 -2.81 -1.77 1.95
C GLY A 283 -1.97 -2.01 3.18
N HIS A 284 -2.06 -3.22 3.67
CA HIS A 284 -1.33 -3.51 4.84
C HIS A 284 0.16 -3.62 4.57
N PRO A 285 0.56 -4.54 3.69
CA PRO A 285 1.99 -4.60 3.34
C PRO A 285 2.59 -3.25 3.05
N GLU A 286 1.79 -2.27 2.63
CA GLU A 286 2.30 -0.94 2.34
C GLU A 286 2.58 -0.14 3.59
N VAL A 287 2.00 -0.51 4.74
CA VAL A 287 2.32 0.18 5.99
C VAL A 287 3.56 -0.38 6.65
N TYR A 288 4.05 -1.54 6.21
CA TYR A 288 5.35 -2.04 6.62
C TYR A 288 6.45 -1.69 5.62
N ILE A 289 6.10 -1.17 4.45
CA ILE A 289 7.09 -0.55 3.59
C ILE A 289 7.56 0.76 4.18
N LEU A 290 6.74 1.39 5.01
CA LEU A 290 7.07 2.67 5.61
C LEU A 290 7.75 2.52 6.95
N ILE A 291 7.36 1.52 7.74
CA ILE A 291 7.86 1.38 9.11
C ILE A 291 9.11 0.51 9.20
N LEU A 292 9.45 -0.25 8.17
CA LEU A 292 10.65 -1.08 8.24
C LEU A 292 11.91 -0.24 8.00
N PRO A 293 11.98 0.58 6.95
CA PRO A 293 13.16 1.45 6.80
C PRO A 293 13.31 2.46 7.92
N VAL A 294 12.26 2.70 8.69
CA VAL A 294 12.37 3.53 9.88
C VAL A 294 12.84 2.71 11.08
N PHE A 295 12.55 1.39 11.08
CA PHE A 295 13.18 0.50 12.05
C PHE A 295 14.67 0.35 11.78
N GLY A 296 15.16 0.83 10.66
CA GLY A 296 16.59 0.84 10.37
C GLY A 296 17.22 2.17 10.72
N VAL A 297 16.50 3.26 10.41
CA VAL A 297 16.97 4.59 10.78
C VAL A 297 17.20 4.66 12.29
N PHE A 298 16.33 4.02 13.06
CA PHE A 298 16.44 4.03 14.51
C PHE A 298 17.35 2.93 15.05
N SER A 299 17.66 1.91 14.25
CA SER A 299 18.61 0.90 14.67
C SER A 299 20.04 1.39 14.60
N GLU A 300 20.32 2.39 13.76
CA GLU A 300 21.66 2.94 13.63
C GLU A 300 21.86 4.22 14.41
N ILE A 301 20.79 4.97 14.68
CA ILE A 301 20.92 6.16 15.51
C ILE A 301 21.12 5.78 16.97
N ALA A 302 20.44 4.73 17.42
CA ALA A 302 20.65 4.25 18.79
C ALA A 302 22.03 3.64 18.95
N ALA A 303 22.49 2.87 17.97
CA ALA A 303 23.79 2.23 18.03
C ALA A 303 24.95 3.20 17.81
N THR A 304 24.67 4.45 17.43
CA THR A 304 25.72 5.43 17.17
C THR A 304 25.84 6.47 18.27
N PHE A 305 24.74 7.09 18.66
CA PHE A 305 24.77 8.12 19.69
C PHE A 305 24.82 7.55 21.10
N SER A 306 24.70 6.24 21.26
CA SER A 306 24.87 5.61 22.56
C SER A 306 26.24 4.98 22.72
N ARG A 307 27.09 5.05 21.70
CA ARG A 307 28.44 4.49 21.73
C ARG A 307 28.43 3.06 22.26
N LYS A 308 27.65 2.21 21.59
CA LYS A 308 27.50 0.82 22.00
C LYS A 308 27.02 0.02 20.81
N ARG A 309 27.58 -1.18 20.64
CA ARG A 309 27.15 -2.06 19.57
C ARG A 309 25.66 -2.38 19.71
N LEU A 310 24.97 -2.41 18.58
CA LEU A 310 23.54 -2.70 18.57
C LEU A 310 23.27 -4.04 19.24
N PHE A 311 22.46 -4.02 20.28
CA PHE A 311 22.14 -5.23 21.02
C PHE A 311 21.39 -6.22 20.13
N GLY A 312 21.87 -7.46 20.08
CA GLY A 312 21.20 -8.51 19.36
C GLY A 312 20.98 -8.22 17.89
N TYR A 313 22.06 -8.14 17.12
CA TYR A 313 21.92 -7.93 15.69
C TYR A 313 21.16 -9.07 15.03
N THR A 314 21.46 -10.31 15.40
CA THR A 314 20.87 -11.47 14.75
C THR A 314 19.45 -11.75 15.21
N SER A 315 18.94 -11.01 16.20
CA SER A 315 17.55 -11.09 16.57
C SER A 315 16.71 -9.98 15.97
N LEU A 316 17.32 -8.86 15.58
CA LEU A 316 16.62 -7.84 14.80
C LEU A 316 16.41 -8.26 13.36
N VAL A 317 17.31 -9.08 12.83
CA VAL A 317 17.19 -9.50 11.43
C VAL A 317 16.13 -10.56 11.29
N TRP A 318 16.02 -11.48 12.24
CA TRP A 318 14.96 -12.48 12.21
C TRP A 318 13.64 -11.94 12.72
N ALA A 319 13.54 -10.63 12.95
CA ALA A 319 12.27 -9.97 13.18
C ALA A 319 11.80 -9.20 11.95
N THR A 320 12.71 -8.50 11.27
CA THR A 320 12.35 -7.87 10.00
C THR A 320 11.95 -8.90 8.96
N VAL A 321 12.64 -10.05 8.95
CA VAL A 321 12.29 -11.09 7.99
C VAL A 321 10.93 -11.69 8.31
N CYS A 322 10.64 -11.89 9.59
CA CYS A 322 9.30 -12.35 9.98
C CYS A 322 8.24 -11.34 9.56
N ILE A 323 8.43 -10.07 9.92
CA ILE A 323 7.48 -9.02 9.56
C ILE A 323 7.31 -8.93 8.05
N THR A 324 8.34 -9.29 7.28
CA THR A 324 8.22 -9.26 5.83
C THR A 324 7.26 -10.33 5.32
N VAL A 325 7.14 -11.46 6.03
CA VAL A 325 6.30 -12.55 5.57
C VAL A 325 5.00 -12.57 6.35
N LEU A 326 5.05 -12.08 7.60
CA LEU A 326 3.87 -12.02 8.44
C LEU A 326 2.94 -10.86 8.07
N SER A 327 3.34 -10.01 7.13
CA SER A 327 2.51 -8.88 6.72
C SER A 327 1.65 -9.19 5.50
N PHE A 328 1.60 -10.45 5.07
CA PHE A 328 0.76 -10.84 3.96
C PHE A 328 -0.43 -11.71 4.39
N ILE A 329 -0.52 -12.06 5.66
CA ILE A 329 -1.59 -12.94 6.13
C ILE A 329 -2.39 -12.22 7.21
N VAL A 330 -2.45 -10.89 7.13
CA VAL A 330 -3.09 -10.07 8.15
C VAL A 330 -4.02 -9.02 7.59
N TRP A 331 -4.14 -8.91 6.26
CA TRP A 331 -4.77 -7.76 5.63
C TRP A 331 -6.28 -7.69 5.87
N LEU A 332 -6.89 -8.66 6.53
CA LEU A 332 -8.33 -8.60 6.75
C LEU A 332 -8.71 -7.82 8.00
N HIS A 333 -7.77 -7.51 8.88
CA HIS A 333 -8.12 -6.76 10.08
C HIS A 333 -8.61 -5.34 9.77
N HIS A 334 -8.61 -4.93 8.50
CA HIS A 334 -9.10 -3.61 8.14
C HIS A 334 -10.59 -3.59 7.86
N PHE A 335 -11.21 -4.73 7.64
CA PHE A 335 -12.66 -4.83 7.44
C PHE A 335 -13.22 -5.99 8.25
N PHE A 336 -12.85 -6.04 9.54
CA PHE A 336 -13.47 -6.99 10.46
C PHE A 336 -14.98 -6.87 10.45
N THR A 337 -15.49 -5.65 10.30
CA THR A 337 -16.92 -5.37 10.35
C THR A 337 -17.63 -5.66 9.04
N MET A 338 -16.91 -6.10 8.01
CA MET A 338 -17.53 -6.30 6.71
C MET A 338 -18.62 -7.36 6.76
N GLY A 339 -18.40 -8.41 7.53
CA GLY A 339 -19.41 -9.44 7.67
C GLY A 339 -18.90 -10.85 7.42
N ALA A 340 -17.59 -11.03 7.48
CA ALA A 340 -17.02 -12.36 7.38
C ALA A 340 -17.40 -13.17 8.61
N GLY A 341 -17.17 -14.48 8.53
CA GLY A 341 -17.58 -15.37 9.59
C GLY A 341 -16.78 -15.15 10.86
N ALA A 342 -17.00 -16.03 11.82
CA ALA A 342 -16.27 -16.02 13.07
C ALA A 342 -14.99 -16.85 13.01
N ASN A 343 -14.74 -17.54 11.90
CA ASN A 343 -13.53 -18.33 11.74
C ASN A 343 -12.50 -17.64 10.88
N VAL A 344 -12.89 -16.62 10.12
CA VAL A 344 -11.96 -15.81 9.33
C VAL A 344 -11.66 -14.48 10.00
N ASN A 345 -12.66 -13.90 10.68
CA ASN A 345 -12.39 -12.75 11.53
C ASN A 345 -11.40 -13.11 12.64
N ALA A 346 -11.64 -14.22 13.32
CA ALA A 346 -10.79 -14.64 14.42
C ALA A 346 -9.44 -15.14 13.97
N PHE A 347 -9.33 -15.67 12.74
CA PHE A 347 -8.03 -16.11 12.24
C PHE A 347 -7.16 -14.92 11.84
N PHE A 348 -7.71 -14.03 11.01
CA PHE A 348 -7.00 -12.81 10.66
C PHE A 348 -6.87 -11.84 11.81
N GLY A 349 -7.44 -12.15 12.97
CA GLY A 349 -7.30 -11.31 14.14
C GLY A 349 -6.23 -11.83 15.07
N ILE A 350 -5.83 -13.08 14.87
CA ILE A 350 -4.73 -13.67 15.63
C ILE A 350 -3.40 -13.45 14.95
N THR A 351 -3.35 -13.66 13.63
CA THR A 351 -2.10 -13.46 12.90
C THR A 351 -1.65 -12.02 12.89
N THR A 352 -2.55 -11.08 13.14
CA THR A 352 -2.19 -9.66 13.24
C THR A 352 -1.78 -9.26 14.64
N MET A 353 -1.82 -10.19 15.59
CA MET A 353 -1.18 -10.01 16.89
C MET A 353 0.14 -10.76 16.98
N ILE A 354 0.29 -11.86 16.24
CA ILE A 354 1.57 -12.54 16.14
C ILE A 354 2.61 -11.62 15.50
N ILE A 355 2.15 -10.67 14.67
CA ILE A 355 3.05 -9.70 14.05
C ILE A 355 3.48 -8.61 15.01
N ALA A 356 2.96 -8.59 16.22
CA ALA A 356 3.38 -7.62 17.22
C ALA A 356 4.55 -8.10 18.07
N ILE A 357 4.82 -9.40 18.07
CA ILE A 357 5.94 -9.96 18.84
C ILE A 357 7.27 -9.57 18.21
N PRO A 358 7.45 -9.68 16.87
CA PRO A 358 8.70 -9.16 16.29
C PRO A 358 8.88 -7.66 16.49
N THR A 359 7.81 -6.88 16.37
CA THR A 359 7.92 -5.44 16.60
C THR A 359 8.29 -5.15 18.05
N GLY A 360 7.74 -5.91 18.99
CA GLY A 360 8.11 -5.73 20.38
C GLY A 360 9.56 -6.08 20.65
N VAL A 361 10.05 -7.17 20.05
CA VAL A 361 11.45 -7.54 20.21
C VAL A 361 12.35 -6.48 19.59
N LYS A 362 11.92 -5.88 18.49
CA LYS A 362 12.68 -4.78 17.90
C LYS A 362 12.73 -3.59 18.83
N ILE A 363 11.58 -3.20 19.39
CA ILE A 363 11.55 -2.07 20.30
C ILE A 363 12.40 -2.33 21.53
N PHE A 364 12.48 -3.58 21.98
CA PHE A 364 13.24 -3.89 23.18
C PHE A 364 14.73 -4.06 22.91
N ASN A 365 15.12 -4.35 21.67
CA ASN A 365 16.54 -4.39 21.36
C ASN A 365 17.16 -3.00 21.45
N TRP A 366 16.47 -1.99 20.94
CA TRP A 366 16.97 -0.62 21.04
C TRP A 366 17.07 -0.17 22.49
N LEU A 367 16.18 -0.64 23.36
CA LEU A 367 16.25 -0.26 24.75
C LEU A 367 17.52 -0.79 25.40
N PHE A 368 18.09 -1.87 24.88
CA PHE A 368 19.32 -2.42 25.42
C PHE A 368 20.56 -2.02 24.63
N THR A 369 20.40 -1.39 23.46
CA THR A 369 21.50 -0.65 22.87
C THR A 369 21.84 0.58 23.70
N MET A 370 20.87 1.08 24.46
CA MET A 370 21.04 2.21 25.35
C MET A 370 21.31 1.80 26.78
N TYR A 371 21.29 0.50 27.08
CA TYR A 371 21.33 0.04 28.46
C TYR A 371 22.60 0.50 29.17
N GLN A 372 23.75 0.03 28.72
CA GLN A 372 25.04 0.44 29.29
C GLN A 372 25.85 1.12 28.19
N GLY A 373 25.59 2.41 28.00
CA GLY A 373 26.28 3.16 26.98
C GLY A 373 26.55 4.60 27.38
N ARG A 374 26.81 5.44 26.39
CA ARG A 374 27.00 6.87 26.57
C ARG A 374 26.03 7.56 25.60
N ILE A 375 24.80 7.78 26.05
CA ILE A 375 23.75 8.25 25.15
C ILE A 375 23.93 9.75 24.91
N VAL A 376 24.62 10.10 23.83
CA VAL A 376 24.70 11.49 23.43
C VAL A 376 23.30 11.97 23.07
N PHE A 377 22.93 13.16 23.55
CA PHE A 377 21.58 13.69 23.37
C PHE A 377 21.46 14.56 22.14
N HIS A 378 22.22 14.28 21.09
CA HIS A 378 22.01 14.92 19.80
C HIS A 378 20.56 14.75 19.36
N SER A 379 20.06 15.74 18.62
CA SER A 379 18.63 15.76 18.28
C SER A 379 18.19 14.49 17.57
N ALA A 380 19.10 13.83 16.85
CA ALA A 380 18.75 12.58 16.19
C ALA A 380 18.46 11.48 17.18
N MET A 381 19.16 11.48 18.32
CA MET A 381 18.86 10.54 19.39
C MET A 381 17.65 10.97 20.21
N LEU A 382 17.30 12.26 20.17
CA LEU A 382 16.10 12.73 20.86
C LEU A 382 14.85 12.15 20.22
N TRP A 383 14.84 12.03 18.88
CA TRP A 383 13.71 11.41 18.21
C TRP A 383 13.57 9.94 18.59
N THR A 384 14.69 9.22 18.71
CA THR A 384 14.65 7.79 18.98
C THR A 384 14.08 7.51 20.37
N ILE A 385 14.50 8.28 21.37
CA ILE A 385 13.90 8.14 22.70
C ILE A 385 12.44 8.56 22.65
N GLY A 386 12.08 9.47 21.74
CA GLY A 386 10.69 9.83 21.59
C GLY A 386 9.92 8.89 20.69
N PHE A 387 10.60 8.27 19.72
CA PHE A 387 9.93 7.32 18.85
C PHE A 387 9.46 6.10 19.63
N ILE A 388 10.25 5.64 20.60
CA ILE A 388 9.85 4.49 21.40
C ILE A 388 8.59 4.80 22.18
N VAL A 389 8.55 5.97 22.82
CA VAL A 389 7.39 6.34 23.63
C VAL A 389 6.17 6.63 22.77
N THR A 390 6.38 7.16 21.57
CA THR A 390 5.26 7.48 20.68
C THR A 390 4.87 6.33 19.77
N PHE A 391 5.60 5.22 19.81
CA PHE A 391 5.25 4.04 19.02
C PHE A 391 4.79 2.88 19.87
N SER A 392 5.21 2.80 21.14
CA SER A 392 4.68 1.76 22.02
C SER A 392 3.18 1.96 22.24
N VAL A 393 2.76 3.21 22.46
CA VAL A 393 1.34 3.49 22.63
C VAL A 393 0.58 3.19 21.35
N GLY A 394 1.12 3.56 20.19
CA GLY A 394 0.47 3.26 18.94
C GLY A 394 0.30 1.77 18.71
N GLY A 395 1.37 1.01 18.94
CA GLY A 395 1.26 -0.43 18.80
C GLY A 395 0.30 -1.05 19.80
N MET A 396 0.29 -0.53 21.03
CA MET A 396 -0.63 -1.05 22.04
C MET A 396 -2.08 -0.84 21.61
N THR A 397 -2.40 0.37 21.16
CA THR A 397 -3.76 0.65 20.70
C THR A 397 -4.07 0.03 19.34
N GLY A 398 -3.06 -0.46 18.63
CA GLY A 398 -3.31 -1.12 17.37
C GLY A 398 -3.49 -2.62 17.50
N VAL A 399 -2.88 -3.21 18.53
CA VAL A 399 -3.16 -4.61 18.83
C VAL A 399 -4.52 -4.73 19.50
N LEU A 400 -4.97 -3.69 20.19
CA LEU A 400 -6.32 -3.66 20.72
C LEU A 400 -7.36 -3.57 19.62
N LEU A 401 -7.00 -3.03 18.46
CA LEU A 401 -7.87 -3.07 17.29
C LEU A 401 -7.79 -4.41 16.56
N ALA A 402 -6.68 -5.13 16.72
CA ALA A 402 -6.53 -6.44 16.12
C ALA A 402 -7.47 -7.48 16.70
N VAL A 403 -8.10 -7.18 17.85
CA VAL A 403 -9.10 -8.04 18.44
C VAL A 403 -10.43 -7.76 17.74
N PRO A 404 -10.93 -8.66 16.90
CA PRO A 404 -12.17 -8.35 16.16
C PRO A 404 -13.40 -8.20 17.03
N GLY A 405 -13.30 -8.52 18.33
CA GLY A 405 -14.40 -8.23 19.23
C GLY A 405 -14.41 -6.78 19.68
N ALA A 406 -13.22 -6.17 19.81
CA ALA A 406 -13.10 -4.77 20.15
C ALA A 406 -12.85 -3.89 18.94
N ASP A 407 -12.89 -4.48 17.74
CA ASP A 407 -12.77 -3.73 16.50
C ASP A 407 -14.13 -3.42 15.87
N PHE A 408 -15.20 -3.99 16.41
CA PHE A 408 -16.54 -3.66 15.92
C PHE A 408 -16.99 -2.29 16.41
N VAL A 409 -16.67 -1.96 17.66
CA VAL A 409 -17.00 -0.64 18.19
C VAL A 409 -15.90 0.38 17.90
N LEU A 410 -14.70 -0.07 17.57
CA LEU A 410 -13.56 0.82 17.31
C LEU A 410 -13.12 0.73 15.85
N HIS A 411 -14.08 0.56 14.95
CA HIS A 411 -13.86 0.66 13.52
C HIS A 411 -13.77 2.13 13.16
N ASN A 412 -14.01 2.49 11.90
CA ASN A 412 -13.88 3.88 11.47
C ASN A 412 -14.53 4.78 12.50
N SER A 413 -13.70 5.57 13.18
CA SER A 413 -14.06 6.34 14.36
C SER A 413 -12.82 7.11 14.77
N LEU A 414 -13.01 8.16 15.56
CA LEU A 414 -11.86 8.89 16.05
C LEU A 414 -11.22 8.13 17.21
N PHE A 415 -10.94 6.86 17.00
CA PHE A 415 -9.97 6.02 17.68
C PHE A 415 -9.11 5.29 16.67
N LEU A 416 -9.69 4.86 15.55
CA LEU A 416 -8.89 4.34 14.44
C LEU A 416 -7.96 5.41 13.91
N ILE A 417 -8.50 6.59 13.62
CA ILE A 417 -7.68 7.68 13.11
C ILE A 417 -6.43 7.87 13.96
N ALA A 418 -6.51 7.94 15.25
CA ALA A 418 -5.31 8.24 15.97
C ALA A 418 -4.40 7.11 16.31
N HIS A 419 -4.43 6.03 15.58
CA HIS A 419 -3.49 4.94 15.81
C HIS A 419 -2.55 4.99 14.66
N PHE A 420 -3.04 5.13 13.46
CA PHE A 420 -2.16 5.25 12.30
C PHE A 420 -1.67 6.68 12.12
N HIS A 421 -1.74 7.41 13.23
CA HIS A 421 -1.17 8.72 13.28
C HIS A 421 -0.19 8.54 14.46
N ASN A 422 -0.53 7.66 15.42
CA ASN A 422 0.38 7.37 16.52
C ASN A 422 1.59 6.58 16.03
N VAL A 423 1.39 5.67 15.08
CA VAL A 423 2.48 4.85 14.56
C VAL A 423 3.13 5.45 13.34
N ILE A 424 2.51 6.44 12.70
CA ILE A 424 3.11 7.13 11.57
C ILE A 424 3.81 8.41 11.99
N ILE A 425 3.11 9.29 12.70
CA ILE A 425 3.76 10.50 13.20
C ILE A 425 4.81 10.15 14.23
N GLY A 426 4.54 9.16 15.07
CA GLY A 426 5.51 8.73 16.06
C GLY A 426 6.53 7.79 15.47
N GLY A 427 6.18 7.18 14.34
CA GLY A 427 7.03 6.22 13.66
C GLY A 427 7.74 6.80 12.46
N VAL A 428 7.15 6.58 11.27
CA VAL A 428 7.75 7.02 10.01
C VAL A 428 8.23 8.47 10.11
N VAL A 429 7.36 9.36 10.59
CA VAL A 429 7.69 10.78 10.55
C VAL A 429 8.87 11.10 11.46
N PHE A 430 8.90 10.52 12.67
CA PHE A 430 10.06 10.70 13.52
C PHE A 430 11.31 10.10 12.88
N GLY A 431 11.17 8.90 12.29
CA GLY A 431 12.29 8.32 11.58
C GLY A 431 12.69 9.09 10.34
N CYS A 432 11.72 9.67 9.64
CA CYS A 432 12.04 10.51 8.50
C CYS A 432 12.63 11.85 8.91
N PHE A 433 12.45 12.26 10.17
CA PHE A 433 13.11 13.44 10.70
C PHE A 433 14.37 13.11 11.48
N ALA A 434 14.48 11.88 12.00
CA ALA A 434 15.71 11.48 12.67
C ALA A 434 16.78 11.04 11.68
N GLY A 435 16.37 10.52 10.53
CA GLY A 435 17.31 10.13 9.49
C GLY A 435 17.67 11.29 8.60
N MET A 436 16.84 12.32 8.61
CA MET A 436 17.17 13.53 7.85
C MET A 436 18.23 14.36 8.54
N THR A 437 18.22 14.40 9.87
CA THR A 437 19.22 15.12 10.63
C THR A 437 20.45 14.29 10.94
N TYR A 438 20.39 12.98 10.76
CA TYR A 438 21.52 12.10 11.02
C TYR A 438 22.42 11.96 9.80
N TRP A 439 21.85 11.94 8.60
CA TRP A 439 22.62 11.82 7.37
C TRP A 439 22.75 13.15 6.64
N TRP A 440 22.24 14.24 7.20
CA TRP A 440 22.43 15.55 6.59
C TRP A 440 23.91 15.92 6.43
N PRO A 441 24.82 15.60 7.36
CA PRO A 441 26.24 15.87 7.10
C PRO A 441 26.82 15.01 6.01
N LYS A 442 26.16 13.91 5.64
CA LYS A 442 26.64 13.03 4.58
C LYS A 442 25.97 13.30 3.25
N ALA A 443 24.98 14.19 3.21
CA ALA A 443 24.34 14.56 1.96
C ALA A 443 24.72 15.95 1.46
N PHE A 444 25.13 16.85 2.33
CA PHE A 444 25.49 18.19 1.90
C PHE A 444 26.86 18.63 2.38
N GLY A 445 27.26 18.26 3.58
CA GLY A 445 28.58 18.62 4.07
C GLY A 445 28.58 19.30 5.42
N PHE A 446 27.54 20.06 5.72
CA PHE A 446 27.41 20.73 6.99
C PHE A 446 26.40 20.01 7.87
N LYS A 447 26.43 20.33 9.16
CA LYS A 447 25.55 19.72 10.15
C LYS A 447 24.36 20.63 10.42
N LEU A 448 23.19 20.04 10.54
CA LEU A 448 21.98 20.81 10.83
C LEU A 448 22.12 21.55 12.16
N ASN A 449 21.45 22.70 12.25
CA ASN A 449 21.44 23.45 13.49
C ASN A 449 20.77 22.65 14.59
N GLU A 450 21.33 22.74 15.79
CA GLU A 450 20.88 21.90 16.91
C GLU A 450 19.88 22.59 17.81
N THR A 451 20.04 23.89 18.08
CA THR A 451 19.10 24.59 18.95
C THR A 451 17.75 24.83 18.27
N TRP A 452 17.61 24.49 17.00
CA TRP A 452 16.32 24.50 16.33
C TRP A 452 15.82 23.11 16.00
N GLY A 453 16.71 22.12 15.91
CA GLY A 453 16.26 20.75 15.80
C GLY A 453 15.69 20.21 17.09
N LYS A 454 16.24 20.64 18.23
CA LYS A 454 15.66 20.29 19.52
C LYS A 454 14.28 20.92 19.66
N ARG A 455 14.16 22.21 19.35
CA ARG A 455 12.86 22.86 19.37
C ARG A 455 11.89 22.31 18.34
N ALA A 456 12.38 21.56 17.35
CA ALA A 456 11.50 20.90 16.40
C ALA A 456 11.01 19.55 16.89
N PHE A 457 11.61 19.02 17.95
CA PHE A 457 11.15 17.78 18.57
C PHE A 457 10.14 18.04 19.68
N TRP A 458 10.37 19.08 20.49
CA TRP A 458 9.49 19.37 21.60
C TRP A 458 8.19 20.04 21.18
N PHE A 459 8.01 20.32 19.89
CA PHE A 459 6.72 20.71 19.35
C PHE A 459 6.03 19.60 18.58
N TRP A 460 6.79 18.63 18.06
CA TRP A 460 6.21 17.53 17.31
C TRP A 460 5.72 16.41 18.22
N ILE A 461 6.36 16.20 19.37
CA ILE A 461 5.97 15.11 20.26
C ILE A 461 5.03 15.65 21.33
N ILE A 462 5.22 16.92 21.72
CA ILE A 462 4.25 17.55 22.61
C ILE A 462 2.98 17.89 21.85
N GLY A 463 3.12 18.46 20.66
CA GLY A 463 1.99 18.76 19.82
C GLY A 463 1.32 17.56 19.19
N PHE A 464 1.79 16.35 19.48
CA PHE A 464 1.10 15.13 19.07
C PHE A 464 0.19 14.63 20.19
N PHE A 465 0.76 14.38 21.37
CA PHE A 465 -0.03 13.90 22.50
C PHE A 465 -1.12 14.87 22.91
N VAL A 466 -1.04 16.13 22.48
CA VAL A 466 -2.10 17.10 22.70
C VAL A 466 -2.92 17.32 21.44
N ALA A 467 -2.73 16.49 20.42
CA ALA A 467 -3.53 16.57 19.21
C ALA A 467 -4.14 15.24 18.77
N PHE A 468 -3.76 14.12 19.39
CA PHE A 468 -4.34 12.83 19.05
C PHE A 468 -4.77 12.01 20.25
N MET A 469 -4.35 12.35 21.45
CA MET A 469 -4.97 11.75 22.62
C MET A 469 -6.40 12.26 22.78
N PRO A 470 -6.70 13.52 22.43
CA PRO A 470 -8.11 13.89 22.27
C PRO A 470 -8.81 13.08 21.19
N LEU A 471 -8.10 12.65 20.15
CA LEU A 471 -8.67 11.73 19.18
C LEU A 471 -8.55 10.28 19.61
N TYR A 472 -8.28 10.05 20.90
CA TYR A 472 -8.39 8.73 21.50
C TYR A 472 -9.58 8.62 22.43
N ALA A 473 -9.93 9.70 23.12
CA ALA A 473 -11.11 9.75 23.96
C ALA A 473 -12.38 10.00 23.15
N LEU A 474 -12.27 10.31 21.87
CA LEU A 474 -13.44 10.50 21.02
C LEU A 474 -13.92 9.20 20.41
N GLY A 475 -13.02 8.27 20.12
CA GLY A 475 -13.44 6.96 19.65
C GLY A 475 -14.29 6.22 20.66
N PHE A 476 -14.05 6.47 21.96
CA PHE A 476 -14.89 5.89 22.99
C PHE A 476 -16.18 6.67 23.19
N MET A 477 -16.26 7.90 22.69
CA MET A 477 -17.47 8.70 22.78
C MET A 477 -18.39 8.50 21.58
N GLY A 478 -17.92 7.87 20.52
CA GLY A 478 -18.79 7.53 19.41
C GLY A 478 -18.74 8.49 18.24
N MET A 479 -17.55 8.95 17.88
CA MET A 479 -17.36 9.76 16.68
C MET A 479 -16.96 8.88 15.51
N THR A 480 -16.94 9.46 14.32
CA THR A 480 -16.67 8.72 13.09
C THR A 480 -15.65 9.47 12.25
N ARG A 481 -14.89 8.71 11.47
CA ARG A 481 -14.01 9.31 10.48
C ARG A 481 -14.82 10.13 9.48
N ARG A 482 -14.21 11.18 8.96
CA ARG A 482 -14.75 11.94 7.84
C ARG A 482 -16.09 12.60 8.18
N LEU A 483 -16.16 13.23 9.36
CA LEU A 483 -17.29 14.03 9.75
C LEU A 483 -16.91 15.50 9.66
N SER A 484 -17.76 16.30 9.01
CA SER A 484 -17.44 17.71 8.80
C SER A 484 -18.61 18.66 8.95
N GLN A 485 -19.79 18.19 9.32
CA GLN A 485 -20.97 19.05 9.37
C GLN A 485 -21.85 18.67 10.55
N GLN A 486 -22.22 19.67 11.34
CA GLN A 486 -23.18 19.51 12.43
C GLN A 486 -22.73 18.44 13.41
N ILE A 487 -21.46 18.49 13.80
CA ILE A 487 -20.93 17.55 14.78
C ILE A 487 -21.63 17.76 16.12
N ASP A 488 -22.00 16.67 16.75
CA ASP A 488 -22.72 16.73 18.02
C ASP A 488 -21.89 17.52 19.04
N PRO A 489 -22.46 18.56 19.66
CA PRO A 489 -21.65 19.45 20.53
C PRO A 489 -21.04 18.75 21.73
N GLN A 490 -21.32 17.46 21.92
CA GLN A 490 -20.64 16.72 22.97
C GLN A 490 -19.18 16.45 22.63
N PHE A 491 -18.83 16.44 21.35
CA PHE A 491 -17.46 16.26 20.90
C PHE A 491 -16.67 17.56 20.87
N HIS A 492 -17.22 18.65 21.41
CA HIS A 492 -16.61 19.96 21.21
C HIS A 492 -15.31 20.09 22.01
N THR A 493 -15.39 19.93 23.33
CA THR A 493 -14.23 20.17 24.18
C THR A 493 -13.06 19.26 23.84
N MET A 494 -13.30 18.13 23.18
CA MET A 494 -12.22 17.25 22.74
C MET A 494 -11.70 17.61 21.37
N LEU A 495 -12.48 18.31 20.55
CA LEU A 495 -12.03 18.74 19.24
C LEU A 495 -11.32 20.08 19.28
N MET A 496 -11.49 20.86 20.36
CA MET A 496 -10.72 22.09 20.52
C MET A 496 -9.34 21.80 21.08
N ILE A 497 -9.23 20.83 21.99
CA ILE A 497 -7.93 20.40 22.46
C ILE A 497 -7.16 19.74 21.34
N ALA A 498 -7.84 18.99 20.48
CA ALA A 498 -7.20 18.37 19.33
C ALA A 498 -6.86 19.38 18.24
N ALA A 499 -7.43 20.58 18.28
CA ALA A 499 -7.06 21.64 17.37
C ALA A 499 -5.89 22.46 17.89
N SER A 500 -5.83 22.68 19.19
CA SER A 500 -4.70 23.37 19.81
C SER A 500 -3.45 22.50 19.88
N GLY A 501 -3.48 21.33 19.25
CA GLY A 501 -2.30 20.48 19.18
C GLY A 501 -1.72 20.47 17.79
N ALA A 502 -2.58 20.63 16.78
CA ALA A 502 -2.08 20.82 15.42
C ALA A 502 -1.44 22.19 15.26
N VAL A 503 -1.78 23.15 16.11
CA VAL A 503 -1.06 24.42 16.14
C VAL A 503 0.37 24.20 16.61
N LEU A 504 0.57 23.30 17.58
CA LEU A 504 1.92 23.00 18.04
C LEU A 504 2.69 22.20 17.01
N ILE A 505 2.01 21.35 16.23
CA ILE A 505 2.68 20.68 15.13
C ILE A 505 3.08 21.68 14.06
N ALA A 506 2.20 22.64 13.77
CA ALA A 506 2.53 23.70 12.82
C ALA A 506 3.73 24.50 13.30
N LEU A 507 3.79 24.82 14.59
CA LEU A 507 4.98 25.44 15.15
C LEU A 507 6.18 24.51 15.08
N GLY A 508 5.97 23.20 15.05
CA GLY A 508 7.03 22.25 14.87
C GLY A 508 7.45 22.01 13.45
N ILE A 509 6.65 22.48 12.49
CA ILE A 509 7.06 22.48 11.09
C ILE A 509 7.73 23.80 10.74
N LEU A 510 7.26 24.89 11.33
CA LEU A 510 7.96 26.16 11.19
C LEU A 510 9.37 26.07 11.77
N CYS A 511 9.53 25.35 12.88
CA CYS A 511 10.86 25.15 13.44
C CYS A 511 11.75 24.35 12.50
N LEU A 512 11.17 23.42 11.74
CA LEU A 512 11.97 22.68 10.76
C LEU A 512 12.48 23.61 9.66
N VAL A 513 11.62 24.49 9.17
CA VAL A 513 12.04 25.43 8.13
C VAL A 513 13.10 26.38 8.66
N ILE A 514 12.92 26.88 9.88
CA ILE A 514 13.91 27.77 10.47
C ILE A 514 15.23 27.04 10.68
N GLN A 515 15.18 25.77 11.09
CA GLN A 515 16.39 24.99 11.28
C GLN A 515 17.13 24.81 9.95
N MET A 516 16.40 24.43 8.90
CA MET A 516 17.03 24.28 7.60
C MET A 516 17.63 25.59 7.12
N TYR A 517 16.91 26.70 7.30
CA TYR A 517 17.42 27.99 6.84
C TYR A 517 18.69 28.39 7.59
N VAL A 518 18.68 28.24 8.92
CA VAL A 518 19.83 28.64 9.71
C VAL A 518 21.03 27.74 9.43
N SER A 519 20.79 26.44 9.25
CA SER A 519 21.88 25.53 8.97
C SER A 519 22.46 25.75 7.57
N ILE A 520 21.62 26.12 6.61
CA ILE A 520 22.12 26.41 5.27
C ILE A 520 22.86 27.74 5.25
N ARG A 521 22.42 28.70 6.07
CA ARG A 521 23.09 29.99 6.11
C ARG A 521 24.44 29.89 6.82
N ASP A 522 24.43 29.44 8.07
CA ASP A 522 25.66 29.30 8.85
C ASP A 522 26.28 27.92 8.65
N ARG A 523 26.59 27.63 7.39
CA ARG A 523 27.23 26.37 7.05
C ARG A 523 28.74 26.43 7.24
N ASP A 524 29.34 27.60 7.01
CA ASP A 524 30.79 27.73 7.10
C ASP A 524 31.31 27.67 8.52
N GLN A 525 30.44 27.46 9.51
CA GLN A 525 30.86 27.28 10.89
C GLN A 525 30.44 25.94 11.48
N ASN A 526 29.26 25.44 11.13
CA ASN A 526 28.84 24.09 11.49
C ASN A 526 29.18 23.18 10.32
N ARG A 527 30.46 23.08 10.03
CA ARG A 527 30.96 22.36 8.87
C ARG A 527 31.60 21.05 9.28
N ASP A 528 31.30 19.99 8.53
CA ASP A 528 31.86 18.67 8.76
C ASP A 528 32.91 18.38 7.70
N LEU A 529 34.14 18.07 8.14
CA LEU A 529 35.25 17.82 7.24
C LEU A 529 35.64 16.36 7.15
N THR A 530 35.92 15.72 8.29
CA THR A 530 36.48 14.37 8.30
C THR A 530 35.53 13.32 7.76
N GLY A 531 34.27 13.67 7.49
CA GLY A 531 33.31 12.71 7.00
C GLY A 531 32.71 11.80 8.04
N ASP A 532 33.14 11.90 9.30
CA ASP A 532 32.60 11.10 10.40
C ASP A 532 32.23 12.03 11.54
N PRO A 533 31.17 12.82 11.36
CA PRO A 533 30.86 13.84 12.39
C PRO A 533 30.36 13.25 13.69
N TRP A 534 29.56 12.19 13.65
CA TRP A 534 28.97 11.64 14.86
C TRP A 534 29.82 10.56 15.51
N GLY A 535 30.72 9.93 14.76
CA GLY A 535 31.41 8.75 15.26
C GLY A 535 30.66 7.50 14.85
N GLY A 536 30.24 7.44 13.59
CA GLY A 536 29.42 6.37 13.10
C GLY A 536 30.14 5.03 13.08
N ARG A 537 29.38 4.01 12.70
CA ARG A 537 29.87 2.64 12.66
C ARG A 537 29.79 2.00 11.28
N THR A 538 28.81 2.37 10.47
CA THR A 538 28.64 1.79 9.15
C THR A 538 29.53 2.50 8.13
N LEU A 539 29.58 1.93 6.92
CA LEU A 539 30.57 2.34 5.92
C LEU A 539 30.30 3.72 5.34
N GLU A 540 29.10 4.27 5.51
CA GLU A 540 28.81 5.56 4.87
C GLU A 540 29.54 6.72 5.53
N TRP A 541 30.22 6.48 6.65
CA TRP A 541 30.99 7.52 7.32
C TRP A 541 32.48 7.44 6.99
N ALA A 542 32.87 6.56 6.08
CA ALA A 542 34.25 6.47 5.62
C ALA A 542 34.56 7.41 4.47
N THR A 543 33.54 8.02 3.86
CA THR A 543 33.71 8.91 2.73
C THR A 543 33.98 10.32 3.20
N SER A 544 33.93 11.28 2.29
CA SER A 544 34.11 12.69 2.63
C SER A 544 32.78 13.26 3.12
N SER A 545 32.70 14.59 3.28
CA SER A 545 31.45 15.17 3.77
C SER A 545 30.32 14.98 2.77
N PRO A 546 30.37 15.53 1.56
CA PRO A 546 29.60 14.94 0.48
C PRO A 546 30.42 13.90 -0.24
N PRO A 547 30.01 12.64 -0.22
CA PRO A 547 30.77 11.61 -0.92
C PRO A 547 30.78 11.88 -2.41
N PRO A 548 31.92 11.69 -3.08
CA PRO A 548 32.01 12.03 -4.50
C PRO A 548 31.02 11.23 -5.34
N PHE A 549 30.94 11.60 -6.62
CA PHE A 549 29.98 10.95 -7.51
C PHE A 549 30.15 9.45 -7.51
N TYR A 550 31.38 8.97 -7.57
CA TYR A 550 31.68 7.60 -7.17
C TYR A 550 31.73 7.57 -5.65
N ASN A 551 31.03 6.61 -5.05
CA ASN A 551 30.98 6.54 -3.59
C ASN A 551 32.36 6.37 -3.01
N PHE A 552 33.03 5.26 -3.35
CA PHE A 552 34.34 4.93 -2.82
C PHE A 552 35.35 4.84 -3.97
N ALA A 553 36.53 5.43 -3.75
CA ALA A 553 37.59 5.34 -4.75
C ALA A 553 38.02 3.89 -4.95
N VAL A 554 38.22 3.17 -3.84
CA VAL A 554 38.47 1.73 -3.86
C VAL A 554 37.40 1.08 -3.00
N VAL A 555 36.74 0.06 -3.56
CA VAL A 555 35.63 -0.57 -2.85
C VAL A 555 36.13 -1.13 -1.53
N PRO A 556 35.52 -0.80 -0.40
CA PRO A 556 36.06 -1.21 0.89
C PRO A 556 35.95 -2.71 1.12
N HIS A 557 36.95 -3.26 1.79
CA HIS A 557 37.05 -4.69 2.07
C HIS A 557 36.56 -4.92 3.49
N VAL A 558 35.31 -5.31 3.64
CA VAL A 558 34.70 -5.51 4.95
C VAL A 558 35.15 -6.83 5.53
N HIS A 559 35.43 -6.84 6.83
CA HIS A 559 35.78 -8.06 7.55
C HIS A 559 34.90 -8.36 8.75
N GLU A 560 34.18 -7.39 9.28
CA GLU A 560 33.36 -7.60 10.47
C GLU A 560 32.01 -6.92 10.25
N ARG A 561 31.23 -6.81 11.32
CA ARG A 561 29.87 -6.30 11.22
C ARG A 561 29.84 -4.78 11.11
N ASP A 562 30.33 -4.10 12.15
CA ASP A 562 30.46 -2.64 12.11
C ASP A 562 31.66 -2.32 11.23
N ALA A 563 31.41 -2.28 9.92
CA ALA A 563 32.49 -2.28 8.94
C ALA A 563 33.42 -1.09 9.11
N PHE A 564 32.91 0.06 9.52
CA PHE A 564 33.76 1.23 9.67
C PHE A 564 34.29 1.39 11.09
N TRP A 565 33.44 1.16 12.10
CA TRP A 565 33.90 1.22 13.48
C TRP A 565 34.85 0.09 13.83
N GLU A 566 35.01 -0.91 12.96
CA GLU A 566 36.03 -1.92 13.15
C GLU A 566 37.34 -1.52 12.49
N MET A 567 37.26 -0.87 11.33
CA MET A 567 38.46 -0.29 10.73
C MET A 567 38.99 0.86 11.57
N LYS A 568 38.09 1.69 12.10
CA LYS A 568 38.50 2.83 12.91
C LYS A 568 39.00 2.41 14.29
N GLU A 569 38.62 1.22 14.76
CA GLU A 569 39.06 0.77 16.06
C GLU A 569 40.46 0.17 16.00
N LYS A 570 40.76 -0.57 14.94
CA LYS A 570 42.07 -1.19 14.80
C LYS A 570 43.11 -0.27 14.19
N GLY A 571 42.70 0.89 13.68
CA GLY A 571 43.60 1.87 13.11
C GLY A 571 43.59 1.93 11.60
N GLU A 572 43.08 0.91 10.93
CA GLU A 572 43.07 0.85 9.47
C GLU A 572 41.92 1.70 8.91
N ALA A 573 41.91 2.97 9.28
CA ALA A 573 40.92 3.93 8.82
C ALA A 573 41.62 5.14 8.23
N TYR A 574 41.05 5.67 7.15
CA TYR A 574 41.59 6.86 6.48
C TYR A 574 42.99 6.59 5.95
N LYS A 575 43.23 5.36 5.50
CA LYS A 575 44.52 4.99 4.94
C LYS A 575 44.51 5.21 3.43
N LYS A 576 45.60 5.75 2.92
CA LYS A 576 45.71 6.04 1.50
C LYS A 576 46.25 4.84 0.75
N PRO A 577 45.60 4.41 -0.32
CA PRO A 577 46.14 3.32 -1.14
C PRO A 577 47.28 3.82 -2.01
N ASP A 578 47.80 2.92 -2.84
CA ASP A 578 48.92 3.23 -3.71
C ASP A 578 48.49 3.63 -5.12
N HIS A 579 47.69 2.81 -5.78
CA HIS A 579 47.27 3.06 -7.16
C HIS A 579 45.75 3.02 -7.25
N TYR A 580 45.16 4.13 -7.68
CA TYR A 580 43.75 4.15 -8.01
C TYR A 580 43.55 3.68 -9.45
N GLU A 581 42.36 3.16 -9.72
CA GLU A 581 42.00 2.74 -11.07
C GLU A 581 40.77 3.51 -11.54
N GLU A 582 40.66 3.70 -12.85
CA GLU A 582 39.54 4.43 -13.42
C GLU A 582 38.23 3.73 -13.09
N ILE A 583 37.24 4.51 -12.66
CA ILE A 583 35.95 3.94 -12.28
C ILE A 583 35.08 3.84 -13.53
N HIS A 584 34.05 3.00 -13.46
CA HIS A 584 33.12 2.79 -14.57
C HIS A 584 31.77 3.33 -14.12
N MET A 585 31.55 4.66 -14.34
CA MET A 585 30.30 5.21 -13.82
C MET A 585 29.26 5.34 -14.93
N PRO A 586 27.98 5.27 -14.59
CA PRO A 586 26.93 5.50 -15.58
C PRO A 586 26.92 6.95 -16.04
N LYS A 587 26.21 7.19 -17.13
CA LYS A 587 26.12 8.51 -17.74
C LYS A 587 24.76 9.13 -17.44
N ASN A 588 24.78 10.41 -17.08
CA ASN A 588 23.55 11.13 -16.79
C ASN A 588 22.62 11.11 -17.99
N SER A 589 21.42 10.57 -17.81
CA SER A 589 20.49 10.32 -18.90
C SER A 589 19.29 11.25 -18.76
N GLY A 590 18.96 11.95 -19.83
CA GLY A 590 17.82 12.86 -19.82
C GLY A 590 16.58 12.27 -20.46
N ALA A 591 16.62 10.96 -20.74
CA ALA A 591 15.48 10.25 -21.29
C ALA A 591 14.60 9.64 -20.22
N GLY A 592 14.75 10.06 -18.97
CA GLY A 592 13.90 9.59 -17.90
C GLY A 592 12.85 10.62 -17.55
N ILE A 593 13.23 11.90 -17.63
CA ILE A 593 12.25 12.97 -17.48
C ILE A 593 11.32 13.01 -18.69
N VAL A 594 11.82 12.66 -19.87
CA VAL A 594 10.99 12.71 -21.07
C VAL A 594 9.97 11.58 -21.07
N ILE A 595 10.37 10.39 -20.64
CA ILE A 595 9.39 9.30 -20.47
C ILE A 595 8.38 9.68 -19.40
N ALA A 596 8.79 10.48 -18.41
CA ALA A 596 7.86 10.92 -17.38
C ALA A 596 7.04 12.12 -17.85
N ALA A 597 7.67 13.08 -18.53
CA ALA A 597 6.91 14.21 -19.08
C ALA A 597 5.90 13.75 -20.11
N PHE A 598 6.21 12.70 -20.86
CA PHE A 598 5.25 12.08 -21.78
C PHE A 598 4.24 11.21 -21.06
N SER A 599 4.36 11.06 -19.74
CA SER A 599 3.40 10.31 -18.95
C SER A 599 2.37 11.20 -18.28
N THR A 600 2.75 12.42 -17.90
CA THR A 600 1.76 13.37 -17.41
C THR A 600 0.77 13.73 -18.49
N ILE A 601 1.24 13.81 -19.74
CA ILE A 601 0.33 14.04 -20.87
C ILE A 601 -0.64 12.88 -20.99
N PHE A 602 -0.15 11.66 -20.85
CA PHE A 602 -1.03 10.49 -20.93
C PHE A 602 -2.02 10.46 -19.78
N GLY A 603 -1.55 10.73 -18.56
CA GLY A 603 -2.46 10.75 -17.43
C GLY A 603 -3.47 11.88 -17.52
N PHE A 604 -3.00 13.09 -17.82
CA PHE A 604 -3.90 14.24 -17.92
C PHE A 604 -4.85 14.11 -19.10
N ALA A 605 -4.54 13.27 -20.08
CA ALA A 605 -5.47 13.05 -21.18
C ALA A 605 -6.44 11.92 -20.91
N MET A 606 -6.02 10.88 -20.18
CA MET A 606 -6.95 9.83 -19.79
C MET A 606 -7.91 10.30 -18.72
N ILE A 607 -7.50 11.29 -17.92
CA ILE A 607 -8.41 11.85 -16.93
C ILE A 607 -9.51 12.66 -17.62
N TRP A 608 -9.12 13.58 -18.50
CA TRP A 608 -10.06 14.50 -19.13
C TRP A 608 -10.60 13.97 -20.45
N HIS A 609 -10.49 12.67 -20.70
CA HIS A 609 -11.07 12.04 -21.87
C HIS A 609 -10.62 12.73 -23.17
N ILE A 610 -9.33 13.01 -23.25
CA ILE A 610 -8.75 13.54 -24.47
C ILE A 610 -7.99 12.41 -25.15
N TRP A 611 -8.67 11.70 -26.05
CA TRP A 611 -8.13 10.44 -26.55
C TRP A 611 -7.02 10.66 -27.56
N TRP A 612 -7.17 11.66 -28.45
CA TRP A 612 -6.11 11.94 -29.41
C TRP A 612 -4.82 12.33 -28.71
N LEU A 613 -4.92 12.85 -27.48
CA LEU A 613 -3.75 13.21 -26.70
C LEU A 613 -3.25 12.06 -25.83
N ALA A 614 -4.16 11.22 -25.33
CA ALA A 614 -3.74 10.03 -24.59
C ALA A 614 -2.96 9.10 -25.49
N ILE A 615 -3.39 8.94 -26.74
CA ILE A 615 -2.66 8.12 -27.69
C ILE A 615 -1.26 8.67 -27.91
N VAL A 616 -1.14 9.99 -28.07
CA VAL A 616 0.17 10.59 -28.32
C VAL A 616 1.07 10.44 -27.11
N GLY A 617 0.53 10.63 -25.91
CA GLY A 617 1.34 10.46 -24.71
C GLY A 617 1.80 9.03 -24.52
N PHE A 618 0.90 8.06 -24.74
CA PHE A 618 1.26 6.66 -24.61
C PHE A 618 2.32 6.28 -25.64
N ALA A 619 2.18 6.76 -26.87
CA ALA A 619 3.20 6.50 -27.88
C ALA A 619 4.53 7.12 -27.48
N GLY A 620 4.51 8.36 -27.00
CA GLY A 620 5.73 9.01 -26.56
C GLY A 620 6.40 8.32 -25.38
N MET A 621 5.62 7.60 -24.57
CA MET A 621 6.22 6.80 -23.52
C MET A 621 6.85 5.52 -24.06
N ILE A 622 6.44 5.05 -25.23
CA ILE A 622 6.99 3.84 -25.82
C ILE A 622 7.65 4.18 -27.15
N ILE A 623 8.05 5.44 -27.30
CA ILE A 623 8.98 5.85 -28.34
C ILE A 623 10.28 6.37 -27.76
N THR A 624 10.19 7.17 -26.68
CA THR A 624 11.38 7.54 -25.92
C THR A 624 12.00 6.32 -25.22
N TRP A 625 11.26 5.22 -25.13
CA TRP A 625 11.76 3.99 -24.56
C TRP A 625 12.39 3.09 -25.62
N ILE A 626 11.85 3.09 -26.84
CA ILE A 626 12.47 2.33 -27.92
C ILE A 626 13.79 2.97 -28.33
N VAL A 627 13.82 4.30 -28.43
CA VAL A 627 15.06 4.99 -28.85
C VAL A 627 16.08 5.08 -27.73
N LYS A 628 15.67 4.84 -26.48
CA LYS A 628 16.65 4.77 -25.40
C LYS A 628 17.47 3.50 -25.47
N SER A 629 16.95 2.44 -26.10
CA SER A 629 17.71 1.21 -26.25
C SER A 629 18.75 1.32 -27.35
N PHE A 630 18.49 2.11 -28.39
CA PHE A 630 19.47 2.34 -29.44
C PHE A 630 20.58 3.28 -28.99
N ASP A 631 20.52 3.80 -27.77
CA ASP A 631 21.55 4.70 -27.26
C ASP A 631 22.71 3.88 -26.72
N GLU A 632 23.73 3.68 -27.55
CA GLU A 632 24.88 2.86 -27.19
C GLU A 632 25.98 3.77 -26.64
N ASP A 633 25.61 4.58 -25.64
CA ASP A 633 26.59 5.32 -24.85
C ASP A 633 25.92 5.63 -23.51
N VAL A 634 26.17 4.80 -22.51
CA VAL A 634 25.46 4.93 -21.24
C VAL A 634 26.43 4.82 -20.07
N ASP A 635 27.73 4.88 -20.36
CA ASP A 635 28.72 4.74 -19.30
C ASP A 635 30.01 5.42 -19.73
N TYR A 636 30.77 5.89 -18.74
CA TYR A 636 32.04 6.54 -19.00
C TYR A 636 33.02 6.19 -17.88
N TYR A 637 34.30 6.18 -18.24
CA TYR A 637 35.36 5.84 -17.30
C TYR A 637 35.89 7.12 -16.65
N VAL A 638 35.69 7.23 -15.34
CA VAL A 638 36.27 8.31 -14.54
C VAL A 638 37.76 8.06 -14.43
N PRO A 639 38.59 8.94 -14.98
CA PRO A 639 40.03 8.69 -15.00
C PRO A 639 40.65 8.79 -13.61
N VAL A 640 41.90 8.35 -13.52
CA VAL A 640 42.58 8.25 -12.24
C VAL A 640 43.01 9.61 -11.69
N ALA A 641 43.18 10.61 -12.55
CA ALA A 641 43.63 11.92 -12.07
C ALA A 641 42.59 12.58 -11.18
N GLU A 642 41.32 12.54 -11.58
CA GLU A 642 40.27 13.15 -10.78
C GLU A 642 40.09 12.42 -9.45
N ILE A 643 40.19 11.09 -9.47
CA ILE A 643 40.13 10.30 -8.24
C ILE A 643 41.27 10.69 -7.32
N GLU A 644 42.48 10.80 -7.87
CA GLU A 644 43.63 11.22 -7.08
C GLU A 644 43.39 12.58 -6.45
N LYS A 645 42.89 13.53 -7.24
CA LYS A 645 42.65 14.87 -6.73
C LYS A 645 41.65 14.85 -5.58
N LEU A 646 40.51 14.18 -5.78
CA LEU A 646 39.48 14.14 -4.73
C LEU A 646 39.99 13.46 -3.47
N GLU A 647 40.66 12.32 -3.63
CA GLU A 647 41.14 11.58 -2.47
C GLU A 647 42.23 12.34 -1.73
N ASN A 648 43.09 13.06 -2.45
CA ASN A 648 44.11 13.86 -1.79
C ASN A 648 43.48 15.04 -1.06
N GLN A 649 42.46 15.66 -1.65
CA GLN A 649 41.71 16.70 -0.94
C GLN A 649 41.14 16.15 0.37
N HIS A 650 40.50 14.99 0.30
CA HIS A 650 39.87 14.42 1.48
C HIS A 650 40.91 14.05 2.54
N PHE A 651 42.01 13.44 2.12
CA PHE A 651 43.04 13.06 3.08
C PHE A 651 43.74 14.27 3.67
N ASP A 652 43.87 15.36 2.90
CA ASP A 652 44.36 16.61 3.45
C ASP A 652 43.43 17.12 4.53
N GLU A 653 42.13 17.18 4.23
CA GLU A 653 41.15 17.62 5.22
C GLU A 653 41.21 16.77 6.49
N ILE A 654 41.44 15.46 6.33
CA ILE A 654 41.53 14.59 7.49
C ILE A 654 42.80 14.89 8.29
N THR A 655 43.96 14.77 7.66
CA THR A 655 45.22 14.86 8.38
C THR A 655 45.50 16.26 8.91
N LYS A 656 44.86 17.30 8.37
CA LYS A 656 45.05 18.63 8.90
C LYS A 656 44.21 18.90 10.14
N ALA A 657 43.34 17.97 10.53
CA ALA A 657 42.48 18.10 11.69
C ALA A 657 42.52 16.84 12.53
N GLY A 658 43.72 16.33 12.77
CA GLY A 658 43.90 15.13 13.57
C GLY A 658 44.78 15.33 14.78
N LEU B 22 -8.46 6.45 24.92
CA LEU B 22 -7.74 6.14 26.16
C LEU B 22 -8.35 6.90 27.34
N SER B 23 -9.60 7.32 27.20
CA SER B 23 -10.26 8.09 28.24
C SER B 23 -11.77 7.95 28.06
N GLY B 24 -12.51 8.58 28.96
CA GLY B 24 -13.96 8.58 28.90
C GLY B 24 -14.59 7.61 29.89
N CYS B 25 -15.08 8.14 31.02
CA CYS B 25 -15.75 7.32 32.02
C CYS B 25 -17.26 7.31 31.86
N ASN B 26 -17.83 8.32 31.22
CA ASN B 26 -19.25 8.37 30.89
C ASN B 26 -19.45 8.44 29.38
N SER B 27 -18.51 7.87 28.62
CA SER B 27 -18.59 7.88 27.17
C SER B 27 -19.50 6.75 26.70
N ALA B 28 -19.49 6.48 25.39
CA ALA B 28 -20.37 5.47 24.84
C ALA B 28 -19.80 4.07 25.03
N LEU B 29 -18.60 3.82 24.49
CA LEU B 29 -18.05 2.47 24.52
C LEU B 29 -17.57 2.04 25.90
N LEU B 30 -17.25 2.99 26.78
CA LEU B 30 -16.83 2.68 28.14
C LEU B 30 -17.96 2.81 29.15
N ASP B 31 -19.18 3.06 28.68
CA ASP B 31 -20.36 2.98 29.54
C ASP B 31 -21.54 2.50 28.70
N PRO B 32 -21.47 1.31 28.12
CA PRO B 32 -22.55 0.87 27.23
C PRO B 32 -23.81 0.53 28.01
N LYS B 33 -24.92 0.48 27.28
CA LYS B 33 -26.21 0.08 27.84
C LYS B 33 -26.76 -1.17 27.17
N GLY B 34 -25.92 -1.93 26.49
CA GLY B 34 -26.33 -3.16 25.88
C GLY B 34 -25.41 -4.31 26.28
N GLN B 35 -25.90 -5.53 26.05
CA GLN B 35 -25.11 -6.71 26.39
C GLN B 35 -24.00 -6.95 25.38
N ILE B 36 -24.26 -6.68 24.10
CA ILE B 36 -23.19 -6.77 23.11
C ILE B 36 -22.16 -5.67 23.36
N GLY B 37 -22.58 -4.55 23.92
CA GLY B 37 -21.64 -3.48 24.22
C GLY B 37 -20.95 -3.65 25.55
N LEU B 38 -21.64 -4.25 26.52
CA LEU B 38 -21.06 -4.42 27.84
C LEU B 38 -20.00 -5.53 27.86
N GLU B 39 -20.13 -6.51 26.97
CA GLU B 39 -19.14 -7.58 26.86
C GLU B 39 -17.97 -7.21 25.97
N GLN B 40 -18.05 -6.09 25.25
CA GLN B 40 -16.89 -5.56 24.55
C GLN B 40 -16.10 -4.57 25.38
N ARG B 41 -16.74 -3.87 26.32
CA ARG B 41 -16.01 -3.04 27.26
C ARG B 41 -15.10 -3.90 28.14
N SER B 42 -15.64 -4.96 28.73
CA SER B 42 -14.84 -5.87 29.50
C SER B 42 -13.79 -6.59 28.66
N LEU B 43 -13.84 -6.44 27.34
CA LEU B 43 -12.81 -6.98 26.46
C LEU B 43 -11.73 -5.95 26.16
N ILE B 44 -12.13 -4.68 26.01
CA ILE B 44 -11.13 -3.62 25.80
C ILE B 44 -10.32 -3.41 27.07
N LEU B 45 -10.97 -3.48 28.23
CA LEU B 45 -10.25 -3.32 29.49
C LEU B 45 -9.40 -4.54 29.84
N THR B 46 -9.64 -5.67 29.19
CA THR B 46 -8.76 -6.82 29.39
C THR B 46 -7.50 -6.71 28.53
N ALA B 47 -7.66 -6.32 27.26
CA ALA B 47 -6.50 -6.04 26.43
C ALA B 47 -5.69 -4.86 26.99
N PHE B 48 -6.38 -3.81 27.41
CA PHE B 48 -5.73 -2.70 28.11
C PHE B 48 -5.38 -3.12 29.53
N GLY B 49 -4.21 -3.72 29.70
CA GLY B 49 -3.82 -4.32 30.96
C GLY B 49 -3.10 -5.61 30.72
N LEU B 50 -3.47 -6.30 29.64
CA LEU B 50 -2.64 -7.38 29.11
C LEU B 50 -1.51 -6.84 28.25
N MET B 51 -1.53 -5.55 27.91
CA MET B 51 -0.47 -4.92 27.15
C MET B 51 0.30 -3.88 27.96
N LEU B 52 -0.25 -3.40 29.07
CA LEU B 52 0.51 -2.59 30.00
C LEU B 52 1.57 -3.38 30.75
N ILE B 53 1.68 -4.68 30.49
CA ILE B 53 2.76 -5.48 31.05
C ILE B 53 4.03 -5.34 30.21
N VAL B 54 3.89 -5.01 28.92
CA VAL B 54 5.03 -4.85 28.03
C VAL B 54 5.12 -3.46 27.43
N VAL B 55 4.24 -2.54 27.84
CA VAL B 55 4.27 -1.17 27.38
C VAL B 55 4.66 -0.20 28.48
N ILE B 56 4.15 -0.42 29.70
CA ILE B 56 4.60 0.39 30.84
C ILE B 56 6.08 0.20 31.11
N PRO B 57 6.67 -1.02 31.03
CA PRO B 57 8.13 -1.12 31.13
C PRO B 57 8.83 -0.51 29.93
N ALA B 58 8.33 -0.79 28.72
CA ALA B 58 8.99 -0.29 27.51
C ALA B 58 9.01 1.23 27.45
N ILE B 59 8.03 1.88 28.06
CA ILE B 59 8.06 3.35 28.13
C ILE B 59 8.85 3.80 29.35
N LEU B 60 8.81 3.05 30.45
CA LEU B 60 9.61 3.40 31.62
C LEU B 60 11.09 3.14 31.38
N MET B 61 11.42 2.08 30.63
CA MET B 61 12.83 1.79 30.35
C MET B 61 13.43 2.81 29.39
N ALA B 62 12.65 3.28 28.42
CA ALA B 62 13.16 4.28 27.48
C ALA B 62 13.50 5.59 28.17
N VAL B 63 12.91 5.83 29.34
CA VAL B 63 13.21 7.05 30.09
C VAL B 63 14.26 6.79 31.17
N GLY B 64 14.23 5.62 31.81
CA GLY B 64 15.19 5.34 32.86
C GLY B 64 16.56 4.96 32.35
N PHE B 65 16.64 4.47 31.11
CA PHE B 65 17.93 4.16 30.51
C PHE B 65 18.54 5.37 29.82
N ALA B 66 17.71 6.26 29.27
CA ALA B 66 18.22 7.48 28.67
C ALA B 66 18.75 8.46 29.72
N TRP B 67 18.32 8.33 30.97
CA TRP B 67 18.76 9.22 32.03
C TRP B 67 19.92 8.65 32.84
N LYS B 68 19.87 7.37 33.18
CA LYS B 68 20.90 6.80 34.06
C LYS B 68 22.24 6.70 33.35
N TYR B 69 22.25 6.66 32.02
CA TYR B 69 23.46 6.41 31.24
C TYR B 69 23.61 7.45 30.13
N ARG B 70 23.46 8.73 30.46
CA ARG B 70 23.30 9.67 29.35
C ARG B 70 24.63 10.08 28.72
N ALA B 71 25.39 10.98 29.36
CA ALA B 71 26.73 11.28 28.85
C ALA B 71 27.69 11.58 29.98
N SER B 72 27.16 12.09 31.09
CA SER B 72 27.96 12.64 32.17
C SER B 72 27.83 11.85 33.45
N ASN B 73 26.96 10.84 33.49
CA ASN B 73 26.84 9.98 34.65
C ASN B 73 28.05 9.05 34.72
N LYS B 74 29.13 9.50 35.36
CA LYS B 74 30.28 8.64 35.58
C LYS B 74 30.07 7.80 36.84
N ASP B 75 28.91 7.14 36.93
CA ASP B 75 28.59 6.32 38.08
C ASP B 75 27.96 4.99 37.68
N ALA B 76 27.88 4.69 36.39
CA ALA B 76 27.33 3.44 35.90
C ALA B 76 28.42 2.68 35.13
N LYS B 77 28.03 1.56 34.53
CA LYS B 77 28.94 0.72 33.79
C LYS B 77 28.79 1.01 32.30
N TYR B 78 29.90 1.34 31.65
CA TYR B 78 29.91 1.60 30.21
C TYR B 78 30.58 0.41 29.52
N SER B 79 29.79 -0.40 28.84
CA SER B 79 30.26 -1.62 28.18
C SER B 79 29.89 -1.55 26.70
N PRO B 80 30.71 -0.91 25.87
CA PRO B 80 30.42 -0.88 24.44
C PRO B 80 30.95 -2.11 23.71
N ASN B 81 30.72 -3.29 24.29
CA ASN B 81 31.13 -4.55 23.70
C ASN B 81 30.12 -5.64 24.00
N TRP B 82 28.88 -5.26 24.27
CA TRP B 82 27.87 -6.14 24.87
C TRP B 82 26.66 -6.18 23.94
N SER B 83 26.63 -7.19 23.07
CA SER B 83 25.50 -7.38 22.17
C SER B 83 24.74 -8.67 22.44
N HIS B 84 25.42 -9.81 22.44
CA HIS B 84 24.77 -11.11 22.56
C HIS B 84 24.64 -11.51 24.02
N SER B 85 23.41 -11.63 24.49
CA SER B 85 23.11 -12.23 25.79
C SER B 85 22.00 -13.26 25.59
N ASN B 86 21.73 -14.03 26.62
CA ASN B 86 20.66 -15.01 26.53
C ASN B 86 19.62 -14.87 27.63
N LYS B 87 20.05 -14.52 28.86
CA LYS B 87 19.07 -14.28 29.92
C LYS B 87 18.23 -13.04 29.64
N VAL B 88 18.73 -12.13 28.80
CA VAL B 88 18.00 -10.92 28.43
C VAL B 88 17.46 -10.98 27.02
N GLU B 89 17.75 -12.05 26.28
CA GLU B 89 17.21 -12.23 24.94
C GLU B 89 16.07 -13.22 24.89
N ALA B 90 16.06 -14.22 25.79
CA ALA B 90 15.00 -15.20 25.83
C ALA B 90 13.82 -14.75 26.69
N VAL B 91 14.08 -14.04 27.78
CA VAL B 91 12.98 -13.51 28.59
C VAL B 91 12.36 -12.29 27.93
N VAL B 92 13.03 -11.68 26.97
CA VAL B 92 12.45 -10.56 26.24
C VAL B 92 11.72 -11.02 24.99
N TRP B 93 11.97 -12.25 24.53
CA TRP B 93 11.24 -12.83 23.41
C TRP B 93 10.31 -13.95 23.86
N THR B 94 9.88 -13.89 25.12
CA THR B 94 8.87 -14.80 25.64
C THR B 94 7.75 -14.11 26.40
N VAL B 95 7.94 -12.89 26.86
CA VAL B 95 6.87 -12.12 27.50
C VAL B 95 5.90 -11.64 26.43
N PRO B 96 6.36 -11.08 25.29
CA PRO B 96 5.42 -10.87 24.19
C PRO B 96 4.68 -12.13 23.76
N ILE B 97 5.36 -13.28 23.77
CA ILE B 97 4.71 -14.53 23.39
C ILE B 97 3.70 -14.95 24.45
N LEU B 98 4.13 -15.00 25.72
CA LEU B 98 3.23 -15.41 26.79
C LEU B 98 2.07 -14.44 26.97
N ILE B 99 2.17 -13.23 26.41
CA ILE B 99 1.05 -12.29 26.42
C ILE B 99 0.13 -12.52 25.23
N ILE B 100 0.68 -12.55 24.02
CA ILE B 100 -0.13 -12.73 22.82
C ILE B 100 -0.87 -14.06 22.85
N ILE B 101 -0.30 -15.08 23.48
CA ILE B 101 -0.97 -16.38 23.55
C ILE B 101 -2.29 -16.27 24.30
N PHE B 102 -2.25 -15.69 25.51
CA PHE B 102 -3.50 -15.48 26.24
C PHE B 102 -4.35 -14.38 25.62
N LEU B 103 -3.73 -13.47 24.86
CA LEU B 103 -4.51 -12.49 24.11
C LEU B 103 -5.05 -13.06 22.81
N ALA B 104 -4.68 -14.28 22.45
CA ALA B 104 -5.18 -14.94 21.24
C ALA B 104 -6.34 -15.88 21.54
N VAL B 105 -6.26 -16.66 22.61
CA VAL B 105 -7.39 -17.51 22.99
C VAL B 105 -8.57 -16.65 23.42
N LEU B 106 -8.29 -15.53 24.09
CA LEU B 106 -9.34 -14.57 24.41
C LEU B 106 -9.96 -14.01 23.13
N THR B 107 -9.13 -13.69 22.15
CA THR B 107 -9.62 -13.19 20.87
C THR B 107 -10.55 -14.22 20.22
N TRP B 108 -10.13 -15.49 20.20
CA TRP B 108 -10.94 -16.54 19.59
C TRP B 108 -12.27 -16.68 20.31
N LYS B 109 -12.24 -16.79 21.64
CA LYS B 109 -13.47 -16.98 22.41
C LYS B 109 -14.43 -15.81 22.22
N THR B 110 -13.91 -14.58 22.26
CA THR B 110 -14.79 -13.41 22.12
C THR B 110 -15.31 -13.28 20.70
N THR B 111 -14.50 -13.62 19.71
CA THR B 111 -14.95 -13.52 18.32
C THR B 111 -16.04 -14.54 18.03
N HIS B 112 -15.93 -15.74 18.59
CA HIS B 112 -17.00 -16.72 18.43
C HIS B 112 -18.16 -16.50 19.39
N ALA B 113 -18.16 -15.39 20.13
CA ALA B 113 -19.25 -15.04 21.02
C ALA B 113 -19.84 -13.67 20.75
N LEU B 114 -19.09 -12.75 20.14
CA LEU B 114 -19.57 -11.43 19.78
C LEU B 114 -19.80 -11.28 18.29
N GLU B 115 -19.89 -12.39 17.57
CA GLU B 115 -20.14 -12.35 16.14
C GLU B 115 -21.50 -11.68 15.87
N PRO B 116 -21.58 -10.80 14.88
CA PRO B 116 -22.87 -10.15 14.60
C PRO B 116 -23.96 -11.14 14.22
N SER B 117 -23.61 -12.16 13.43
CA SER B 117 -24.61 -13.10 12.95
C SER B 117 -25.19 -13.96 14.08
N LYS B 118 -24.40 -14.20 15.12
CA LYS B 118 -24.80 -15.13 16.18
C LYS B 118 -26.00 -14.58 16.94
N PRO B 119 -27.14 -15.30 16.95
CA PRO B 119 -28.32 -14.78 17.64
C PRO B 119 -28.11 -14.72 19.15
N LEU B 120 -28.73 -13.71 19.76
CA LEU B 120 -28.63 -13.53 21.21
C LEU B 120 -29.47 -14.57 21.93
N ALA B 121 -28.97 -15.00 23.09
CA ALA B 121 -29.66 -15.98 23.92
C ALA B 121 -30.56 -15.26 24.92
N HIS B 122 -31.87 -15.48 24.79
CA HIS B 122 -32.85 -14.81 25.64
C HIS B 122 -34.19 -15.49 25.45
N ASP B 123 -35.02 -15.44 26.48
CA ASP B 123 -36.35 -16.04 26.43
C ASP B 123 -37.41 -15.04 25.97
N GLU B 124 -37.15 -14.40 24.83
CA GLU B 124 -38.06 -13.40 24.28
C GLU B 124 -37.78 -13.29 22.79
N LYS B 125 -38.85 -13.27 21.99
CA LYS B 125 -38.69 -13.28 20.53
C LYS B 125 -38.00 -12.01 20.05
N PRO B 126 -37.06 -12.12 19.12
CA PRO B 126 -36.40 -10.91 18.61
C PRO B 126 -37.33 -10.09 17.74
N ILE B 127 -37.18 -8.76 17.83
CA ILE B 127 -37.93 -7.83 17.01
C ILE B 127 -37.09 -7.54 15.78
N THR B 128 -37.46 -8.14 14.65
CA THR B 128 -36.68 -7.98 13.43
C THR B 128 -36.89 -6.59 12.84
N ILE B 129 -35.79 -5.89 12.60
CA ILE B 129 -35.79 -4.58 11.97
C ILE B 129 -34.91 -4.66 10.74
N GLU B 130 -35.42 -4.21 9.59
CA GLU B 130 -34.70 -4.28 8.33
C GLU B 130 -34.21 -2.88 7.99
N VAL B 131 -32.89 -2.74 7.89
CA VAL B 131 -32.26 -1.42 7.79
C VAL B 131 -31.75 -1.25 6.36
N VAL B 132 -32.35 -0.32 5.63
CA VAL B 132 -31.88 0.07 4.31
C VAL B 132 -31.20 1.43 4.44
N SER B 133 -29.92 1.47 4.10
CA SER B 133 -29.14 2.71 4.20
C SER B 133 -29.29 3.46 2.88
N MET B 134 -30.24 4.39 2.84
CA MET B 134 -30.50 5.15 1.63
C MET B 134 -29.41 6.21 1.45
N ASP B 135 -29.59 7.10 0.50
CA ASP B 135 -28.62 8.17 0.24
C ASP B 135 -28.76 9.22 1.34
N TRP B 136 -27.93 9.08 2.38
CA TRP B 136 -27.81 10.06 3.45
C TRP B 136 -29.07 10.13 4.30
N LYS B 137 -29.67 8.97 4.56
CA LYS B 137 -30.81 8.79 5.44
C LYS B 137 -31.01 7.31 5.63
N TRP B 138 -31.38 6.90 6.84
CA TRP B 138 -31.64 5.50 7.16
C TRP B 138 -33.13 5.21 7.03
N PHE B 139 -33.45 3.96 6.70
CA PHE B 139 -34.83 3.54 6.50
C PHE B 139 -35.04 2.21 7.22
N PHE B 140 -35.84 2.23 8.27
CA PHE B 140 -36.04 1.05 9.12
C PHE B 140 -37.44 0.50 8.87
N ILE B 141 -37.51 -0.74 8.38
CA ILE B 141 -38.76 -1.42 8.10
C ILE B 141 -39.03 -2.41 9.22
N TYR B 142 -40.26 -2.43 9.70
CA TYR B 142 -40.72 -3.45 10.64
C TYR B 142 -41.62 -4.42 9.90
N PRO B 143 -41.11 -5.59 9.50
CA PRO B 143 -41.92 -6.47 8.65
C PRO B 143 -43.08 -7.12 9.38
N GLU B 144 -43.01 -7.25 10.71
CA GLU B 144 -44.11 -7.86 11.45
C GLU B 144 -45.21 -6.85 11.74
N GLN B 145 -44.85 -5.69 12.29
CA GLN B 145 -45.86 -4.69 12.61
C GLN B 145 -46.40 -4.02 11.35
N GLY B 146 -45.55 -3.86 10.34
CA GLY B 146 -45.95 -3.22 9.09
C GLY B 146 -45.54 -1.77 8.95
N ILE B 147 -44.96 -1.17 9.99
CA ILE B 147 -44.52 0.21 9.92
C ILE B 147 -43.10 0.26 9.37
N ALA B 148 -42.74 1.42 8.83
CA ALA B 148 -41.40 1.60 8.26
C ALA B 148 -41.01 3.06 8.44
N THR B 149 -40.23 3.34 9.48
CA THR B 149 -39.83 4.70 9.82
C THR B 149 -38.41 4.97 9.35
N VAL B 150 -38.11 6.24 9.09
CA VAL B 150 -36.80 6.67 8.64
C VAL B 150 -36.13 7.46 9.76
N ASN B 151 -34.86 7.16 10.01
CA ASN B 151 -34.04 7.87 10.99
C ASN B 151 -34.55 7.71 12.42
N GLU B 152 -35.24 6.61 12.71
CA GLU B 152 -35.66 6.32 14.08
C GLU B 152 -36.12 4.88 14.24
N ILE B 153 -35.60 4.20 15.27
CA ILE B 153 -36.06 2.86 15.63
C ILE B 153 -36.62 2.91 17.05
N ALA B 154 -37.26 1.81 17.43
CA ALA B 154 -37.79 1.67 18.78
C ALA B 154 -37.96 0.18 19.06
N PHE B 155 -37.60 -0.23 20.27
CA PHE B 155 -37.71 -1.63 20.66
C PHE B 155 -37.70 -1.70 22.18
N PRO B 156 -38.37 -2.69 22.77
CA PRO B 156 -38.42 -2.78 24.23
C PRO B 156 -37.05 -3.09 24.82
N ALA B 157 -36.82 -2.57 26.03
CA ALA B 157 -35.62 -2.91 26.76
C ALA B 157 -35.68 -4.36 27.23
N ASN B 158 -34.50 -4.97 27.38
CA ASN B 158 -34.38 -6.39 27.74
C ASN B 158 -35.11 -7.27 26.72
N THR B 159 -34.84 -7.01 25.45
CA THR B 159 -35.45 -7.76 24.36
C THR B 159 -34.53 -7.72 23.14
N PRO B 160 -34.07 -8.88 22.66
CA PRO B 160 -33.16 -8.90 21.52
C PRO B 160 -33.82 -8.34 20.27
N VAL B 161 -32.99 -7.76 19.40
CA VAL B 161 -33.44 -7.27 18.11
C VAL B 161 -32.61 -7.91 17.01
N TYR B 162 -33.17 -7.94 15.81
CA TYR B 162 -32.61 -8.64 14.66
C TYR B 162 -32.51 -7.63 13.52
N PHE B 163 -31.37 -6.97 13.40
CA PHE B 163 -31.16 -6.00 12.34
C PHE B 163 -30.68 -6.73 11.08
N LYS B 164 -31.47 -6.66 10.01
CA LYS B 164 -31.08 -7.19 8.71
C LYS B 164 -30.70 -5.99 7.85
N VAL B 165 -29.44 -5.57 7.95
CA VAL B 165 -28.98 -4.32 7.37
C VAL B 165 -28.62 -4.53 5.90
N THR B 166 -29.01 -3.58 5.07
CA THR B 166 -28.70 -3.57 3.64
C THR B 166 -28.46 -2.13 3.22
N SER B 167 -28.30 -1.90 1.92
CA SER B 167 -28.12 -0.56 1.39
C SER B 167 -28.82 -0.43 0.05
N ASN B 168 -29.20 0.80 -0.28
CA ASN B 168 -29.76 1.15 -1.57
C ASN B 168 -28.78 1.97 -2.39
N SER B 169 -27.56 2.15 -1.90
CA SER B 169 -26.61 3.13 -2.40
C SER B 169 -25.21 2.66 -1.98
N VAL B 170 -24.25 3.58 -2.00
CA VAL B 170 -22.89 3.24 -1.64
C VAL B 170 -22.83 2.65 -0.23
N MET B 171 -21.75 1.92 0.05
CA MET B 171 -21.65 1.11 1.26
C MET B 171 -21.63 1.98 2.51
N ASN B 172 -22.58 1.78 3.39
CA ASN B 172 -22.66 2.47 4.67
C ASN B 172 -22.28 1.50 5.79
N SER B 173 -22.43 1.93 7.03
CA SER B 173 -22.13 1.06 8.18
C SER B 173 -23.10 1.39 9.30
N PHE B 174 -24.05 0.48 9.55
CA PHE B 174 -24.98 0.64 10.66
C PHE B 174 -24.23 0.51 11.97
N PHE B 175 -24.37 1.52 12.83
CA PHE B 175 -23.61 1.58 14.08
C PHE B 175 -24.46 2.25 15.14
N ILE B 176 -24.65 1.58 16.27
CA ILE B 176 -25.19 2.17 17.47
C ILE B 176 -24.12 2.08 18.55
N PRO B 177 -23.37 3.17 18.80
CA PRO B 177 -22.17 3.04 19.63
C PRO B 177 -22.44 2.63 21.06
N ARG B 178 -23.50 3.12 21.67
CA ARG B 178 -23.75 2.84 23.08
C ARG B 178 -24.33 1.45 23.29
N LEU B 179 -24.90 0.82 22.26
CA LEU B 179 -25.52 -0.48 22.42
C LEU B 179 -24.65 -1.65 22.01
N GLY B 180 -23.68 -1.45 21.12
CA GLY B 180 -22.82 -2.55 20.75
C GLY B 180 -22.09 -2.40 19.42
N SER B 181 -22.02 -3.50 18.68
CA SER B 181 -21.16 -3.58 17.50
C SER B 181 -21.79 -2.83 16.32
N GLN B 182 -21.05 -2.82 15.20
CA GLN B 182 -21.50 -2.23 13.95
C GLN B 182 -21.43 -3.27 12.86
N ILE B 183 -22.14 -3.02 11.77
CA ILE B 183 -22.13 -3.95 10.64
C ILE B 183 -22.28 -3.14 9.36
N TYR B 184 -21.50 -3.51 8.35
CA TYR B 184 -21.54 -2.79 7.08
C TYR B 184 -22.89 -3.00 6.38
N ALA B 185 -23.12 -2.19 5.35
CA ALA B 185 -24.37 -2.22 4.59
C ALA B 185 -24.03 -2.00 3.13
N MET B 186 -24.22 -3.04 2.31
CA MET B 186 -23.88 -3.02 0.90
C MET B 186 -25.15 -3.20 0.07
N ALA B 187 -25.05 -2.88 -1.22
CA ALA B 187 -26.26 -2.67 -2.00
C ALA B 187 -27.14 -3.91 -2.12
N GLY B 188 -26.71 -4.93 -2.86
CA GLY B 188 -27.45 -6.17 -2.79
C GLY B 188 -26.76 -7.16 -1.89
N MET B 189 -27.08 -7.12 -0.60
CA MET B 189 -26.44 -7.92 0.42
C MET B 189 -27.18 -7.77 1.74
N GLN B 190 -27.48 -8.87 2.41
CA GLN B 190 -28.12 -8.84 3.72
C GLN B 190 -27.09 -9.20 4.77
N THR B 191 -26.68 -8.22 5.56
CA THR B 191 -25.82 -8.44 6.71
C THR B 191 -26.68 -8.35 7.97
N ARG B 192 -26.38 -9.21 8.94
CA ARG B 192 -27.22 -9.38 10.12
C ARG B 192 -26.50 -8.86 11.36
N LEU B 193 -27.26 -8.23 12.25
CA LEU B 193 -26.75 -7.70 13.49
C LEU B 193 -27.73 -8.01 14.61
N HIS B 194 -27.20 -8.27 15.80
CA HIS B 194 -28.02 -8.58 16.97
C HIS B 194 -27.59 -7.67 18.11
N LEU B 195 -28.52 -6.87 18.60
CA LEU B 195 -28.28 -5.99 19.74
C LEU B 195 -29.36 -6.21 20.78
N ILE B 196 -29.16 -5.61 21.94
CA ILE B 196 -30.14 -5.67 23.03
C ILE B 196 -29.87 -4.53 23.98
N ALA B 197 -30.92 -3.84 24.40
CA ALA B 197 -30.79 -2.69 25.29
C ALA B 197 -31.19 -3.11 26.70
N ASN B 198 -30.19 -3.21 27.59
CA ASN B 198 -30.45 -3.60 28.97
C ASN B 198 -31.13 -2.51 29.78
N GLU B 199 -31.14 -1.27 29.29
CA GLU B 199 -31.72 -0.14 30.00
C GLU B 199 -32.42 0.77 29.01
N PRO B 200 -33.52 1.39 29.41
CA PRO B 200 -34.22 2.31 28.51
C PRO B 200 -33.46 3.61 28.33
N GLY B 201 -33.92 4.40 27.38
CA GLY B 201 -33.31 5.68 27.08
C GLY B 201 -33.52 6.02 25.61
N THR B 202 -32.62 6.84 25.07
CA THR B 202 -32.64 7.22 23.66
C THR B 202 -31.18 7.25 23.18
N TYR B 203 -30.75 6.12 22.62
CA TYR B 203 -29.35 5.94 22.25
C TYR B 203 -29.11 6.45 20.83
N ASP B 204 -28.03 7.21 20.68
CA ASP B 204 -27.71 7.78 19.38
C ASP B 204 -27.23 6.71 18.42
N GLY B 205 -27.51 6.93 17.13
CA GLY B 205 -26.98 6.08 16.09
C GLY B 205 -26.36 6.93 14.99
N ILE B 206 -25.45 6.31 14.25
CA ILE B 206 -24.70 7.00 13.20
C ILE B 206 -24.41 6.01 12.08
N SER B 207 -23.84 6.53 11.00
CA SER B 207 -23.25 5.71 9.94
C SER B 207 -21.74 5.69 10.17
N ALA B 208 -21.18 4.49 10.29
CA ALA B 208 -19.77 4.34 10.64
C ALA B 208 -18.89 4.14 9.41
N SER B 209 -19.39 4.48 8.24
CA SER B 209 -18.58 4.41 7.02
C SER B 209 -19.00 5.56 6.11
N TYR B 210 -18.01 6.25 5.56
CA TYR B 210 -18.28 7.42 4.73
C TYR B 210 -19.16 7.04 3.54
N SER B 211 -20.12 7.91 3.21
CA SER B 211 -21.12 7.59 2.21
C SER B 211 -21.36 8.71 1.20
N GLY B 212 -20.67 9.84 1.31
CA GLY B 212 -20.78 10.88 0.31
C GLY B 212 -21.13 12.25 0.87
N PRO B 213 -21.47 13.17 -0.02
CA PRO B 213 -21.73 14.56 0.39
C PRO B 213 -23.06 14.69 1.12
N GLY B 214 -23.05 14.49 2.42
CA GLY B 214 -24.27 14.46 3.21
C GLY B 214 -24.25 13.28 4.16
N PHE B 215 -23.09 12.64 4.25
CA PHE B 215 -22.91 11.53 5.18
C PHE B 215 -22.96 12.00 6.63
N SER B 216 -22.64 13.27 6.89
CA SER B 216 -22.66 13.82 8.23
C SER B 216 -24.07 14.01 8.78
N GLY B 217 -25.11 13.63 8.02
CA GLY B 217 -26.47 13.75 8.47
C GLY B 217 -27.21 12.45 8.68
N MET B 218 -26.53 11.31 8.57
CA MET B 218 -27.16 10.00 8.80
C MET B 218 -27.10 9.71 10.29
N LYS B 219 -27.99 10.35 11.04
CA LYS B 219 -28.01 10.29 12.50
C LYS B 219 -29.42 9.95 12.96
N PHE B 220 -29.63 8.71 13.38
CA PHE B 220 -30.91 8.28 13.91
C PHE B 220 -30.85 8.18 15.44
N LYS B 221 -32.01 7.93 16.04
CA LYS B 221 -32.13 7.83 17.49
C LYS B 221 -32.87 6.54 17.83
N ALA B 222 -32.22 5.65 18.57
CA ALA B 222 -32.79 4.36 18.93
C ALA B 222 -33.51 4.49 20.27
N ILE B 223 -34.79 4.82 20.21
CA ILE B 223 -35.59 4.98 21.42
C ILE B 223 -35.89 3.61 22.00
N ALA B 224 -35.22 3.25 23.09
CA ALA B 224 -35.46 2.00 23.78
C ALA B 224 -36.55 2.23 24.83
N THR B 225 -37.71 1.62 24.63
CA THR B 225 -38.83 1.85 25.53
C THR B 225 -38.63 1.10 26.85
N PRO B 226 -39.22 1.59 27.93
CA PRO B 226 -39.02 0.94 29.24
C PRO B 226 -39.70 -0.43 29.31
N ASP B 227 -40.82 -0.60 28.62
CA ASP B 227 -41.53 -1.87 28.56
C ASP B 227 -42.10 -2.07 27.16
N ARG B 228 -42.91 -3.12 27.01
CA ARG B 228 -43.52 -3.39 25.72
C ARG B 228 -44.75 -2.52 25.48
N ALA B 229 -45.51 -2.19 26.52
CA ALA B 229 -46.70 -1.36 26.35
C ALA B 229 -46.34 0.00 25.76
N ALA B 230 -45.17 0.54 26.10
CA ALA B 230 -44.74 1.81 25.52
C ALA B 230 -44.26 1.65 24.08
N PHE B 231 -43.82 0.45 23.69
CA PHE B 231 -43.43 0.23 22.31
C PHE B 231 -44.64 0.06 21.39
N ASP B 232 -45.68 -0.63 21.87
CA ASP B 232 -46.90 -0.77 21.09
C ASP B 232 -47.53 0.60 20.82
N GLN B 233 -47.47 1.50 21.80
CA GLN B 233 -47.99 2.84 21.62
C GLN B 233 -47.08 3.73 20.78
N TRP B 234 -45.85 3.28 20.49
CA TRP B 234 -45.01 3.95 19.51
C TRP B 234 -45.30 3.48 18.10
N VAL B 235 -45.52 2.18 17.92
CA VAL B 235 -46.04 1.68 16.66
C VAL B 235 -47.39 2.29 16.36
N ALA B 236 -48.20 2.52 17.39
CA ALA B 236 -49.50 3.16 17.19
C ALA B 236 -49.34 4.53 16.56
N LYS B 237 -48.50 5.39 17.16
CA LYS B 237 -48.26 6.71 16.57
C LYS B 237 -47.54 6.61 15.24
N ALA B 238 -46.83 5.51 14.99
CA ALA B 238 -46.21 5.32 13.68
C ALA B 238 -47.24 4.91 12.65
N LYS B 239 -48.21 4.08 13.03
CA LYS B 239 -49.28 3.70 12.11
C LYS B 239 -50.47 4.66 12.23
N GLN B 240 -50.19 5.96 12.18
CA GLN B 240 -51.20 7.00 12.18
C GLN B 240 -50.79 8.14 11.27
N SER B 241 -50.17 7.80 10.13
CA SER B 241 -49.62 8.84 9.28
C SER B 241 -50.22 8.77 7.87
N PRO B 242 -50.44 9.93 7.24
CA PRO B 242 -50.96 9.91 5.86
C PRO B 242 -50.00 9.27 4.87
N ASN B 243 -48.70 9.26 5.14
CA ASN B 243 -47.76 8.60 4.25
C ASN B 243 -48.06 7.10 4.18
N THR B 244 -47.57 6.47 3.12
CA THR B 244 -47.81 5.05 2.89
C THR B 244 -46.74 4.50 1.98
N MET B 245 -45.95 3.56 2.49
CA MET B 245 -44.90 2.89 1.71
C MET B 245 -45.45 1.52 1.30
N SER B 246 -46.28 1.53 0.25
CA SER B 246 -46.95 0.31 -0.18
C SER B 246 -46.64 -0.05 -1.63
N ASP B 247 -45.59 0.52 -2.20
CA ASP B 247 -45.22 0.22 -3.57
C ASP B 247 -43.74 0.51 -3.74
N MET B 248 -43.17 0.00 -4.83
CA MET B 248 -41.78 0.30 -5.15
C MET B 248 -41.61 1.73 -5.66
N ALA B 249 -42.61 2.25 -6.38
CA ALA B 249 -42.56 3.63 -6.83
C ALA B 249 -42.64 4.63 -5.69
N ALA B 250 -43.08 4.19 -4.50
CA ALA B 250 -43.00 5.03 -3.31
C ALA B 250 -41.66 4.90 -2.62
N PHE B 251 -40.99 3.76 -2.77
CA PHE B 251 -39.63 3.63 -2.26
C PHE B 251 -38.66 4.46 -3.08
N GLU B 252 -38.78 4.41 -4.41
CA GLU B 252 -37.93 5.24 -5.26
C GLU B 252 -38.18 6.72 -5.06
N LYS B 253 -39.34 7.10 -4.49
CA LYS B 253 -39.54 8.48 -4.12
C LYS B 253 -38.72 8.84 -2.89
N LEU B 254 -38.59 7.91 -1.94
CA LEU B 254 -37.69 8.09 -0.82
C LEU B 254 -36.29 7.60 -1.16
N ALA B 255 -35.80 8.02 -2.34
CA ALA B 255 -34.43 7.76 -2.72
C ALA B 255 -33.78 8.96 -3.40
N ALA B 256 -34.51 10.04 -3.64
CA ALA B 256 -33.92 11.26 -4.16
C ALA B 256 -32.86 11.75 -3.18
N PRO B 257 -31.62 11.94 -3.62
CA PRO B 257 -30.56 12.35 -2.70
C PRO B 257 -30.93 13.55 -1.85
N SER B 258 -31.08 13.33 -0.55
CA SER B 258 -31.45 14.36 0.39
C SER B 258 -30.57 14.21 1.62
N GLU B 259 -30.47 15.29 2.38
CA GLU B 259 -29.57 15.34 3.53
C GLU B 259 -30.34 15.79 4.76
N TYR B 260 -29.89 15.29 5.92
CA TYR B 260 -30.48 15.65 7.22
C TYR B 260 -31.97 15.36 7.27
N ASN B 261 -32.35 14.18 6.77
CA ASN B 261 -33.75 13.78 6.80
C ASN B 261 -34.23 13.63 8.23
N GLN B 262 -35.23 14.43 8.59
CA GLN B 262 -35.80 14.35 9.93
C GLN B 262 -36.63 13.07 10.07
N VAL B 263 -37.06 12.80 11.31
CA VAL B 263 -37.86 11.62 11.58
C VAL B 263 -39.15 11.68 10.76
N GLU B 264 -39.57 10.52 10.27
CA GLU B 264 -40.74 10.45 9.39
C GLU B 264 -41.34 9.06 9.49
N TYR B 265 -42.58 8.97 9.94
CA TYR B 265 -43.26 7.71 10.15
C TYR B 265 -44.13 7.39 8.95
N PHE B 266 -43.85 6.28 8.29
CA PHE B 266 -44.68 5.76 7.21
C PHE B 266 -45.79 4.90 7.82
N SER B 267 -46.42 4.08 7.00
CA SER B 267 -47.61 3.33 7.40
C SER B 267 -47.54 1.98 6.69
N ASN B 268 -48.70 1.31 6.59
CA ASN B 268 -48.80 -0.07 6.10
C ASN B 268 -47.85 -0.31 4.92
N VAL B 269 -46.98 -1.30 5.07
CA VAL B 269 -45.86 -1.49 4.17
C VAL B 269 -46.12 -2.71 3.29
N LYS B 270 -45.45 -2.73 2.14
CA LYS B 270 -45.54 -3.87 1.24
C LYS B 270 -44.81 -5.06 1.85
N PRO B 271 -45.46 -6.21 1.98
CA PRO B 271 -44.75 -7.40 2.46
C PRO B 271 -43.59 -7.73 1.53
N ASP B 272 -42.49 -8.18 2.14
CA ASP B 272 -41.26 -8.51 1.43
C ASP B 272 -40.70 -7.30 0.68
N LEU B 273 -40.75 -6.14 1.34
CA LEU B 273 -40.17 -4.93 0.74
C LEU B 273 -38.65 -4.93 0.87
N PHE B 274 -38.13 -5.29 2.05
CA PHE B 274 -36.70 -5.41 2.21
C PHE B 274 -36.11 -6.45 1.28
N ALA B 275 -36.89 -7.46 0.92
CA ALA B 275 -36.45 -8.44 -0.07
C ALA B 275 -36.53 -7.91 -1.49
N ASP B 276 -37.33 -6.87 -1.74
CA ASP B 276 -37.39 -6.27 -3.06
C ASP B 276 -36.31 -5.23 -3.28
N VAL B 277 -35.74 -4.67 -2.21
CA VAL B 277 -34.62 -3.76 -2.36
C VAL B 277 -33.38 -4.52 -2.78
N ILE B 278 -33.12 -5.66 -2.13
CA ILE B 278 -31.96 -6.47 -2.50
C ILE B 278 -32.18 -7.13 -3.85
N ASN B 279 -33.41 -7.51 -4.16
CA ASN B 279 -33.69 -8.15 -5.44
C ASN B 279 -33.88 -7.13 -6.55
N LYS B 280 -32.95 -6.17 -6.62
CA LYS B 280 -32.77 -5.37 -7.82
C LYS B 280 -31.31 -5.19 -8.20
N PHE B 281 -30.37 -5.37 -7.27
CA PHE B 281 -28.98 -5.57 -7.59
C PHE B 281 -28.62 -7.05 -7.72
N MET B 282 -29.63 -7.90 -7.94
CA MET B 282 -29.44 -9.34 -8.08
C MET B 282 -30.27 -9.90 -9.23
N ALA B 283 -30.50 -9.11 -10.26
CA ALA B 283 -31.31 -9.55 -11.39
C ALA B 283 -30.68 -9.14 -12.72
N ALA C 21 28.66 -6.59 -15.43
CA ALA C 21 27.68 -5.84 -16.20
C ALA C 21 26.40 -6.65 -16.37
N GLY C 22 26.38 -7.51 -17.38
CA GLY C 22 25.24 -8.39 -17.60
C GLY C 22 25.07 -9.39 -16.48
N GLY C 23 23.93 -10.08 -16.52
CA GLY C 23 23.55 -11.00 -15.46
C GLY C 23 22.91 -10.33 -14.27
N THR C 24 23.33 -9.11 -13.95
CA THR C 24 22.64 -8.33 -12.93
C THR C 24 21.29 -7.82 -13.45
N LYS C 25 21.22 -7.50 -14.74
CA LYS C 25 19.94 -7.09 -15.33
C LYS C 25 19.00 -8.28 -15.49
N ILE C 26 19.55 -9.45 -15.84
CA ILE C 26 18.72 -10.63 -15.99
C ILE C 26 18.08 -11.01 -14.66
N PHE C 27 18.83 -10.87 -13.56
CA PHE C 27 18.27 -11.15 -12.24
C PHE C 27 17.22 -10.11 -11.84
N GLY C 28 17.48 -8.83 -12.15
CA GLY C 28 16.48 -7.82 -11.91
C GLY C 28 15.22 -8.05 -12.73
N PHE C 29 15.40 -8.54 -13.96
CA PHE C 29 14.23 -8.85 -14.78
C PHE C 29 13.49 -10.08 -14.26
N TRP C 30 14.21 -11.04 -13.67
CA TRP C 30 13.54 -12.16 -13.04
C TRP C 30 12.73 -11.70 -11.83
N ILE C 31 13.26 -10.74 -11.07
CA ILE C 31 12.50 -10.20 -9.94
C ILE C 31 11.26 -9.47 -10.44
N TYR C 32 11.41 -8.70 -11.52
CA TYR C 32 10.24 -8.09 -12.16
C TYR C 32 9.24 -9.15 -12.60
N LEU C 33 9.73 -10.27 -13.13
CA LEU C 33 8.83 -11.35 -13.51
C LEU C 33 8.11 -11.95 -12.31
N MET C 34 8.75 -11.93 -11.14
CA MET C 34 8.04 -12.39 -9.94
C MET C 34 6.94 -11.41 -9.55
N SER C 35 7.23 -10.11 -9.61
CA SER C 35 6.18 -9.12 -9.42
C SER C 35 5.05 -9.32 -10.42
N ASP C 36 5.40 -9.73 -11.65
CA ASP C 36 4.41 -10.00 -12.67
C ASP C 36 3.60 -11.26 -12.37
N CYS C 37 4.25 -12.28 -11.80
CA CYS C 37 3.53 -13.44 -11.32
C CYS C 37 2.46 -13.03 -10.33
N ILE C 38 2.82 -12.15 -9.39
CA ILE C 38 1.85 -11.70 -8.40
C ILE C 38 0.76 -10.87 -9.04
N LEU C 39 1.12 -10.02 -10.01
CA LEU C 39 0.14 -9.25 -10.76
C LEU C 39 -0.90 -10.16 -11.40
N PHE C 40 -0.44 -11.17 -12.14
CA PHE C 40 -1.35 -12.13 -12.75
C PHE C 40 -2.13 -12.91 -11.70
N SER C 41 -1.51 -13.16 -10.54
CA SER C 41 -2.22 -13.84 -9.45
C SER C 41 -3.42 -13.04 -8.99
N ILE C 42 -3.29 -11.72 -8.92
CA ILE C 42 -4.43 -10.90 -8.52
C ILE C 42 -5.56 -11.02 -9.52
N LEU C 43 -5.23 -11.16 -10.80
CA LEU C 43 -6.26 -11.34 -11.82
C LEU C 43 -6.86 -12.74 -11.82
N PHE C 44 -6.14 -13.73 -11.32
CA PHE C 44 -6.69 -15.07 -11.17
C PHE C 44 -7.55 -15.21 -9.93
N ALA C 45 -7.44 -14.28 -8.98
CA ALA C 45 -8.34 -14.25 -7.84
C ALA C 45 -9.62 -13.51 -8.18
N THR C 46 -9.51 -12.41 -8.92
CA THR C 46 -10.70 -11.69 -9.36
C THR C 46 -11.55 -12.54 -10.29
N TYR C 47 -10.93 -13.39 -11.11
CA TYR C 47 -11.70 -14.29 -11.95
C TYR C 47 -12.24 -15.48 -11.15
N ALA C 48 -11.51 -15.92 -10.12
CA ALA C 48 -11.98 -17.03 -9.31
C ALA C 48 -13.25 -16.67 -8.55
N VAL C 49 -13.45 -15.38 -8.27
CA VAL C 49 -14.63 -14.94 -7.53
C VAL C 49 -15.77 -14.56 -8.47
N LEU C 50 -15.46 -13.83 -9.55
CA LEU C 50 -16.46 -13.32 -10.47
C LEU C 50 -16.75 -14.27 -11.63
N VAL C 51 -16.23 -15.50 -11.58
CA VAL C 51 -16.52 -16.45 -12.66
C VAL C 51 -18.00 -16.75 -12.76
N ASN C 52 -18.70 -16.71 -11.62
CA ASN C 52 -20.14 -16.98 -11.59
C ASN C 52 -20.96 -15.71 -11.55
N GLY C 53 -20.34 -14.55 -11.77
CA GLY C 53 -21.09 -13.33 -11.95
C GLY C 53 -21.60 -13.24 -13.37
N THR C 54 -22.49 -14.15 -13.75
CA THR C 54 -22.98 -14.31 -15.10
C THR C 54 -24.44 -13.89 -15.22
N ALA C 55 -24.81 -12.79 -14.54
CA ALA C 55 -26.19 -12.38 -14.43
C ALA C 55 -26.90 -12.35 -15.78
N GLY C 56 -27.88 -13.22 -15.95
CA GLY C 56 -28.69 -13.32 -17.15
C GLY C 56 -27.93 -13.46 -18.46
N GLY C 57 -26.63 -13.70 -18.38
CA GLY C 57 -25.79 -13.70 -19.54
C GLY C 57 -25.26 -15.07 -19.92
N PRO C 58 -24.11 -15.09 -20.59
CA PRO C 58 -23.52 -16.37 -21.00
C PRO C 58 -22.57 -16.94 -19.96
N THR C 59 -22.75 -18.21 -19.63
CA THR C 59 -21.90 -18.87 -18.64
C THR C 59 -20.62 -19.32 -19.32
N GLY C 60 -19.82 -20.14 -18.62
CA GLY C 60 -18.54 -20.56 -19.16
C GLY C 60 -18.69 -21.50 -20.35
N LYS C 61 -19.55 -22.51 -20.22
CA LYS C 61 -19.66 -23.53 -21.26
C LYS C 61 -20.18 -22.98 -22.58
N ASP C 62 -20.81 -21.81 -22.58
CA ASP C 62 -21.54 -21.35 -23.75
C ASP C 62 -20.66 -20.63 -24.77
N ILE C 63 -19.59 -19.97 -24.34
CA ILE C 63 -18.80 -19.15 -25.24
C ILE C 63 -17.42 -19.73 -25.53
N PHE C 64 -16.94 -20.69 -24.74
CA PHE C 64 -15.59 -21.22 -24.91
C PHE C 64 -15.60 -22.28 -26.00
N GLU C 65 -15.20 -21.90 -27.20
CA GLU C 65 -14.98 -22.88 -28.27
C GLU C 65 -13.67 -23.58 -27.99
N LEU C 66 -13.75 -24.76 -27.38
CA LEU C 66 -12.55 -25.41 -26.89
C LEU C 66 -11.52 -25.73 -27.97
N PRO C 67 -11.88 -26.25 -29.15
CA PRO C 67 -10.85 -26.42 -30.19
C PRO C 67 -10.11 -25.14 -30.52
N PHE C 68 -10.83 -24.02 -30.63
CA PHE C 68 -10.19 -22.74 -30.88
C PHE C 68 -9.22 -22.34 -29.77
N VAL C 69 -9.41 -22.87 -28.57
CA VAL C 69 -8.46 -22.60 -27.49
C VAL C 69 -7.27 -23.52 -27.57
N LEU C 70 -7.44 -24.71 -28.15
CA LEU C 70 -6.30 -25.61 -28.34
C LEU C 70 -5.34 -25.05 -29.39
N VAL C 71 -5.88 -24.59 -30.53
CA VAL C 71 -5.03 -24.09 -31.59
C VAL C 71 -4.27 -22.85 -31.14
N GLU C 72 -4.84 -22.07 -30.22
CA GLU C 72 -4.08 -20.97 -29.62
C GLU C 72 -2.89 -21.50 -28.85
N THR C 73 -3.11 -22.52 -28.02
CA THR C 73 -2.04 -23.04 -27.18
C THR C 73 -0.88 -23.56 -28.01
N PHE C 74 -1.19 -24.30 -29.08
CA PHE C 74 -0.13 -24.81 -29.95
C PHE C 74 0.55 -23.70 -30.73
N LEU C 75 -0.10 -22.54 -30.89
CA LEU C 75 0.57 -21.39 -31.46
C LEU C 75 1.43 -20.66 -30.45
N LEU C 76 1.30 -20.98 -29.16
CA LEU C 76 2.15 -20.41 -28.12
C LEU C 76 3.17 -21.40 -27.61
N LEU C 77 2.89 -22.71 -27.68
CA LEU C 77 3.90 -23.70 -27.35
C LEU C 77 4.98 -23.77 -28.41
N PHE C 78 4.62 -23.54 -29.68
CA PHE C 78 5.64 -23.37 -30.72
C PHE C 78 6.39 -22.07 -30.54
N SER C 79 5.74 -21.07 -29.93
CA SER C 79 6.37 -19.77 -29.71
C SER C 79 7.43 -19.80 -28.63
N SER C 80 7.56 -20.91 -27.90
CA SER C 80 8.63 -21.05 -26.91
C SER C 80 9.79 -21.89 -27.44
N ILE C 81 9.50 -22.92 -28.24
CA ILE C 81 10.58 -23.71 -28.82
C ILE C 81 11.29 -22.94 -29.92
N THR C 82 10.54 -22.15 -30.69
CA THR C 82 11.19 -21.33 -31.72
C THR C 82 12.08 -20.27 -31.11
N TYR C 83 11.76 -19.79 -29.90
CA TYR C 83 12.66 -18.88 -29.22
C TYR C 83 13.84 -19.63 -28.61
N GLY C 84 13.60 -20.84 -28.10
CA GLY C 84 14.70 -21.63 -27.58
C GLY C 84 15.77 -21.89 -28.62
N MET C 85 15.36 -22.13 -29.87
CA MET C 85 16.34 -22.26 -30.94
C MET C 85 17.08 -20.96 -31.18
N ALA C 86 16.41 -19.81 -31.00
CA ALA C 86 17.09 -18.53 -31.12
C ALA C 86 18.15 -18.36 -30.03
N ALA C 87 17.82 -18.77 -28.81
CA ALA C 87 18.80 -18.70 -27.72
C ALA C 87 19.97 -19.63 -27.97
N ILE C 88 19.70 -20.83 -28.48
CA ILE C 88 20.79 -21.76 -28.78
C ILE C 88 21.68 -21.20 -29.89
N ALA C 89 21.08 -20.61 -30.92
CA ALA C 89 21.86 -20.00 -31.98
C ALA C 89 22.70 -18.85 -31.46
N MET C 90 22.13 -18.02 -30.58
CA MET C 90 22.89 -16.94 -29.96
C MET C 90 24.07 -17.48 -29.16
N TYR C 91 23.86 -18.59 -28.46
CA TYR C 91 24.97 -19.25 -27.77
C TYR C 91 25.96 -19.87 -28.75
N LYS C 92 25.57 -20.06 -30.00
CA LYS C 92 26.48 -20.55 -31.03
C LYS C 92 27.04 -19.45 -31.92
N ASN C 93 26.67 -18.19 -31.66
CA ASN C 93 27.16 -17.04 -32.43
C ASN C 93 26.84 -17.19 -33.92
N ASN C 94 25.55 -17.23 -34.21
CA ASN C 94 25.02 -17.51 -35.53
C ASN C 94 23.91 -16.51 -35.88
N LYS C 95 24.24 -15.21 -35.78
CA LYS C 95 23.31 -14.11 -35.91
C LYS C 95 22.20 -14.32 -36.93
N SER C 96 22.55 -14.83 -38.11
CA SER C 96 21.54 -15.10 -39.13
C SER C 96 20.52 -16.12 -38.64
N GLN C 97 20.99 -17.18 -37.98
CA GLN C 97 20.07 -18.16 -37.40
C GLN C 97 19.27 -17.55 -36.26
N VAL C 98 19.85 -16.61 -35.53
CA VAL C 98 19.11 -15.94 -34.46
C VAL C 98 17.94 -15.14 -35.04
N ILE C 99 18.20 -14.41 -36.13
CA ILE C 99 17.14 -13.65 -36.78
C ILE C 99 16.09 -14.59 -37.36
N SER C 100 16.54 -15.69 -37.98
CA SER C 100 15.60 -16.62 -38.59
C SER C 100 14.69 -17.27 -37.55
N TRP C 101 15.24 -17.62 -36.38
CA TRP C 101 14.44 -18.22 -35.33
C TRP C 101 13.70 -17.20 -34.48
N LEU C 102 14.07 -15.92 -34.55
CA LEU C 102 13.27 -14.89 -33.92
C LEU C 102 12.16 -14.38 -34.83
N ALA C 103 12.39 -14.32 -36.13
CA ALA C 103 11.33 -13.93 -37.05
C ALA C 103 10.23 -14.98 -37.09
N LEU C 104 10.57 -16.25 -36.88
CA LEU C 104 9.54 -17.28 -36.84
C LEU C 104 8.79 -17.26 -35.52
N THR C 105 9.45 -16.86 -34.44
CA THR C 105 8.75 -16.74 -33.16
C THR C 105 7.74 -15.60 -33.20
N TRP C 106 8.12 -14.47 -33.79
CA TRP C 106 7.19 -13.36 -33.97
C TRP C 106 6.04 -13.71 -34.90
N LEU C 107 6.12 -14.83 -35.62
CA LEU C 107 5.05 -15.25 -36.51
C LEU C 107 4.04 -16.16 -35.82
N PHE C 108 4.44 -16.84 -34.74
CA PHE C 108 3.48 -17.62 -33.96
C PHE C 108 2.84 -16.78 -32.87
N GLY C 109 3.60 -15.89 -32.25
CA GLY C 109 2.99 -14.92 -31.34
C GLY C 109 2.01 -14.02 -32.05
N ALA C 110 2.32 -13.64 -33.29
CA ALA C 110 1.38 -12.85 -34.07
C ALA C 110 0.10 -13.63 -34.35
N GLY C 111 0.23 -14.93 -34.63
CA GLY C 111 -0.96 -15.75 -34.83
C GLY C 111 -1.79 -15.88 -33.57
N PHE C 112 -1.13 -16.04 -32.42
CA PHE C 112 -1.84 -16.10 -31.16
C PHE C 112 -2.57 -14.80 -30.86
N ILE C 113 -1.92 -13.67 -31.13
CA ILE C 113 -2.57 -12.38 -30.90
C ILE C 113 -3.72 -12.18 -31.87
N GLY C 114 -3.56 -12.64 -33.12
CA GLY C 114 -4.65 -12.55 -34.07
C GLY C 114 -5.87 -13.36 -33.64
N MET C 115 -5.63 -14.58 -33.15
CA MET C 115 -6.75 -15.39 -32.68
C MET C 115 -7.36 -14.81 -31.41
N GLU C 116 -6.54 -14.20 -30.55
CA GLU C 116 -7.06 -13.56 -29.35
C GLU C 116 -7.96 -12.38 -29.70
N ILE C 117 -7.52 -11.53 -30.63
CA ILE C 117 -8.35 -10.39 -31.00
C ILE C 117 -9.56 -10.84 -31.80
N TYR C 118 -9.45 -11.95 -32.53
CA TYR C 118 -10.62 -12.49 -33.22
C TYR C 118 -11.66 -12.99 -32.22
N GLU C 119 -11.22 -13.65 -31.15
CA GLU C 119 -12.15 -14.08 -30.13
C GLU C 119 -12.80 -12.88 -29.43
N PHE C 120 -11.98 -11.89 -29.05
CA PHE C 120 -12.51 -10.71 -28.39
C PHE C 120 -13.39 -9.88 -29.31
N HIS C 121 -13.26 -10.06 -30.62
CA HIS C 121 -14.15 -9.40 -31.57
C HIS C 121 -15.44 -10.18 -31.79
N HIS C 122 -15.36 -11.51 -31.82
CA HIS C 122 -16.56 -12.32 -31.90
C HIS C 122 -17.43 -12.15 -30.66
N LEU C 123 -16.81 -11.89 -29.51
CA LEU C 123 -17.59 -11.70 -28.30
C LEU C 123 -18.24 -10.32 -28.25
N ILE C 124 -17.53 -9.29 -28.70
CA ILE C 124 -18.02 -7.92 -28.54
C ILE C 124 -19.16 -7.62 -29.53
N VAL C 125 -19.02 -8.07 -30.77
CA VAL C 125 -19.97 -7.69 -31.82
C VAL C 125 -21.20 -8.60 -31.73
N ASN C 126 -21.27 -9.42 -30.69
CA ASN C 126 -22.45 -10.23 -30.42
C ASN C 126 -23.11 -9.88 -29.09
N GLY C 127 -22.77 -8.73 -28.51
CA GLY C 127 -23.35 -8.29 -27.26
C GLY C 127 -22.63 -8.78 -26.02
N MET C 128 -21.96 -9.93 -26.11
CA MET C 128 -21.25 -10.52 -24.97
C MET C 128 -19.90 -9.82 -24.81
N GLY C 129 -19.97 -8.54 -24.47
CA GLY C 129 -18.78 -7.73 -24.29
C GLY C 129 -18.37 -7.67 -22.84
N PRO C 130 -17.35 -6.86 -22.54
CA PRO C 130 -16.87 -6.79 -21.15
C PRO C 130 -17.86 -6.15 -20.20
N ASP C 131 -18.83 -5.39 -20.69
CA ASP C 131 -19.82 -4.73 -19.84
C ASP C 131 -21.14 -5.47 -19.79
N ARG C 132 -21.13 -6.78 -20.04
CA ARG C 132 -22.33 -7.59 -19.99
C ARG C 132 -22.55 -8.24 -18.63
N SER C 133 -21.48 -8.69 -17.98
CA SER C 133 -21.60 -9.35 -16.68
C SER C 133 -20.35 -9.01 -15.87
N GLY C 134 -20.24 -9.63 -14.71
CA GLY C 134 -19.02 -9.55 -13.93
C GLY C 134 -18.08 -10.65 -14.37
N PHE C 135 -18.64 -11.68 -15.01
CA PHE C 135 -17.83 -12.77 -15.55
C PHE C 135 -17.03 -12.30 -16.76
N LEU C 136 -17.72 -11.82 -17.79
CA LEU C 136 -17.05 -11.37 -19.00
C LEU C 136 -16.04 -10.27 -18.70
N SER C 137 -16.33 -9.42 -17.71
CA SER C 137 -15.33 -8.45 -17.28
C SER C 137 -14.11 -9.13 -16.69
N ALA C 138 -14.35 -10.08 -15.78
CA ALA C 138 -13.24 -10.85 -15.19
C ALA C 138 -12.57 -11.77 -16.18
N PHE C 139 -13.18 -12.00 -17.34
CA PHE C 139 -12.60 -12.80 -18.41
C PHE C 139 -11.86 -11.95 -19.44
N PHE C 140 -12.39 -10.77 -19.76
CA PHE C 140 -11.70 -9.87 -20.68
C PHE C 140 -10.49 -9.20 -20.06
N ALA C 141 -10.43 -9.12 -18.73
CA ALA C 141 -9.29 -8.48 -18.07
C ALA C 141 -8.20 -9.46 -17.69
N LEU C 142 -8.51 -10.75 -17.62
CA LEU C 142 -7.48 -11.77 -17.36
C LEU C 142 -6.84 -12.25 -18.66
N VAL C 143 -7.65 -12.68 -19.62
CA VAL C 143 -7.10 -13.08 -20.91
C VAL C 143 -6.63 -11.86 -21.69
N GLY C 144 -7.33 -10.73 -21.54
CA GLY C 144 -6.89 -9.51 -22.21
C GLY C 144 -5.55 -9.02 -21.71
N THR C 145 -5.29 -9.18 -20.40
CA THR C 145 -4.00 -8.76 -19.88
C THR C 145 -2.88 -9.66 -20.37
N HIS C 146 -3.14 -10.97 -20.48
CA HIS C 146 -2.15 -11.85 -21.07
C HIS C 146 -1.91 -11.49 -22.53
N GLY C 147 -2.98 -11.10 -23.25
CA GLY C 147 -2.80 -10.63 -24.61
C GLY C 147 -1.97 -9.37 -24.68
N LEU C 148 -2.16 -8.46 -23.73
CA LEU C 148 -1.34 -7.25 -23.69
C LEU C 148 0.12 -7.58 -23.40
N HIS C 149 0.35 -8.56 -22.52
CA HIS C 149 1.72 -8.99 -22.27
C HIS C 149 2.35 -9.61 -23.51
N VAL C 150 1.58 -10.41 -24.24
CA VAL C 150 2.12 -11.05 -25.45
C VAL C 150 2.39 -10.00 -26.52
N THR C 151 1.52 -9.00 -26.66
CA THR C 151 1.75 -7.99 -27.69
C THR C 151 2.89 -7.06 -27.30
N SER C 152 3.10 -6.82 -26.00
CA SER C 152 4.29 -6.10 -25.57
C SER C 152 5.54 -6.92 -25.85
N GLY C 153 5.47 -8.24 -25.65
CA GLY C 153 6.58 -9.09 -26.03
C GLY C 153 6.85 -9.07 -27.52
N LEU C 154 5.80 -8.97 -28.33
CA LEU C 154 5.99 -8.88 -29.78
C LEU C 154 6.64 -7.54 -30.17
N ILE C 155 6.20 -6.44 -29.56
CA ILE C 155 6.84 -5.15 -29.80
C ILE C 155 8.31 -5.20 -29.37
N TRP C 156 8.59 -5.91 -28.28
CA TRP C 156 9.95 -6.03 -27.79
C TRP C 156 10.80 -6.88 -28.75
N MET C 157 10.25 -7.98 -29.24
CA MET C 157 10.99 -8.86 -30.12
C MET C 157 11.20 -8.26 -31.49
N ALA C 158 10.29 -7.39 -31.93
CA ALA C 158 10.47 -6.71 -33.21
C ALA C 158 11.48 -5.57 -33.11
N VAL C 159 11.44 -4.82 -32.00
CA VAL C 159 12.45 -3.79 -31.76
C VAL C 159 13.77 -4.38 -31.31
N LEU C 160 13.85 -5.70 -31.13
CA LEU C 160 15.10 -6.38 -30.82
C LEU C 160 15.76 -6.98 -32.05
N MET C 161 14.96 -7.49 -32.99
CA MET C 161 15.52 -7.97 -34.25
C MET C 161 16.12 -6.84 -35.07
N VAL C 162 15.60 -5.62 -34.92
CA VAL C 162 16.18 -4.47 -35.60
C VAL C 162 17.59 -4.21 -35.07
N GLN C 163 17.81 -4.47 -33.79
CA GLN C 163 19.12 -4.23 -33.18
C GLN C 163 20.08 -5.40 -33.39
N ILE C 164 19.55 -6.63 -33.51
CA ILE C 164 20.41 -7.76 -33.84
C ILE C 164 20.91 -7.65 -35.26
N ALA C 165 20.06 -7.23 -36.18
CA ALA C 165 20.48 -7.09 -37.58
C ALA C 165 21.38 -5.88 -37.77
N ARG C 166 21.06 -4.76 -37.13
CA ARG C 166 21.87 -3.55 -37.27
C ARG C 166 23.28 -3.77 -36.73
N ARG C 167 23.39 -4.01 -35.42
CA ARG C 167 24.70 -4.14 -34.80
C ARG C 167 25.25 -5.56 -34.95
N GLY C 168 24.57 -6.54 -34.37
CA GLY C 168 25.05 -7.91 -34.39
C GLY C 168 24.65 -8.68 -33.16
N LEU C 169 25.63 -9.28 -32.49
CA LEU C 169 25.38 -10.00 -31.25
C LEU C 169 26.24 -9.44 -30.14
N THR C 170 26.24 -8.11 -30.00
CA THR C 170 27.11 -7.43 -29.06
C THR C 170 26.74 -7.80 -27.63
N SER C 171 27.54 -7.32 -26.68
CA SER C 171 27.36 -7.66 -25.28
C SER C 171 26.08 -7.09 -24.69
N THR C 172 25.49 -6.08 -25.33
CA THR C 172 24.24 -5.51 -24.84
C THR C 172 23.01 -6.13 -25.49
N ASN C 173 23.15 -6.78 -26.64
CA ASN C 173 22.05 -7.47 -27.27
C ASN C 173 21.97 -8.95 -26.90
N ARG C 174 23.01 -9.50 -26.27
CA ARG C 174 22.91 -10.85 -25.74
C ARG C 174 22.13 -10.88 -24.43
N THR C 175 22.16 -9.78 -23.67
CA THR C 175 21.34 -9.71 -22.47
C THR C 175 19.87 -9.56 -22.83
N ARG C 176 19.56 -8.76 -23.84
CA ARG C 176 18.16 -8.54 -24.22
C ARG C 176 17.54 -9.81 -24.79
N ILE C 177 18.33 -10.69 -25.39
CA ILE C 177 17.78 -11.97 -25.84
C ILE C 177 17.50 -12.87 -24.65
N MET C 178 18.34 -12.81 -23.61
CA MET C 178 18.09 -13.59 -22.41
C MET C 178 17.09 -12.92 -21.47
N CYS C 179 17.02 -11.59 -21.48
CA CYS C 179 15.96 -10.92 -20.74
C CYS C 179 14.60 -11.13 -21.40
N LEU C 180 14.58 -11.32 -22.71
CA LEU C 180 13.34 -11.67 -23.40
C LEU C 180 13.05 -13.17 -23.32
N SER C 181 14.08 -13.99 -23.16
CA SER C 181 13.86 -15.42 -22.99
C SER C 181 13.08 -15.71 -21.72
N LEU C 182 13.36 -14.97 -20.65
CA LEU C 182 12.57 -15.11 -19.43
C LEU C 182 11.15 -14.63 -19.65
N PHE C 183 11.00 -13.45 -20.25
CA PHE C 183 9.67 -12.87 -20.43
C PHE C 183 8.83 -13.69 -21.39
N TRP C 184 9.42 -14.19 -22.47
CA TRP C 184 8.62 -14.86 -23.49
C TRP C 184 8.25 -16.28 -23.08
N HIS C 185 9.16 -16.99 -22.42
CA HIS C 185 8.82 -18.31 -21.91
C HIS C 185 7.84 -18.21 -20.74
N PHE C 186 7.91 -17.13 -19.97
CA PHE C 186 6.99 -16.96 -18.85
C PHE C 186 5.57 -16.71 -19.31
N LEU C 187 5.40 -16.02 -20.44
CA LEU C 187 4.06 -15.81 -20.97
C LEU C 187 3.40 -17.13 -21.36
N ASP C 188 4.21 -18.12 -21.73
CA ASP C 188 3.68 -19.45 -22.00
C ASP C 188 3.53 -20.28 -20.74
N VAL C 189 4.08 -19.83 -19.61
CA VAL C 189 3.86 -20.48 -18.32
C VAL C 189 2.57 -20.00 -17.69
N VAL C 190 2.29 -18.70 -17.81
CA VAL C 190 0.99 -18.18 -17.36
C VAL C 190 -0.13 -18.82 -18.16
N TRP C 191 0.08 -19.01 -19.46
CA TRP C 191 -0.96 -19.59 -20.29
C TRP C 191 -1.31 -21.01 -19.86
N ILE C 192 -0.35 -21.75 -19.30
CA ILE C 192 -0.66 -23.07 -18.77
C ILE C 192 -1.64 -22.97 -17.62
N CYS C 193 -1.65 -21.83 -16.92
CA CYS C 193 -2.65 -21.57 -15.90
C CYS C 193 -3.87 -20.84 -16.45
N VAL C 194 -3.82 -20.36 -17.69
CA VAL C 194 -4.96 -19.66 -18.27
C VAL C 194 -5.92 -20.62 -18.95
N PHE C 195 -5.42 -21.56 -19.77
CA PHE C 195 -6.36 -22.47 -20.42
C PHE C 195 -6.84 -23.57 -19.48
N THR C 196 -6.25 -23.70 -18.29
CA THR C 196 -6.66 -24.73 -17.35
C THR C 196 -7.50 -24.21 -16.21
N VAL C 197 -7.68 -22.89 -16.09
CA VAL C 197 -8.46 -22.30 -15.02
C VAL C 197 -9.62 -21.53 -15.63
N VAL C 198 -9.42 -21.01 -16.84
CA VAL C 198 -10.44 -20.23 -17.52
C VAL C 198 -11.20 -21.06 -18.55
N TYR C 199 -10.47 -21.79 -19.40
CA TYR C 199 -11.10 -22.52 -20.49
C TYR C 199 -11.39 -23.98 -20.15
N LEU C 200 -10.40 -24.73 -19.68
CA LEU C 200 -10.63 -26.13 -19.33
C LEU C 200 -11.52 -26.26 -18.10
N MET C 201 -11.12 -25.63 -17.00
CA MET C 201 -11.90 -25.69 -15.77
C MET C 201 -13.24 -24.97 -15.88
N GLY C 202 -13.50 -24.28 -16.98
CA GLY C 202 -14.76 -23.60 -17.17
C GLY C 202 -15.70 -24.36 -18.09
N ALA C 203 -15.16 -24.90 -19.18
CA ALA C 203 -15.95 -25.68 -20.11
C ALA C 203 -16.10 -27.13 -19.68
N MET C 204 -15.70 -27.47 -18.47
CA MET C 204 -15.80 -28.83 -17.97
C MET C 204 -17.22 -29.17 -17.56
N SER D 11 22.37 -22.38 -16.93
CA SER D 11 22.68 -21.20 -17.73
C SER D 11 22.28 -21.40 -19.18
N HIS D 12 22.89 -22.39 -19.83
CA HIS D 12 22.64 -22.69 -21.23
C HIS D 12 21.75 -23.92 -21.35
N GLY D 13 20.92 -23.94 -22.38
CA GLY D 13 20.05 -25.07 -22.63
C GLY D 13 20.31 -25.72 -23.98
N SER D 14 20.63 -27.00 -23.97
CA SER D 14 20.96 -27.72 -25.20
C SER D 14 19.71 -27.97 -26.02
N VAL D 15 19.90 -28.59 -27.19
CA VAL D 15 18.79 -28.92 -28.07
C VAL D 15 18.09 -30.17 -27.56
N LYS D 16 18.67 -30.80 -26.54
CA LYS D 16 18.04 -31.93 -25.88
C LYS D 16 17.20 -31.50 -24.69
N THR D 17 17.54 -30.36 -24.06
CA THR D 17 16.66 -29.80 -23.06
C THR D 17 15.32 -29.42 -23.67
N TYR D 18 15.35 -28.68 -24.76
CA TYR D 18 14.17 -28.59 -25.63
C TYR D 18 14.01 -29.89 -26.39
N MET D 19 12.87 -30.03 -27.06
CA MET D 19 12.50 -31.25 -27.76
C MET D 19 12.35 -32.43 -26.81
N THR D 20 12.53 -32.19 -25.51
CA THR D 20 12.11 -33.12 -24.47
C THR D 20 11.21 -32.46 -23.45
N GLY D 21 11.19 -31.14 -23.37
CA GLY D 21 10.14 -30.37 -22.76
C GLY D 21 9.12 -29.88 -23.75
N PHE D 22 9.35 -30.17 -25.03
CA PHE D 22 8.38 -29.90 -26.08
C PHE D 22 7.64 -31.16 -26.54
N ILE D 23 8.31 -32.31 -26.54
CA ILE D 23 7.61 -33.57 -26.78
C ILE D 23 6.88 -34.05 -25.53
N LEU D 24 7.15 -33.43 -24.38
CA LEU D 24 6.44 -33.74 -23.14
C LEU D 24 5.35 -32.74 -22.82
N SER D 25 5.45 -31.50 -23.32
CA SER D 25 4.41 -30.50 -23.13
C SER D 25 3.26 -30.64 -24.12
N ILE D 26 3.41 -31.50 -25.13
CA ILE D 26 2.29 -31.81 -26.01
C ILE D 26 1.49 -33.00 -25.46
N ILE D 27 2.12 -33.87 -24.68
CA ILE D 27 1.42 -34.97 -24.02
C ILE D 27 0.82 -34.44 -22.72
N LEU D 28 0.90 -33.13 -22.53
CA LEU D 28 0.28 -32.47 -21.40
C LEU D 28 -0.64 -31.33 -21.79
N THR D 29 -0.63 -30.91 -23.06
CA THR D 29 -1.61 -29.97 -23.58
C THR D 29 -2.65 -30.64 -24.46
N VAL D 30 -2.61 -31.96 -24.60
CA VAL D 30 -3.60 -32.72 -25.35
C VAL D 30 -4.45 -33.57 -24.43
N ILE D 31 -3.82 -34.27 -23.48
CA ILE D 31 -4.56 -35.15 -22.58
C ILE D 31 -5.66 -34.41 -21.82
N PRO D 32 -5.41 -33.27 -21.19
CA PRO D 32 -6.54 -32.53 -20.61
C PRO D 32 -7.47 -31.98 -21.67
N PHE D 33 -6.93 -31.42 -22.74
CA PHE D 33 -7.73 -30.89 -23.83
C PHE D 33 -8.49 -31.98 -24.59
N TRP D 34 -8.25 -33.25 -24.28
CA TRP D 34 -9.02 -34.35 -24.84
C TRP D 34 -10.01 -34.90 -23.83
N MET D 35 -9.59 -35.11 -22.58
CA MET D 35 -10.50 -35.57 -21.54
C MET D 35 -11.63 -34.58 -21.33
N VAL D 36 -11.30 -33.33 -21.04
CA VAL D 36 -12.33 -32.32 -20.79
C VAL D 36 -13.14 -31.99 -22.04
N MET D 37 -12.72 -32.47 -23.21
CA MET D 37 -13.41 -32.16 -24.46
C MET D 37 -14.38 -33.27 -24.86
N THR D 38 -13.89 -34.50 -24.99
CA THR D 38 -14.79 -35.58 -25.40
C THR D 38 -15.54 -36.19 -24.23
N GLY D 39 -14.97 -36.14 -23.03
CA GLY D 39 -15.59 -36.74 -21.87
C GLY D 39 -15.11 -38.16 -21.67
N ALA D 40 -14.38 -38.42 -20.58
CA ALA D 40 -13.79 -39.73 -20.37
C ALA D 40 -13.96 -40.28 -18.95
N ALA D 41 -14.31 -39.44 -17.97
CA ALA D 41 -14.41 -39.90 -16.59
C ALA D 41 -15.36 -38.97 -15.85
N SER D 42 -15.52 -39.24 -14.56
CA SER D 42 -16.34 -38.39 -13.71
C SER D 42 -15.70 -37.01 -13.58
N PRO D 43 -16.50 -35.96 -13.37
CA PRO D 43 -15.92 -34.62 -13.21
C PRO D 43 -15.00 -34.49 -12.02
N ALA D 44 -15.05 -35.43 -11.07
CA ALA D 44 -14.11 -35.39 -9.95
C ALA D 44 -12.72 -35.83 -10.36
N VAL D 45 -12.61 -36.66 -11.40
CA VAL D 45 -11.30 -37.08 -11.89
C VAL D 45 -10.80 -36.19 -13.02
N ILE D 46 -11.71 -35.66 -13.84
CA ILE D 46 -11.31 -34.72 -14.89
C ILE D 46 -10.67 -33.49 -14.27
N LEU D 47 -11.29 -32.94 -13.23
CA LEU D 47 -10.76 -31.75 -12.59
C LEU D 47 -9.42 -32.03 -11.92
N GLY D 48 -9.21 -33.24 -11.42
CA GLY D 48 -7.91 -33.59 -10.86
C GLY D 48 -6.85 -33.76 -11.92
N THR D 49 -7.21 -34.34 -13.06
CA THR D 49 -6.25 -34.54 -14.14
C THR D 49 -5.83 -33.22 -14.76
N ILE D 50 -6.80 -32.38 -15.14
CA ILE D 50 -6.47 -31.11 -15.77
C ILE D 50 -5.79 -30.13 -14.83
N LEU D 51 -5.66 -30.48 -13.55
CA LEU D 51 -4.89 -29.67 -12.61
C LEU D 51 -3.56 -30.30 -12.23
N ALA D 52 -3.50 -31.62 -12.10
CA ALA D 52 -2.22 -32.27 -11.86
C ALA D 52 -1.29 -32.17 -13.07
N MET D 53 -1.85 -32.30 -14.27
CA MET D 53 -1.07 -32.08 -15.48
C MET D 53 -0.82 -30.61 -15.76
N ALA D 54 -1.58 -29.71 -15.13
CA ALA D 54 -1.35 -28.28 -15.29
C ALA D 54 -0.22 -27.79 -14.39
N VAL D 55 0.09 -28.52 -13.32
CA VAL D 55 1.24 -28.19 -12.48
C VAL D 55 2.50 -28.86 -13.00
N VAL D 56 2.38 -30.09 -13.53
CA VAL D 56 3.54 -30.78 -14.08
C VAL D 56 4.05 -30.06 -15.32
N GLN D 57 3.17 -29.47 -16.13
CA GLN D 57 3.63 -28.75 -17.31
C GLN D 57 4.32 -27.45 -16.93
N VAL D 58 3.75 -26.69 -16.00
CA VAL D 58 4.44 -25.51 -15.49
C VAL D 58 5.80 -25.90 -14.92
N LEU D 59 5.85 -27.04 -14.23
CA LEU D 59 7.11 -27.49 -13.64
C LEU D 59 8.14 -27.82 -14.71
N VAL D 60 7.72 -28.54 -15.76
CA VAL D 60 8.66 -28.87 -16.83
C VAL D 60 9.09 -27.63 -17.60
N HIS D 61 8.23 -26.61 -17.67
CA HIS D 61 8.62 -25.34 -18.27
C HIS D 61 9.69 -24.65 -17.43
N LEU D 62 9.45 -24.57 -16.12
CA LEU D 62 10.43 -23.94 -15.24
C LEU D 62 11.74 -24.73 -15.22
N VAL D 63 11.69 -26.04 -15.46
CA VAL D 63 12.90 -26.85 -15.40
C VAL D 63 13.67 -26.81 -16.72
N CYS D 64 12.97 -26.73 -17.86
CA CYS D 64 13.63 -26.90 -19.14
C CYS D 64 13.43 -25.77 -20.14
N PHE D 65 12.62 -24.75 -19.83
CA PHE D 65 12.49 -23.60 -20.72
C PHE D 65 13.09 -22.35 -20.11
N LEU D 66 12.62 -21.95 -18.92
CA LEU D 66 13.30 -20.93 -18.13
C LEU D 66 14.23 -21.66 -17.18
N HIS D 67 15.37 -22.10 -17.73
CA HIS D 67 16.28 -23.01 -17.03
C HIS D 67 16.53 -22.52 -15.61
N MET D 68 16.04 -23.28 -14.64
CA MET D 68 15.94 -22.82 -13.25
C MET D 68 16.55 -23.87 -12.33
N ASN D 69 17.82 -23.69 -11.99
CA ASN D 69 18.51 -24.51 -11.02
C ASN D 69 18.62 -23.75 -9.70
N THR D 70 19.36 -24.33 -8.76
CA THR D 70 19.64 -23.66 -7.50
C THR D 70 20.99 -22.97 -7.49
N LYS D 71 21.78 -23.11 -8.55
CA LYS D 71 23.12 -22.56 -8.64
C LYS D 71 23.17 -21.21 -9.33
N SER D 72 22.02 -20.61 -9.63
CA SER D 72 21.97 -19.33 -10.32
C SER D 72 21.88 -18.19 -9.32
N ASP D 73 22.65 -17.14 -9.57
CA ASP D 73 22.61 -15.91 -8.77
C ASP D 73 22.88 -16.20 -7.29
N GLU D 74 23.88 -17.04 -7.03
CA GLU D 74 24.28 -17.44 -5.67
C GLU D 74 23.14 -18.10 -4.91
N GLY D 75 22.10 -18.55 -5.63
CA GLY D 75 20.97 -19.22 -5.03
C GLY D 75 19.68 -18.42 -5.07
N TRP D 76 19.76 -17.11 -5.26
CA TRP D 76 18.54 -16.29 -5.26
C TRP D 76 17.87 -16.31 -6.63
N ASN D 77 17.65 -17.49 -7.17
CA ASN D 77 16.88 -17.70 -8.38
C ASN D 77 15.71 -18.64 -8.17
N MET D 78 15.95 -19.74 -7.45
CA MET D 78 14.84 -20.55 -6.95
C MET D 78 14.25 -19.98 -5.67
N THR D 79 15.06 -19.24 -4.90
CA THR D 79 14.56 -18.63 -3.68
C THR D 79 13.49 -17.59 -3.98
N ALA D 80 13.75 -16.71 -4.95
CA ALA D 80 12.79 -15.68 -5.29
C ALA D 80 11.50 -16.29 -5.81
N PHE D 81 11.59 -17.35 -6.61
CA PHE D 81 10.39 -17.99 -7.12
C PHE D 81 9.61 -18.65 -5.99
N VAL D 82 10.27 -19.50 -5.20
CA VAL D 82 9.59 -20.19 -4.11
C VAL D 82 8.96 -19.20 -3.14
N PHE D 83 9.58 -18.03 -2.96
CA PHE D 83 8.94 -17.01 -2.14
C PHE D 83 7.75 -16.37 -2.86
N THR D 84 7.84 -16.23 -4.18
CA THR D 84 6.74 -15.62 -4.92
C THR D 84 5.54 -16.56 -5.01
N VAL D 85 5.76 -17.88 -5.01
CA VAL D 85 4.65 -18.82 -4.97
C VAL D 85 3.93 -18.74 -3.63
N LEU D 86 4.69 -18.55 -2.55
CA LEU D 86 4.09 -18.40 -1.23
C LEU D 86 3.27 -17.12 -1.12
N ILE D 87 3.54 -16.13 -1.96
CA ILE D 87 2.73 -14.91 -1.95
C ILE D 87 1.50 -15.07 -2.85
N ILE D 88 1.58 -15.93 -3.86
CA ILE D 88 0.40 -16.20 -4.68
C ILE D 88 -0.56 -17.12 -3.93
N ALA D 89 -0.04 -18.17 -3.32
CA ALA D 89 -0.88 -19.09 -2.57
C ALA D 89 -1.50 -18.47 -1.33
N ILE D 90 -1.04 -17.28 -0.93
CA ILE D 90 -1.61 -16.56 0.20
C ILE D 90 -2.62 -15.52 -0.26
N LEU D 91 -2.36 -14.88 -1.40
CA LEU D 91 -3.29 -13.89 -1.93
C LEU D 91 -4.42 -14.49 -2.75
N VAL D 92 -4.28 -15.74 -3.17
CA VAL D 92 -5.34 -16.40 -3.94
C VAL D 92 -6.20 -17.23 -3.01
N VAL D 93 -5.58 -18.18 -2.29
CA VAL D 93 -6.34 -18.99 -1.35
C VAL D 93 -6.94 -18.13 -0.26
N GLY D 94 -6.22 -17.09 0.15
CA GLY D 94 -6.78 -16.17 1.13
C GLY D 94 -7.99 -15.42 0.58
N SER D 95 -7.86 -14.87 -0.62
CA SER D 95 -8.96 -14.09 -1.20
C SER D 95 -10.16 -14.97 -1.50
N ILE D 96 -9.94 -16.17 -2.02
CA ILE D 96 -11.05 -17.07 -2.32
C ILE D 96 -11.76 -17.49 -1.04
N TRP D 97 -10.99 -17.83 0.00
CA TRP D 97 -11.58 -18.19 1.29
C TRP D 97 -12.41 -17.05 1.85
N ILE D 98 -11.83 -15.84 1.86
CA ILE D 98 -12.54 -14.67 2.41
C ILE D 98 -13.82 -14.41 1.63
N MET D 99 -13.73 -14.33 0.31
CA MET D 99 -14.89 -14.01 -0.50
C MET D 99 -15.85 -15.18 -0.67
N TRP D 100 -15.51 -16.36 -0.16
CA TRP D 100 -16.53 -17.38 0.02
C TRP D 100 -17.22 -17.23 1.35
N ASN D 101 -16.48 -16.85 2.39
CA ASN D 101 -17.11 -16.55 3.67
C ASN D 101 -17.95 -15.28 3.62
N LEU D 102 -17.57 -14.32 2.77
CA LEU D 102 -18.32 -13.08 2.65
C LEU D 102 -19.59 -13.28 1.84
N ASN D 103 -19.52 -14.02 0.74
CA ASN D 103 -20.71 -14.23 -0.08
C ASN D 103 -21.77 -15.04 0.66
N TYR D 104 -21.34 -16.07 1.39
CA TYR D 104 -22.31 -16.90 2.11
C TYR D 104 -22.99 -16.12 3.22
N ASN D 105 -22.26 -15.26 3.91
CA ASN D 105 -22.80 -14.50 5.04
C ASN D 105 -23.64 -13.31 4.60
N MET D 106 -23.92 -13.17 3.29
CA MET D 106 -24.71 -12.05 2.80
C MET D 106 -25.80 -12.52 1.83
N MET D 107 -26.28 -13.73 2.02
CA MET D 107 -27.41 -14.23 1.25
C MET D 107 -28.70 -13.79 1.95
N MET D 108 -29.82 -14.39 1.58
CA MET D 108 -31.12 -14.04 2.14
C MET D 108 -31.54 -14.97 3.26
N HIS D 109 -30.59 -15.38 4.10
CA HIS D 109 -30.85 -16.27 5.24
C HIS D 109 -32.09 -15.89 6.03
CHA HEM E . -6.49 11.63 8.05
CHB HEM E . -4.73 15.31 10.60
CHC HEM E . -0.26 13.70 9.72
CHD HEM E . -2.01 10.19 6.95
C1A HEM E . -6.37 12.73 8.83
C2A HEM E . -7.45 13.46 9.35
C3A HEM E . -6.97 14.49 10.05
C4A HEM E . -5.58 14.41 9.99
CMA HEM E . -7.72 15.55 10.80
CAA HEM E . -8.88 13.12 9.10
CBA HEM E . -9.62 12.81 10.40
CGA HEM E . -10.96 12.30 9.97
O1A HEM E . -11.98 12.53 10.63
O2A HEM E . -11.02 11.63 8.93
C1B HEM E . -3.36 15.13 10.56
C2B HEM E . -2.51 16.02 11.23
C3B HEM E . -1.25 15.59 11.00
C4B HEM E . -1.37 14.40 10.17
CMB HEM E . -2.92 17.20 12.06
CAB HEM E . -0.01 16.19 11.51
CBB HEM E . 0.94 16.53 10.65
C1C HEM E . -0.35 12.60 8.91
C2C HEM E . 0.74 11.85 8.48
C3C HEM E . 0.25 10.84 7.68
C4C HEM E . -1.16 10.99 7.64
CMC HEM E . 2.16 12.15 8.87
CAC HEM E . 1.02 9.80 7.01
CBC HEM E . 2.31 9.99 6.72
C1D HEM E . -3.39 10.32 7.07
C2D HEM E . -4.30 9.41 6.39
C3D HEM E . -5.54 9.80 6.69
C4D HEM E . -5.39 10.96 7.56
CMD HEM E . -3.93 8.24 5.52
CAD HEM E . -6.82 9.20 6.24
CBD HEM E . -7.53 10.21 5.34
CGD HEM E . -8.84 9.66 4.92
O1D HEM E . -9.67 9.33 5.79
O2D HEM E . -9.12 9.51 3.72
NA HEM E . -5.22 13.37 9.19
NB HEM E . -2.66 14.19 9.93
NC HEM E . -1.48 12.08 8.37
ND HEM E . -4.10 11.23 7.74
FE HEM E . -3.45 12.62 8.78
FE HEO F . -2.47 0.08 12.11
CHA HEO F . -5.46 0.55 10.67
CHB HEO F . -3.66 -2.71 13.61
CHC HEO F . 0.64 -0.77 13.03
CHD HEO F . -1.13 2.17 9.76
NA HEO F . -4.17 -0.88 12.13
C1A HEO F . -5.33 -0.54 11.48
C2A HEO F . -6.36 -1.50 11.76
C3A HEO F . -5.84 -2.41 12.59
C4A HEO F . -4.50 -2.02 12.82
CMA HEO F . -6.53 -3.61 13.18
CAA HEO F . -7.78 -1.46 11.23
CBA HEO F . -8.77 -1.39 12.38
CGA HEO F . -10.19 -1.26 11.91
O1A HEO F . -10.56 -0.13 11.58
O2A HEO F . -10.69 -2.27 11.38
NB HEO F . -1.68 -1.41 13.09
C1B HEO F . -2.32 -2.49 13.67
C2B HEO F . -1.42 -3.35 14.33
C3B HEO F . -0.21 -2.81 14.17
C4B HEO F . -0.37 -1.61 13.42
CMB HEO F . -1.79 -4.64 15.06
NC HEO F . -0.65 0.58 11.51
C1C HEO F . 0.53 0.13 12.02
C2C HEO F . 1.66 0.73 11.35
C3C HEO F . 1.17 1.57 10.42
C4C HEO F . -0.26 1.47 10.54
CMC HEO F . 3.11 0.43 11.65
CAC HEO F . 1.86 2.38 9.51
CBC HEO F . 3.02 2.98 9.78
ND HEO F . -3.13 1.10 10.57
C1D HEO F . -2.45 1.93 9.71
C2D HEO F . -3.31 2.51 8.74
C3D HEO F . -4.53 2.06 8.99
C4D HEO F . -4.42 1.20 10.13
CMD HEO F . -2.86 3.45 7.64
CAD HEO F . -5.83 2.33 8.28
CBD HEO F . -5.85 3.32 7.17
CGD HEO F . -7.20 3.97 7.14
O1D HEO F . -7.32 5.04 7.74
O2D HEO F . -8.18 3.24 6.94
C11 HEO F . 1.08 -3.37 14.70
O11 HEO F . 2.16 -3.16 13.80
C12 HEO F . 1.49 -2.64 15.96
C13 HEO F . 2.50 -3.46 16.74
C14 HEO F . 3.33 -2.61 17.64
C15 HEO F . 3.45 -2.87 18.96
C16 HEO F . 4.71 -2.57 19.68
C17 HEO F . 4.42 -1.84 20.98
C18 HEO F . 4.30 -2.86 22.06
C19 HEO F . 5.39 -3.46 22.63
C20 HEO F . 5.77 -4.85 22.27
C21 HEO F . 5.40 -5.81 23.40
C22 HEO F . 4.53 -6.91 22.86
C23 HEO F . 3.19 -6.75 22.81
C24 HEO F . 2.38 -7.50 21.80
C25 HEO F . 2.57 -5.53 23.38
C26 HEO F . 2.52 -3.83 19.64
C27 HEO F . 6.31 -2.72 23.53
CU CU G . -3.17 -2.92 8.60
C45 UQ8 H . 5.34 40.77 7.08
C44 UQ8 H . 6.48 40.62 8.04
C46 UQ8 H . 7.90 40.70 7.54
C43 UQ8 H . 6.24 40.39 9.33
C42 UQ8 H . 7.38 40.23 10.30
C41 UQ8 H . 7.04 39.15 11.31
C39 UQ8 H . 6.99 37.82 10.62
C40 UQ8 H . 8.03 37.46 9.60
C38 UQ8 H . 6.02 36.94 10.91
C37 UQ8 H . 5.99 35.61 10.21
C36 UQ8 H . 5.63 34.48 11.16
C34 UQ8 H . 4.41 33.73 10.66
C35 UQ8 H . 3.17 33.72 11.49
C33 UQ8 H . 4.41 33.08 9.49
C32 UQ8 H . 5.64 33.05 8.59
C31 UQ8 H . 5.65 31.82 7.72
C29 UQ8 H . 7.08 31.41 7.50
C30 UQ8 H . 8.18 32.28 8.05
C28 UQ8 H . 7.39 30.30 6.84
C27 UQ8 H . 6.30 29.42 6.29
C26 UQ8 H . 5.68 28.60 7.40
C24 UQ8 H . 5.67 27.18 6.92
C25 UQ8 H . 6.53 26.86 5.74
C23 UQ8 H . 4.91 26.25 7.51
C22 UQ8 H . 4.03 26.55 8.69
C21 UQ8 H . 3.02 25.43 8.87
C19 UQ8 H . 1.87 25.65 7.92
C20 UQ8 H . 0.50 25.96 8.43
C18 UQ8 H . 2.09 25.55 6.61
C17 UQ8 H . 0.98 25.78 5.61
C16 UQ8 H . 1.43 25.22 4.27
C14 UQ8 H . 2.18 26.24 3.46
C15 UQ8 H . 2.86 27.40 4.11
C13 UQ8 H . 2.22 26.10 2.13
C12 UQ8 H . 1.52 24.94 1.47
C11 UQ8 H . 0.03 25.23 1.34
C9 UQ8 H . -0.38 25.03 -0.09
C10 UQ8 H . 0.24 25.86 -1.18
C8 UQ8 H . -1.28 24.10 -0.40
C7 UQ8 H . -1.91 23.29 0.69
C6 UQ8 H . -3.40 23.53 0.62
C1 UQ8 H . -4.32 22.43 0.31
C1M UQ8 H . -3.82 21.06 0.07
C2 UQ8 H . -5.76 22.68 0.22
O2 UQ8 H . -6.51 21.73 -0.03
C3 UQ8 H . -6.28 24.04 0.46
O3 UQ8 H . -7.61 24.28 0.37
C3M UQ8 H . -8.32 23.91 -0.81
C4 UQ8 H . -5.35 25.16 0.77
O4 UQ8 H . -5.85 26.41 0.97
C4M UQ8 H . -5.22 27.37 1.84
C5 UQ8 H . -3.91 24.89 0.84
O5 UQ8 H . -3.11 25.81 1.11
P 3PE I . 19.90 0.25 -16.22
N 3PE I . 19.81 1.66 -20.33
O11 3PE I . 18.55 -0.06 -17.07
O12 3PE I . 20.66 -1.01 -16.01
O13 3PE I . 20.88 1.26 -17.01
O14 3PE I . 19.49 0.81 -14.91
C11 3PE I . 20.31 1.94 -18.05
C12 3PE I . 20.80 1.34 -19.35
C1 3PE I . 18.27 -1.41 -17.21
C2 3PE I . 16.82 -1.59 -16.86
C3 3PE I . 16.09 -0.55 -17.66
O31 3PE I . 14.76 -0.95 -17.73
O32 3PE I . 14.17 0.84 -18.89
C31 3PE I . 13.90 0.08 -18.04
C32 3PE I . 12.61 0.22 -17.25
C33 3PE I . 11.43 0.60 -18.13
C34 3PE I . 11.46 2.07 -18.48
C35 3PE I . 10.12 2.60 -18.96
C36 3PE I . 9.02 2.27 -17.97
C37 3PE I . 7.75 1.92 -18.72
C38 3PE I . 7.31 3.09 -19.59
C39 3PE I . 6.32 3.96 -18.84
C3A 3PE I . 4.93 3.85 -19.43
C3B 3PE I . 4.29 2.51 -19.10
C3C 3PE I . 3.02 2.70 -18.29
C3D 3PE I . 1.81 2.07 -18.96
C3E 3PE I . 0.53 2.82 -18.64
C3F 3PE I . 0.11 2.61 -17.19
C3G 3PE I . -0.52 1.23 -16.98
C3H 3PE I . -0.01 0.54 -15.73
C3I 3PE I . -0.67 -0.82 -15.52
O21 3PE I . 16.42 -2.86 -17.23
O22 3PE I . 17.33 -3.94 -15.54
C21 3PE I . 16.39 -3.81 -16.21
C22 3PE I . 15.19 -4.69 -15.93
C23 3PE I . 14.56 -4.39 -14.59
C24 3PE I . 13.12 -3.97 -14.76
C25 3PE I . 12.55 -4.55 -16.03
C26 3PE I . 11.52 -3.63 -16.64
C27 3PE I . 10.83 -2.81 -15.58
C28 3PE I . 9.32 -2.91 -15.69
C29 3PE I . 8.91 -3.22 -17.12
C2A 3PE I . 8.16 -2.06 -17.74
C2B 3PE I . 7.13 -1.50 -16.77
C2C 3PE I . 5.77 -1.46 -17.42
C2D 3PE I . 4.68 -1.06 -16.43
C2E 3PE I . 3.46 -1.95 -16.57
C2F 3PE I . 3.02 -2.46 -15.20
C2G 3PE I . 3.80 -1.79 -14.08
C2H 3PE I . 4.53 -2.78 -13.17
C2I 3PE I . 6.05 -2.69 -13.27
P 3PE J . 18.33 -2.85 -21.50
N 3PE J . 15.77 0.16 -21.99
O11 3PE J . 17.41 -4.12 -21.06
O12 3PE J . 18.69 -2.99 -22.94
O13 3PE J . 17.46 -1.47 -21.32
O14 3PE J . 19.60 -2.82 -20.69
C11 3PE J . 18.10 -0.25 -21.52
C12 3PE J . 17.09 0.69 -22.15
C1 3PE J . 16.92 -4.88 -22.10
C2 3PE J . 15.70 -4.18 -22.66
C3 3PE J . 15.68 -4.32 -24.18
O31 3PE J . 14.36 -4.26 -24.64
O32 3PE J . 14.71 -2.33 -25.68
C31 3PE J . 13.96 -3.03 -25.14
C32 3PE J . 12.53 -2.56 -25.04
C33 3PE J . 12.10 -1.88 -26.32
C34 3PE J . 10.60 -1.64 -26.29
C35 3PE J . 10.03 -2.23 -25.03
C36 3PE J . 9.17 -3.45 -25.31
C37 3PE J . 7.82 -3.05 -25.88
C38 3PE J . 7.31 -1.76 -25.27
C39 3PE J . 7.00 -1.92 -23.80
C3A 3PE J . 5.69 -2.66 -23.66
C3B 3PE J . 4.58 -1.93 -24.38
C3C 3PE J . 3.35 -1.85 -23.48
C3D 3PE J . 3.72 -2.13 -22.03
C3E 3PE J . 4.13 -0.89 -21.27
C3F 3PE J . 3.00 -0.42 -20.36
C3G 3PE J . 1.77 -1.30 -20.56
C3H 3PE J . 0.43 -0.59 -20.33
C3I 3PE J . -0.77 -1.36 -20.90
O21 3PE J . 14.60 -4.83 -22.15
O22 3PE J . 15.00 -4.87 -19.99
C21 3PE J . 14.30 -4.48 -20.85
C22 3PE J . 13.10 -3.61 -20.54
C23 3PE J . 11.84 -4.03 -21.30
C24 3PE J . 10.91 -4.85 -20.42
C25 3PE J . 9.58 -5.18 -21.09
C26 3PE J . 8.41 -4.87 -20.18
C27 3PE J . 7.08 -5.29 -20.78
C28 3PE J . 6.00 -5.33 -19.73
C29 3PE J . 4.63 -5.59 -20.36
C2A 3PE J . 3.51 -5.00 -19.53
C2B 3PE J . 2.17 -5.04 -20.24
C2C 3PE J . 1.11 -4.23 -19.51
C2D 3PE J . -0.08 -5.06 -19.05
C2E 3PE J . -1.07 -4.23 -18.25
C2F 3PE J . -1.14 -4.63 -16.78
C2G 3PE J . -2.28 -3.93 -16.04
C2H 3PE J . -3.25 -4.90 -15.37
C2I 3PE J . -4.67 -4.77 -15.90
#